data_8R03
#
_entry.id   8R03
#
_cell.length_a   110.620
_cell.length_b   105.740
_cell.length_c   150.370
_cell.angle_alpha   90.00
_cell.angle_beta   102.54
_cell.angle_gamma   90.00
#
_symmetry.space_group_name_H-M   'P 1 21 1'
#
loop_
_entity.id
_entity.type
_entity.pdbx_description
1 polymer 'ATP-dependent Clp protease proteolytic subunit'
2 non-polymer 'Cystargolide A (bound)'
3 non-polymer 1,2-ETHANEDIOL
4 water water
#
_entity_poly.entity_id   1
_entity_poly.type   'polypeptide(L)'
_entity_poly.pdbx_seq_one_letter_code
;GSNLIPTVIETTNRGERAYDIYSRLLKDRIIMLGSQIDDNVANSIVSQLLFLQAQDSEKDIYLYINSPGGSVTAGFAIYD
TIQHIKPDVQTICIGMAASMGSFLLAAGAKGKRFALPNAEVMIHQPLGGAQGQATEIEIAANHILKTREKLNRILSERTG
QSIEKIQKDTDRDNFLTAEEAKEYGLIDEVMVPETK
;
_entity_poly.pdbx_strand_id   A,B,C,D,E,F,G,H,I,J,K,L,M,N
#
# COMPACT_ATOMS: atom_id res chain seq x y z
N ILE A 5 20.80 19.05 -16.28
CA ILE A 5 20.76 20.54 -16.51
C ILE A 5 22.20 21.08 -16.41
N PRO A 6 22.91 21.28 -17.54
CA PRO A 6 24.33 21.64 -17.51
C PRO A 6 24.69 23.00 -16.92
N THR A 7 25.98 23.20 -16.60
CA THR A 7 26.54 24.43 -15.97
C THR A 7 27.10 25.38 -17.04
N TYR A 19 26.54 29.37 -13.72
CA TYR A 19 25.19 29.39 -14.33
C TYR A 19 24.79 27.98 -14.75
N ASP A 20 23.58 27.53 -14.41
CA ASP A 20 22.89 26.43 -15.14
C ASP A 20 22.45 27.01 -16.50
N ILE A 21 21.96 26.17 -17.41
CA ILE A 21 21.65 26.59 -18.81
C ILE A 21 20.55 27.68 -18.78
N TYR A 22 19.57 27.59 -17.87
CA TYR A 22 18.42 28.53 -17.82
C TYR A 22 18.90 29.91 -17.33
N SER A 23 19.80 29.91 -16.35
CA SER A 23 20.41 31.14 -15.80
C SER A 23 21.20 31.84 -16.90
N ARG A 24 21.89 31.08 -17.76
CA ARG A 24 22.69 31.64 -18.88
C ARG A 24 21.74 32.33 -19.88
N LEU A 25 20.57 31.75 -20.13
CA LEU A 25 19.56 32.33 -21.05
C LEU A 25 18.90 33.55 -20.42
N LEU A 26 18.68 33.52 -19.10
CA LEU A 26 18.11 34.67 -18.34
C LEU A 26 19.02 35.89 -18.51
N LYS A 27 20.33 35.70 -18.55
CA LYS A 27 21.32 36.76 -18.86
C LYS A 27 20.96 37.45 -20.19
N ASP A 28 20.39 36.72 -21.16
CA ASP A 28 19.97 37.26 -22.48
C ASP A 28 18.47 37.63 -22.46
N ARG A 29 17.85 37.75 -21.28
CA ARG A 29 16.43 38.19 -21.09
C ARG A 29 15.46 37.15 -21.69
N ILE A 30 15.84 35.86 -21.61
CA ILE A 30 15.01 34.72 -22.07
C ILE A 30 14.52 33.95 -20.83
N ILE A 31 13.19 33.76 -20.72
CA ILE A 31 12.54 32.93 -19.66
C ILE A 31 11.95 31.69 -20.37
N MET A 32 12.23 30.50 -19.83
CA MET A 32 11.76 29.22 -20.40
C MET A 32 10.63 28.68 -19.51
N LEU A 33 9.41 28.64 -20.03
CA LEU A 33 8.29 27.88 -19.42
C LEU A 33 8.16 26.56 -20.17
N GLY A 34 8.51 25.45 -19.50
CA GLY A 34 8.43 24.08 -20.04
C GLY A 34 7.83 23.13 -19.02
N SER A 35 6.82 23.57 -18.27
CA SER A 35 6.09 22.73 -17.28
C SER A 35 4.63 23.18 -17.16
N GLN A 36 3.86 22.40 -16.38
CA GLN A 36 2.54 22.84 -15.86
C GLN A 36 2.75 24.13 -15.05
N ILE A 37 1.71 24.95 -14.97
CA ILE A 37 1.68 26.23 -14.23
C ILE A 37 1.00 25.97 -12.88
N ASP A 38 1.75 26.11 -11.78
CA ASP A 38 1.25 26.10 -10.39
C ASP A 38 1.85 27.34 -9.70
N ASP A 39 1.56 27.54 -8.41
CA ASP A 39 1.96 28.77 -7.67
C ASP A 39 3.49 28.89 -7.65
N ASN A 40 4.23 27.77 -7.57
CA ASN A 40 5.73 27.74 -7.53
C ASN A 40 6.29 28.25 -8.85
N VAL A 41 5.79 27.76 -9.97
CA VAL A 41 6.28 28.13 -11.33
C VAL A 41 5.93 29.61 -11.57
N ALA A 42 4.72 30.01 -11.21
CA ALA A 42 4.24 31.40 -11.35
C ALA A 42 5.13 32.31 -10.52
N ASN A 43 5.47 31.90 -9.29
CA ASN A 43 6.36 32.66 -8.38
C ASN A 43 7.72 32.87 -9.05
N SER A 44 8.27 31.82 -9.68
CA SER A 44 9.59 31.86 -10.37
C SER A 44 9.52 32.79 -11.59
N ILE A 45 8.51 32.64 -12.43
CA ILE A 45 8.40 33.42 -13.70
C ILE A 45 8.15 34.90 -13.34
N VAL A 46 7.27 35.19 -12.38
CA VAL A 46 7.00 36.59 -11.91
C VAL A 46 8.32 37.22 -11.42
N SER A 47 9.08 36.49 -10.59
CA SER A 47 10.38 36.97 -10.03
C SER A 47 11.35 37.27 -11.18
N GLN A 48 11.43 36.37 -12.17
CA GLN A 48 12.32 36.53 -13.35
C GLN A 48 11.91 37.82 -14.10
N LEU A 49 10.61 38.08 -14.25
CA LEU A 49 10.09 39.27 -14.98
C LEU A 49 10.43 40.53 -14.19
N LEU A 50 10.23 40.53 -12.88
CA LEU A 50 10.54 41.69 -12.01
C LEU A 50 12.05 41.93 -12.04
N PHE A 51 12.86 40.88 -11.98
CA PHE A 51 14.34 40.97 -12.08
C PHE A 51 14.73 41.63 -13.41
N LEU A 52 14.19 41.14 -14.52
CA LEU A 52 14.58 41.63 -15.86
C LEU A 52 14.16 43.10 -16.03
N GLN A 53 12.98 43.48 -15.54
CA GLN A 53 12.55 44.90 -15.56
C GLN A 53 13.53 45.76 -14.76
N ALA A 54 14.00 45.28 -13.61
CA ALA A 54 14.94 46.00 -12.71
C ALA A 54 16.28 46.21 -13.43
N GLN A 55 16.73 45.21 -14.20
CA GLN A 55 18.00 45.27 -14.97
C GLN A 55 17.87 46.32 -16.08
N ASP A 56 16.73 46.33 -16.78
CA ASP A 56 16.50 47.23 -17.94
C ASP A 56 15.00 47.26 -18.23
N SER A 57 14.41 48.44 -18.09
CA SER A 57 12.94 48.65 -18.18
C SER A 57 12.51 48.85 -19.65
N GLU A 58 13.45 48.89 -20.59
CA GLU A 58 13.17 49.20 -22.02
C GLU A 58 13.37 47.98 -22.93
N LYS A 59 14.38 47.14 -22.67
CA LYS A 59 14.75 46.00 -23.56
C LYS A 59 13.67 44.91 -23.50
N ASP A 60 13.38 44.30 -24.65
CA ASP A 60 12.41 43.18 -24.77
C ASP A 60 12.82 42.02 -23.87
N ILE A 61 11.81 41.31 -23.36
CA ILE A 61 11.93 39.99 -22.70
C ILE A 61 11.33 38.94 -23.66
N TYR A 62 11.84 37.71 -23.61
CA TYR A 62 11.41 36.59 -24.47
C TYR A 62 10.91 35.48 -23.56
N LEU A 63 9.62 35.16 -23.63
CA LEU A 63 9.00 34.08 -22.84
C LEU A 63 8.68 32.93 -23.80
N TYR A 64 9.48 31.86 -23.77
CA TYR A 64 9.21 30.57 -24.44
C TYR A 64 8.13 29.82 -23.66
N ILE A 65 7.12 29.31 -24.36
CA ILE A 65 5.96 28.60 -23.74
C ILE A 65 5.83 27.21 -24.37
N ASN A 66 6.08 26.18 -23.56
CA ASN A 66 5.68 24.78 -23.83
C ASN A 66 4.99 24.28 -22.56
N SER A 67 3.66 24.38 -22.49
CA SER A 67 2.92 24.15 -21.22
C SER A 67 1.53 23.58 -21.48
N PRO A 68 1.11 22.56 -20.71
CA PRO A 68 -0.28 22.08 -20.73
C PRO A 68 -1.22 22.99 -19.92
N GLY A 69 -0.69 24.04 -19.28
CA GLY A 69 -1.43 24.97 -18.41
C GLY A 69 -1.35 24.52 -16.97
N GLY A 70 -2.41 24.74 -16.19
CA GLY A 70 -2.50 24.40 -14.74
C GLY A 70 -3.43 25.35 -14.02
N SER A 71 -2.99 25.93 -12.90
CA SER A 71 -3.83 26.83 -12.05
C SER A 71 -4.19 28.10 -12.84
N VAL A 72 -5.48 28.45 -12.87
CA VAL A 72 -5.96 29.71 -13.48
C VAL A 72 -5.37 30.91 -12.73
N THR A 73 -5.35 30.88 -11.39
CA THR A 73 -4.91 32.03 -10.55
C THR A 73 -3.41 32.19 -10.73
N ALA A 74 -2.64 31.09 -10.77
CA ALA A 74 -1.19 31.11 -11.02
C ALA A 74 -0.94 31.71 -12.41
N GLY A 75 -1.73 31.30 -13.40
CA GLY A 75 -1.71 31.87 -14.76
C GLY A 75 -1.92 33.37 -14.73
N PHE A 76 -2.89 33.86 -13.95
CA PHE A 76 -3.20 35.31 -13.87
C PHE A 76 -2.09 36.08 -13.14
N ALA A 77 -1.38 35.44 -12.20
CA ALA A 77 -0.18 36.06 -11.56
C ALA A 77 0.84 36.40 -12.65
N ILE A 78 1.08 35.48 -13.58
CA ILE A 78 2.03 35.70 -14.70
C ILE A 78 1.44 36.75 -15.65
N TYR A 79 0.17 36.58 -16.02
CA TYR A 79 -0.52 37.45 -17.00
C TYR A 79 -0.43 38.92 -16.56
N ASP A 80 -0.78 39.20 -15.30
CA ASP A 80 -0.85 40.58 -14.76
C ASP A 80 0.56 41.15 -14.64
N THR A 81 1.57 40.33 -14.30
CA THR A 81 2.97 40.78 -14.20
C THR A 81 3.44 41.19 -15.60
N ILE A 82 3.12 40.39 -16.63
CA ILE A 82 3.46 40.72 -18.04
C ILE A 82 2.87 42.09 -18.39
N GLN A 83 1.59 42.34 -18.10
CA GLN A 83 0.92 43.59 -18.53
C GLN A 83 1.41 44.74 -17.63
N HIS A 84 1.85 44.45 -16.41
CA HIS A 84 2.29 45.49 -15.45
C HIS A 84 3.63 46.10 -15.86
N ILE A 85 4.61 45.28 -16.24
CA ILE A 85 6.03 45.73 -16.39
C ILE A 85 6.17 46.54 -17.68
N LYS A 86 7.20 47.39 -17.75
CA LYS A 86 7.40 48.33 -18.88
C LYS A 86 7.86 47.56 -20.13
N PRO A 87 8.83 46.62 -20.03
CA PRO A 87 9.30 45.90 -21.21
C PRO A 87 8.19 45.14 -21.95
N ASP A 88 8.24 45.13 -23.28
CA ASP A 88 7.49 44.19 -24.13
C ASP A 88 7.96 42.78 -23.78
N VAL A 89 7.01 41.86 -23.58
CA VAL A 89 7.28 40.41 -23.39
C VAL A 89 6.81 39.69 -24.66
N GLN A 90 7.77 39.28 -25.48
CA GLN A 90 7.53 38.39 -26.65
C GLN A 90 7.16 37.01 -26.11
N THR A 91 6.19 36.35 -26.74
CA THR A 91 5.81 34.95 -26.44
C THR A 91 6.15 34.11 -27.67
N ILE A 92 6.79 32.97 -27.44
CA ILE A 92 7.19 31.99 -28.49
C ILE A 92 6.73 30.60 -28.06
N CYS A 93 5.75 30.06 -28.76
CA CYS A 93 5.23 28.69 -28.52
C CYS A 93 6.10 27.66 -29.23
N ILE A 94 6.64 26.71 -28.46
CA ILE A 94 7.34 25.50 -28.97
C ILE A 94 6.62 24.28 -28.36
N GLY A 95 6.40 23.23 -29.14
CA GLY A 95 5.71 22.00 -28.67
C GLY A 95 4.20 22.21 -28.54
N MET A 96 3.72 22.63 -27.37
CA MET A 96 2.27 22.85 -27.11
C MET A 96 2.08 24.05 -26.17
N ALA A 97 1.10 24.89 -26.47
CA ALA A 97 0.59 25.91 -25.53
C ALA A 97 -0.90 25.61 -25.36
N ALA A 98 -1.28 24.86 -24.32
CA ALA A 98 -2.68 24.49 -24.09
C ALA A 98 -3.23 25.11 -22.80
N SER A 99 -4.56 25.26 -22.74
CA SER A 99 -5.28 25.71 -21.58
C SER A 99 -4.73 27.10 -21.17
N MET A 100 -4.20 27.25 -19.95
CA MET A 100 -3.61 28.56 -19.55
C MET A 100 -2.32 28.87 -20.35
N GLY A 101 -1.64 27.85 -20.87
CA GLY A 101 -0.49 28.04 -21.76
C GLY A 101 -0.88 28.87 -22.98
N SER A 102 -1.99 28.54 -23.62
CA SER A 102 -2.49 29.32 -24.78
C SER A 102 -2.88 30.76 -24.36
N PHE A 103 -3.50 30.88 -23.20
CA PHE A 103 -3.90 32.20 -22.63
C PHE A 103 -2.65 33.08 -22.45
N LEU A 104 -1.56 32.54 -21.89
CA LEU A 104 -0.30 33.32 -21.72
C LEU A 104 0.34 33.61 -23.09
N LEU A 105 0.27 32.69 -24.05
CA LEU A 105 0.80 32.92 -25.43
C LEU A 105 0.12 34.16 -26.03
N ALA A 106 -1.20 34.22 -25.93
CA ALA A 106 -2.05 35.32 -26.46
C ALA A 106 -1.77 36.63 -25.71
N ALA A 107 -1.14 36.56 -24.53
CA ALA A 107 -0.95 37.72 -23.62
C ALA A 107 0.38 38.44 -23.92
N GLY A 108 1.17 37.91 -24.85
CA GLY A 108 2.44 38.52 -25.30
C GLY A 108 2.21 39.88 -25.94
N ALA A 109 3.24 40.71 -26.04
CA ALA A 109 3.13 42.05 -26.64
C ALA A 109 2.59 41.91 -28.06
N LYS A 110 1.62 42.76 -28.43
CA LYS A 110 0.96 42.73 -29.76
C LYS A 110 2.02 42.89 -30.85
N GLY A 111 2.00 41.98 -31.83
CA GLY A 111 2.99 41.93 -32.92
C GLY A 111 4.21 41.09 -32.57
N LYS A 112 4.33 40.60 -31.33
CA LYS A 112 5.52 39.85 -30.86
C LYS A 112 5.09 38.52 -30.23
N ARG A 113 3.99 37.96 -30.72
CA ARG A 113 3.48 36.62 -30.32
C ARG A 113 3.73 35.66 -31.48
N PHE A 114 4.43 34.56 -31.23
CA PHE A 114 4.99 33.66 -32.27
C PHE A 114 4.70 32.22 -31.88
N ALA A 115 4.60 31.35 -32.89
CA ALA A 115 4.70 29.89 -32.73
C ALA A 115 5.65 29.35 -33.80
N LEU A 116 6.39 28.31 -33.47
CA LEU A 116 7.18 27.53 -34.46
C LEU A 116 6.21 26.69 -35.28
N PRO A 117 6.58 26.26 -36.52
CA PRO A 117 5.63 25.74 -37.49
C PRO A 117 4.83 24.50 -37.05
N ASN A 118 5.44 23.63 -36.24
CA ASN A 118 4.81 22.35 -35.80
C ASN A 118 4.30 22.47 -34.35
N ALA A 119 4.39 23.65 -33.75
CA ALA A 119 3.85 23.90 -32.39
C ALA A 119 2.33 23.84 -32.47
N GLU A 120 1.71 23.29 -31.42
CA GLU A 120 0.24 23.14 -31.30
C GLU A 120 -0.29 24.15 -30.28
N VAL A 121 -1.48 24.68 -30.50
CA VAL A 121 -2.18 25.56 -29.52
C VAL A 121 -3.55 24.93 -29.24
N MET A 122 -3.93 24.84 -27.99
CA MET A 122 -5.25 24.30 -27.59
C MET A 122 -5.93 25.28 -26.63
N ILE A 123 -7.18 25.64 -26.94
CA ILE A 123 -8.01 26.55 -26.09
C ILE A 123 -9.21 25.73 -25.57
N HIS A 124 -9.62 26.02 -24.34
CA HIS A 124 -10.68 25.26 -23.64
C HIS A 124 -11.16 26.05 -22.41
N GLN A 125 -12.46 25.91 -22.10
CA GLN A 125 -13.10 26.47 -20.89
C GLN A 125 -12.37 25.93 -19.67
N PRO A 126 -12.37 26.67 -18.55
CA PRO A 126 -11.73 26.17 -17.33
C PRO A 126 -12.54 25.04 -16.67
N LEU A 127 -11.86 24.27 -15.82
CA LEU A 127 -12.40 23.16 -15.00
C LEU A 127 -12.41 23.61 -13.54
N GLY A 128 -13.21 22.95 -12.71
CA GLY A 128 -13.30 23.25 -11.28
C GLY A 128 -13.95 22.11 -10.55
N GLY A 129 -14.13 22.27 -9.25
CA GLY A 129 -14.80 21.30 -8.37
C GLY A 129 -15.54 22.03 -7.28
N ALA A 130 -16.55 21.37 -6.70
CA ALA A 130 -17.35 21.87 -5.56
C ALA A 130 -17.88 20.67 -4.80
N GLN A 131 -17.77 20.68 -3.47
CA GLN A 131 -18.12 19.54 -2.59
C GLN A 131 -18.87 20.07 -1.38
N GLY A 132 -19.58 19.19 -0.68
CA GLY A 132 -20.28 19.48 0.59
C GLY A 132 -21.69 19.99 0.35
N GLN A 133 -22.11 20.95 1.18
CA GLN A 133 -23.50 21.45 1.33
C GLN A 133 -23.93 22.13 0.03
N ALA A 134 -25.24 22.17 -0.24
CA ALA A 134 -25.86 22.77 -1.45
C ALA A 134 -25.37 24.20 -1.61
N THR A 135 -25.47 24.99 -0.54
CA THR A 135 -25.15 26.45 -0.48
C THR A 135 -23.71 26.70 -0.94
N GLU A 136 -22.75 25.89 -0.45
CA GLU A 136 -21.31 25.92 -0.85
C GLU A 136 -21.19 25.71 -2.37
N ILE A 137 -21.95 24.76 -2.92
CA ILE A 137 -21.83 24.34 -4.36
C ILE A 137 -22.30 25.47 -5.28
N GLU A 138 -23.35 26.19 -4.88
CA GLU A 138 -23.87 27.37 -5.62
C GLU A 138 -22.78 28.45 -5.70
N ILE A 139 -22.11 28.74 -4.57
CA ILE A 139 -21.04 29.78 -4.47
C ILE A 139 -19.87 29.40 -5.40
N ALA A 140 -19.43 28.14 -5.34
CA ALA A 140 -18.29 27.62 -6.14
C ALA A 140 -18.68 27.70 -7.63
N ALA A 141 -19.93 27.36 -7.97
CA ALA A 141 -20.46 27.35 -9.34
C ALA A 141 -20.43 28.76 -9.91
N ASN A 142 -20.92 29.76 -9.16
CA ASN A 142 -20.93 31.18 -9.58
C ASN A 142 -19.50 31.70 -9.75
N HIS A 143 -18.54 31.22 -8.94
CA HIS A 143 -17.10 31.62 -9.03
C HIS A 143 -16.53 31.09 -10.36
N ILE A 144 -16.81 29.84 -10.69
CA ILE A 144 -16.30 29.22 -11.94
C ILE A 144 -16.93 29.94 -13.14
N LEU A 145 -18.24 30.17 -13.12
CA LEU A 145 -18.96 30.94 -14.17
C LEU A 145 -18.28 32.30 -14.36
N LYS A 146 -18.06 33.06 -13.29
CA LYS A 146 -17.50 34.44 -13.36
C LYS A 146 -16.05 34.39 -13.87
N THR A 147 -15.26 33.39 -13.46
CA THR A 147 -13.84 33.23 -13.89
C THR A 147 -13.80 32.95 -15.40
N ARG A 148 -14.71 32.11 -15.91
CA ARG A 148 -14.80 31.78 -17.36
C ARG A 148 -15.11 33.06 -18.13
N GLU A 149 -16.02 33.89 -17.61
CA GLU A 149 -16.41 35.18 -18.23
C GLU A 149 -15.17 36.08 -18.32
N LYS A 150 -14.36 36.14 -17.27
CA LYS A 150 -13.12 36.96 -17.22
C LYS A 150 -12.11 36.45 -18.26
N LEU A 151 -11.86 35.15 -18.30
CA LEU A 151 -10.96 34.50 -19.28
C LEU A 151 -11.44 34.82 -20.70
N ASN A 152 -12.75 34.68 -20.97
CA ASN A 152 -13.31 34.88 -22.34
C ASN A 152 -13.19 36.36 -22.72
N ARG A 153 -13.44 37.25 -21.77
CA ARG A 153 -13.36 38.72 -22.02
C ARG A 153 -11.94 39.05 -22.46
N ILE A 154 -10.92 38.57 -21.74
CA ILE A 154 -9.50 38.92 -22.05
C ILE A 154 -9.11 38.25 -23.39
N LEU A 155 -9.48 36.99 -23.62
CA LEU A 155 -9.16 36.27 -24.88
C LEU A 155 -9.79 37.02 -26.07
N SER A 156 -11.03 37.51 -25.91
CA SER A 156 -11.72 38.36 -26.90
C SER A 156 -10.87 39.59 -27.24
N GLU A 157 -10.43 40.33 -26.22
CA GLU A 157 -9.64 41.59 -26.37
C GLU A 157 -8.29 41.25 -27.05
N ARG A 158 -7.65 40.14 -26.68
CA ARG A 158 -6.30 39.74 -27.17
C ARG A 158 -6.34 39.21 -28.62
N THR A 159 -7.44 38.58 -29.05
CA THR A 159 -7.54 37.88 -30.36
C THR A 159 -8.30 38.72 -31.40
N GLY A 160 -9.22 39.57 -30.94
CA GLY A 160 -10.14 40.32 -31.82
C GLY A 160 -11.39 39.51 -32.17
N GLN A 161 -11.57 38.32 -31.59
CA GLN A 161 -12.81 37.52 -31.75
C GLN A 161 -13.85 38.02 -30.73
N SER A 162 -15.13 37.85 -31.05
CA SER A 162 -16.25 38.18 -30.14
C SER A 162 -16.23 37.22 -28.95
N ILE A 163 -16.74 37.66 -27.80
CA ILE A 163 -16.89 36.79 -26.59
C ILE A 163 -17.78 35.61 -26.97
N GLU A 164 -18.83 35.82 -27.79
CA GLU A 164 -19.77 34.75 -28.22
C GLU A 164 -18.98 33.65 -28.95
N LYS A 165 -18.12 34.04 -29.90
CA LYS A 165 -17.27 33.09 -30.68
C LYS A 165 -16.30 32.39 -29.72
N ILE A 166 -15.69 33.10 -28.78
CA ILE A 166 -14.72 32.49 -27.81
C ILE A 166 -15.44 31.39 -27.02
N GLN A 167 -16.63 31.70 -26.49
CA GLN A 167 -17.48 30.79 -25.68
C GLN A 167 -17.75 29.50 -26.49
N LYS A 168 -18.23 29.63 -27.71
CA LYS A 168 -18.56 28.47 -28.61
C LYS A 168 -17.29 27.66 -28.90
N ASP A 169 -16.19 28.32 -29.21
CA ASP A 169 -14.92 27.68 -29.66
C ASP A 169 -14.16 27.04 -28.50
N THR A 170 -14.55 27.28 -27.24
CA THR A 170 -13.87 26.73 -26.04
C THR A 170 -14.77 25.76 -25.27
N ASP A 171 -15.99 25.47 -25.75
CA ASP A 171 -16.90 24.50 -25.10
C ASP A 171 -16.14 23.18 -24.92
N ARG A 172 -15.53 22.70 -26.01
CA ARG A 172 -14.72 21.46 -26.06
C ARG A 172 -13.26 21.82 -26.31
N ASP A 173 -12.34 20.88 -26.11
CA ASP A 173 -10.92 21.01 -26.51
C ASP A 173 -10.90 21.41 -27.99
N ASN A 174 -10.22 22.50 -28.30
CA ASN A 174 -10.10 23.04 -29.67
C ASN A 174 -8.62 23.11 -30.01
N PHE A 175 -8.12 22.20 -30.85
CA PHE A 175 -6.68 22.09 -31.25
C PHE A 175 -6.44 22.90 -32.52
N LEU A 176 -5.47 23.81 -32.49
CA LEU A 176 -5.11 24.71 -33.61
C LEU A 176 -3.64 24.45 -33.99
N THR A 177 -3.36 24.38 -35.30
CA THR A 177 -1.98 24.49 -35.84
C THR A 177 -1.49 25.93 -35.58
N ALA A 178 -0.19 26.14 -35.71
CA ALA A 178 0.44 27.48 -35.61
C ALA A 178 -0.26 28.44 -36.57
N GLU A 179 -0.45 28.05 -37.83
CA GLU A 179 -1.08 28.91 -38.87
C GLU A 179 -2.55 29.19 -38.49
N GLU A 180 -3.28 28.20 -37.97
CA GLU A 180 -4.68 28.39 -37.50
C GLU A 180 -4.69 29.34 -36.29
N ALA A 181 -3.69 29.24 -35.40
CA ALA A 181 -3.58 30.12 -34.22
C ALA A 181 -3.33 31.56 -34.69
N LYS A 182 -2.56 31.73 -35.77
CA LYS A 182 -2.30 33.08 -36.34
C LYS A 182 -3.61 33.62 -36.91
N GLU A 183 -4.33 32.82 -37.69
CA GLU A 183 -5.62 33.24 -38.30
C GLU A 183 -6.61 33.61 -37.20
N TYR A 184 -6.58 32.90 -36.06
CA TYR A 184 -7.52 33.09 -34.94
C TYR A 184 -7.20 34.39 -34.17
N GLY A 185 -5.95 34.84 -34.21
CA GLY A 185 -5.46 36.03 -33.50
C GLY A 185 -4.79 35.71 -32.16
N LEU A 186 -4.48 34.44 -31.88
CA LEU A 186 -3.76 34.03 -30.64
C LEU A 186 -2.26 34.37 -30.75
N ILE A 187 -1.74 34.39 -31.97
CA ILE A 187 -0.33 34.81 -32.27
C ILE A 187 -0.35 35.75 -33.48
N ASP A 188 0.77 36.42 -33.71
CA ASP A 188 0.93 37.40 -34.82
C ASP A 188 1.63 36.73 -36.00
N GLU A 189 2.59 35.84 -35.78
CA GLU A 189 3.41 35.25 -36.87
C GLU A 189 3.78 33.80 -36.53
N VAL A 190 3.85 32.96 -37.55
CA VAL A 190 4.56 31.65 -37.49
C VAL A 190 6.05 31.94 -37.73
N MET A 191 6.92 31.60 -36.78
CA MET A 191 8.38 31.83 -36.92
C MET A 191 8.94 30.83 -37.95
N VAL A 192 9.35 31.36 -39.10
CA VAL A 192 9.99 30.63 -40.23
C VAL A 192 11.46 30.42 -39.88
N PRO A 193 12.13 29.35 -40.36
CA PRO A 193 13.55 29.15 -40.08
C PRO A 193 14.46 30.30 -40.52
N GLU A 194 15.53 30.55 -39.74
CA GLU A 194 16.60 31.55 -40.07
C GLU A 194 17.29 31.12 -41.38
N THR A 195 17.59 32.10 -42.23
CA THR A 195 18.34 31.89 -43.50
C THR A 195 19.76 31.42 -43.13
N LYS A 196 20.23 30.34 -43.77
CA LYS A 196 21.58 29.74 -43.50
C LYS A 196 22.62 30.44 -44.39
N ILE B 5 14.57 27.12 -10.31
CA ILE B 5 14.99 28.38 -9.61
C ILE B 5 16.32 28.84 -10.20
N PRO B 6 16.31 29.78 -11.17
CA PRO B 6 17.56 30.24 -11.78
C PRO B 6 18.49 31.06 -10.86
N THR B 7 19.75 31.17 -11.29
CA THR B 7 20.86 31.91 -10.62
C THR B 7 21.19 33.17 -11.45
N VAL B 8 21.68 34.23 -10.80
CA VAL B 8 22.11 35.49 -11.47
C VAL B 8 23.59 35.73 -11.20
N TYR B 19 23.53 34.45 -6.48
CA TYR B 19 22.13 34.62 -5.99
C TYR B 19 21.17 33.74 -6.80
N ASP B 20 20.30 32.99 -6.12
CA ASP B 20 19.05 32.47 -6.74
C ASP B 20 18.13 33.67 -6.99
N ILE B 21 17.12 33.52 -7.84
CA ILE B 21 16.27 34.67 -8.28
C ILE B 21 15.64 35.35 -7.04
N TYR B 22 15.21 34.58 -6.04
CA TYR B 22 14.50 35.13 -4.84
C TYR B 22 15.47 35.98 -4.03
N SER B 23 16.69 35.48 -3.81
CA SER B 23 17.80 36.18 -3.10
C SER B 23 18.16 37.48 -3.82
N ARG B 24 18.14 37.46 -5.16
CA ARG B 24 18.43 38.68 -5.96
C ARG B 24 17.32 39.72 -5.69
N LEU B 25 16.06 39.29 -5.63
CA LEU B 25 14.94 40.21 -5.34
C LEU B 25 15.04 40.70 -3.89
N LEU B 26 15.50 39.85 -2.97
CA LEU B 26 15.62 40.21 -1.52
C LEU B 26 16.63 41.37 -1.38
N LYS B 27 17.65 41.42 -2.23
CA LYS B 27 18.61 42.54 -2.30
C LYS B 27 17.87 43.87 -2.56
N ASP B 28 16.73 43.84 -3.28
CA ASP B 28 15.89 45.05 -3.57
C ASP B 28 14.71 45.14 -2.60
N ARG B 29 14.80 44.46 -1.45
CA ARG B 29 13.80 44.53 -0.34
C ARG B 29 12.44 43.96 -0.81
N ILE B 30 12.46 42.97 -1.71
CA ILE B 30 11.25 42.26 -2.21
C ILE B 30 11.24 40.85 -1.60
N ILE B 31 10.13 40.49 -0.94
CA ILE B 31 9.86 39.14 -0.38
C ILE B 31 8.70 38.56 -1.18
N MET B 32 8.86 37.33 -1.67
CA MET B 32 7.84 36.65 -2.52
C MET B 32 7.16 35.56 -1.67
N LEU B 33 5.86 35.70 -1.38
CA LEU B 33 5.05 34.62 -0.78
C LEU B 33 4.22 34.01 -1.90
N GLY B 34 4.58 32.78 -2.31
CA GLY B 34 3.91 32.08 -3.42
C GLY B 34 3.51 30.66 -3.03
N SER B 35 3.08 30.46 -1.79
CA SER B 35 2.79 29.11 -1.26
C SER B 35 1.78 29.19 -0.12
N GLN B 36 1.32 28.03 0.34
CA GLN B 36 0.57 27.89 1.61
C GLN B 36 1.45 28.44 2.74
N ILE B 37 0.82 28.89 3.82
CA ILE B 37 1.51 29.46 5.02
C ILE B 37 1.54 28.37 6.10
N ASP B 38 2.73 27.86 6.42
CA ASP B 38 2.98 26.93 7.56
C ASP B 38 4.07 27.55 8.43
N ASP B 39 4.49 26.87 9.50
CA ASP B 39 5.53 27.40 10.43
C ASP B 39 6.85 27.64 9.66
N ASN B 40 7.21 26.78 8.69
CA ASN B 40 8.47 26.88 7.91
C ASN B 40 8.45 28.15 7.05
N VAL B 41 7.37 28.39 6.30
CA VAL B 41 7.21 29.61 5.45
C VAL B 41 7.24 30.85 6.35
N ALA B 42 6.53 30.82 7.48
CA ALA B 42 6.50 31.93 8.47
C ALA B 42 7.92 32.20 9.00
N ASN B 43 8.66 31.15 9.37
CA ASN B 43 10.05 31.31 9.88
C ASN B 43 10.89 32.05 8.82
N SER B 44 10.75 31.68 7.55
CA SER B 44 11.54 32.26 6.43
C SER B 44 11.15 33.73 6.22
N ILE B 45 9.85 34.04 6.17
CA ILE B 45 9.36 35.42 5.90
C ILE B 45 9.72 36.33 7.08
N VAL B 46 9.57 35.84 8.31
CA VAL B 46 9.92 36.63 9.52
C VAL B 46 11.42 36.92 9.48
N SER B 47 12.25 35.92 9.15
CA SER B 47 13.72 36.07 9.07
C SER B 47 14.07 37.08 7.98
N GLN B 48 13.38 37.04 6.85
CA GLN B 48 13.60 38.03 5.76
C GLN B 48 13.23 39.43 6.25
N LEU B 49 12.10 39.58 6.95
CA LEU B 49 11.66 40.92 7.44
C LEU B 49 12.69 41.47 8.44
N LEU B 50 13.19 40.63 9.35
CA LEU B 50 14.18 41.05 10.39
C LEU B 50 15.48 41.46 9.70
N PHE B 51 15.91 40.68 8.70
CA PHE B 51 17.13 40.97 7.92
C PHE B 51 17.00 42.34 7.24
N LEU B 52 15.88 42.60 6.57
CA LEU B 52 15.68 43.85 5.79
C LEU B 52 15.66 45.06 6.75
N GLN B 53 15.05 44.93 7.94
CA GLN B 53 15.02 46.02 8.96
C GLN B 53 16.45 46.33 9.41
N ALA B 54 17.25 45.28 9.68
CA ALA B 54 18.67 45.36 10.11
C ALA B 54 19.50 46.06 9.03
N GLN B 55 19.21 45.81 7.75
CA GLN B 55 19.90 46.45 6.60
C GLN B 55 19.52 47.95 6.53
N ASP B 56 18.24 48.27 6.61
CA ASP B 56 17.76 49.67 6.52
C ASP B 56 16.41 49.74 7.23
N SER B 57 16.34 50.48 8.35
CA SER B 57 15.15 50.56 9.22
C SER B 57 14.11 51.53 8.66
N GLU B 58 14.43 52.28 7.60
CA GLU B 58 13.55 53.34 7.05
C GLU B 58 12.94 52.92 5.72
N LYS B 59 13.68 52.23 4.84
CA LYS B 59 13.23 51.97 3.45
C LYS B 59 12.10 50.92 3.45
N ASP B 60 11.12 51.14 2.58
CA ASP B 60 9.96 50.25 2.38
C ASP B 60 10.45 48.83 2.04
N ILE B 61 9.65 47.84 2.42
CA ILE B 61 9.74 46.41 2.04
C ILE B 61 8.52 46.09 1.18
N TYR B 62 8.69 45.23 0.18
CA TYR B 62 7.61 44.82 -0.76
C TYR B 62 7.33 43.33 -0.55
N LEU B 63 6.11 43.00 -0.12
CA LEU B 63 5.64 41.62 0.12
C LEU B 63 4.61 41.26 -0.96
N TYR B 64 5.01 40.43 -1.92
CA TYR B 64 4.09 39.87 -2.95
C TYR B 64 3.39 38.69 -2.31
N ILE B 65 2.07 38.62 -2.46
CA ILE B 65 1.23 37.54 -1.86
C ILE B 65 0.45 36.84 -2.98
N ASN B 66 0.80 35.59 -3.22
CA ASN B 66 -0.02 34.61 -3.97
C ASN B 66 -0.12 33.37 -3.07
N SER B 67 -1.17 33.29 -2.28
CA SER B 67 -1.25 32.28 -1.19
C SER B 67 -2.70 31.87 -0.99
N PRO B 68 -2.96 30.55 -0.84
CA PRO B 68 -4.28 30.08 -0.40
C PRO B 68 -4.46 30.18 1.12
N GLY B 69 -3.44 30.69 1.84
CA GLY B 69 -3.46 30.78 3.32
C GLY B 69 -2.84 29.55 3.96
N GLY B 70 -3.33 29.11 5.12
CA GLY B 70 -2.73 28.00 5.88
C GLY B 70 -2.94 28.19 7.38
N SER B 71 -1.90 27.99 8.19
CA SER B 71 -1.96 28.01 9.67
C SER B 71 -2.23 29.44 10.15
N VAL B 72 -3.26 29.62 10.99
CA VAL B 72 -3.63 30.92 11.58
C VAL B 72 -2.44 31.44 12.41
N THR B 73 -1.84 30.61 13.26
CA THR B 73 -0.73 31.04 14.16
C THR B 73 0.49 31.41 13.31
N ALA B 74 0.78 30.67 12.24
CA ALA B 74 1.89 30.97 11.30
C ALA B 74 1.62 32.33 10.66
N GLY B 75 0.38 32.58 10.24
CA GLY B 75 -0.06 33.88 9.70
C GLY B 75 0.15 35.01 10.70
N PHE B 76 -0.12 34.77 11.99
CA PHE B 76 0.02 35.80 13.05
C PHE B 76 1.50 36.08 13.36
N ALA B 77 2.38 35.09 13.20
CA ALA B 77 3.85 35.29 13.33
C ALA B 77 4.29 36.31 12.27
N ILE B 78 3.82 36.16 11.03
CA ILE B 78 4.14 37.11 9.92
C ILE B 78 3.45 38.45 10.23
N TYR B 79 2.15 38.43 10.57
CA TYR B 79 1.34 39.65 10.86
C TYR B 79 2.02 40.53 11.92
N ASP B 80 2.39 39.95 13.06
CA ASP B 80 2.96 40.72 14.20
C ASP B 80 4.36 41.23 13.83
N THR B 81 5.13 40.46 13.06
CA THR B 81 6.48 40.90 12.58
C THR B 81 6.30 42.13 11.67
N ILE B 82 5.33 42.12 10.75
CA ILE B 82 5.02 43.28 9.87
C ILE B 82 4.76 44.51 10.75
N GLN B 83 3.86 44.41 11.72
CA GLN B 83 3.45 45.56 12.57
C GLN B 83 4.61 45.95 13.51
N HIS B 84 5.47 45.00 13.90
CA HIS B 84 6.57 45.25 14.87
C HIS B 84 7.66 46.13 14.25
N ILE B 85 8.09 45.84 13.02
CA ILE B 85 9.33 46.41 12.41
C ILE B 85 9.07 47.87 12.02
N LYS B 86 10.13 48.68 11.94
CA LYS B 86 10.01 50.14 11.65
C LYS B 86 9.58 50.34 10.20
N PRO B 87 10.24 49.70 9.19
CA PRO B 87 9.87 49.92 7.79
C PRO B 87 8.40 49.61 7.48
N ASP B 88 7.79 50.41 6.59
CA ASP B 88 6.47 50.09 5.98
C ASP B 88 6.65 48.83 5.12
N VAL B 89 5.67 47.93 5.20
CA VAL B 89 5.62 46.72 4.34
C VAL B 89 4.45 46.91 3.38
N GLN B 90 4.75 47.19 2.11
CA GLN B 90 3.75 47.22 1.02
C GLN B 90 3.30 45.77 0.80
N THR B 91 2.00 45.54 0.60
CA THR B 91 1.47 44.22 0.19
C THR B 91 0.95 44.32 -1.23
N ILE B 92 1.27 43.33 -2.07
CA ILE B 92 0.89 43.28 -3.50
C ILE B 92 0.34 41.89 -3.82
N CYS B 93 -0.97 41.82 -4.07
CA CYS B 93 -1.66 40.57 -4.42
C CYS B 93 -1.55 40.30 -5.93
N ILE B 94 -0.98 39.14 -6.27
CA ILE B 94 -0.95 38.57 -7.65
C ILE B 94 -1.56 37.18 -7.57
N GLY B 95 -2.39 36.81 -8.55
CA GLY B 95 -3.09 35.51 -8.58
C GLY B 95 -4.24 35.48 -7.59
N MET B 96 -3.96 35.10 -6.35
CA MET B 96 -4.99 34.91 -5.29
C MET B 96 -4.36 35.18 -3.91
N ALA B 97 -5.05 35.98 -3.10
CA ALA B 97 -4.88 36.05 -1.62
C ALA B 97 -6.17 35.55 -0.98
N ALA B 98 -6.15 34.30 -0.54
CA ALA B 98 -7.32 33.69 0.11
C ALA B 98 -7.01 33.35 1.56
N SER B 99 -8.06 33.33 2.39
CA SER B 99 -7.97 32.93 3.79
C SER B 99 -6.96 33.77 4.57
N MET B 100 -5.92 33.16 5.15
CA MET B 100 -4.87 33.94 5.87
C MET B 100 -4.09 34.85 4.90
N GLY B 101 -3.99 34.48 3.62
CA GLY B 101 -3.35 35.33 2.61
C GLY B 101 -4.04 36.66 2.48
N SER B 102 -5.37 36.69 2.49
CA SER B 102 -6.13 37.97 2.41
C SER B 102 -5.94 38.77 3.70
N PHE B 103 -5.81 38.06 4.84
CA PHE B 103 -5.58 38.72 6.14
C PHE B 103 -4.22 39.45 6.08
N LEU B 104 -3.19 38.79 5.55
CA LEU B 104 -1.84 39.40 5.44
C LEU B 104 -1.84 40.53 4.39
N LEU B 105 -2.59 40.38 3.30
CA LEU B 105 -2.75 41.45 2.28
C LEU B 105 -3.26 42.73 2.95
N ALA B 106 -4.31 42.61 3.78
CA ALA B 106 -4.95 43.70 4.53
C ALA B 106 -4.03 44.28 5.62
N ALA B 107 -2.96 43.57 6.00
CA ALA B 107 -2.04 43.92 7.11
C ALA B 107 -0.89 44.82 6.63
N GLY B 108 -0.77 45.05 5.33
CA GLY B 108 0.28 45.94 4.77
C GLY B 108 0.09 47.36 5.24
N ALA B 109 1.12 48.20 5.11
CA ALA B 109 1.07 49.62 5.52
C ALA B 109 -0.13 50.29 4.85
N LYS B 110 -0.91 51.07 5.61
CA LYS B 110 -2.10 51.82 5.11
C LYS B 110 -1.66 52.73 3.96
N GLY B 111 -2.34 52.63 2.82
CA GLY B 111 -2.02 53.36 1.56
C GLY B 111 -1.07 52.57 0.67
N LYS B 112 -0.55 51.42 1.10
CA LYS B 112 0.48 50.66 0.34
C LYS B 112 0.06 49.19 0.22
N ARG B 113 -1.24 48.93 0.20
CA ARG B 113 -1.84 47.60 -0.08
C ARG B 113 -2.43 47.65 -1.49
N PHE B 114 -1.98 46.74 -2.35
CA PHE B 114 -2.30 46.74 -3.80
C PHE B 114 -2.76 45.33 -4.22
N ALA B 115 -3.54 45.27 -5.29
CA ALA B 115 -3.77 44.03 -6.07
C ALA B 115 -3.64 44.37 -7.55
N LEU B 116 -3.07 43.45 -8.31
CA LEU B 116 -3.06 43.51 -9.79
C LEU B 116 -4.50 43.27 -10.26
N PRO B 117 -4.89 43.76 -11.45
CA PRO B 117 -6.29 43.83 -11.87
C PRO B 117 -7.09 42.52 -11.92
N ASN B 118 -6.43 41.40 -12.22
CA ASN B 118 -7.10 40.08 -12.41
C ASN B 118 -6.82 39.20 -11.21
N ALA B 119 -6.18 39.74 -10.17
CA ALA B 119 -5.94 39.07 -8.88
C ALA B 119 -7.29 38.90 -8.17
N GLU B 120 -7.40 37.80 -7.43
CA GLU B 120 -8.62 37.36 -6.71
C GLU B 120 -8.32 37.46 -5.20
N VAL B 121 -9.29 37.89 -4.42
CA VAL B 121 -9.18 37.95 -2.92
C VAL B 121 -10.39 37.20 -2.35
N MET B 122 -10.16 36.30 -1.39
CA MET B 122 -11.23 35.47 -0.76
C MET B 122 -11.08 35.54 0.76
N ILE B 123 -12.13 36.01 1.43
CA ILE B 123 -12.21 36.06 2.92
C ILE B 123 -13.18 34.97 3.39
N HIS B 124 -12.86 34.34 4.52
CA HIS B 124 -13.59 33.18 5.05
C HIS B 124 -13.26 33.04 6.54
N GLN B 125 -14.23 32.55 7.31
CA GLN B 125 -14.04 32.20 8.74
C GLN B 125 -12.95 31.14 8.80
N PRO B 126 -12.21 31.03 9.92
CA PRO B 126 -11.22 29.97 10.08
C PRO B 126 -11.87 28.60 10.29
N LEU B 127 -11.10 27.53 10.10
CA LEU B 127 -11.48 26.11 10.30
C LEU B 127 -10.67 25.57 11.48
N GLY B 128 -11.15 24.49 12.08
CA GLY B 128 -10.41 23.80 13.14
C GLY B 128 -10.88 22.40 13.32
N GLY B 129 -10.29 21.74 14.31
CA GLY B 129 -10.54 20.33 14.64
C GLY B 129 -10.58 20.15 16.14
N ALA B 130 -11.36 19.18 16.59
CA ALA B 130 -11.46 18.74 17.99
C ALA B 130 -11.81 17.25 17.97
N GLN B 131 -11.03 16.44 18.67
CA GLN B 131 -11.20 14.98 18.82
C GLN B 131 -11.03 14.64 20.30
N GLY B 132 -11.75 13.62 20.78
CA GLY B 132 -11.57 13.04 22.12
C GLY B 132 -12.71 13.41 23.06
N GLN B 133 -12.39 13.50 24.35
CA GLN B 133 -13.36 13.64 25.46
C GLN B 133 -14.19 14.91 25.24
N ALA B 134 -15.44 14.89 25.69
CA ALA B 134 -16.39 16.02 25.60
C ALA B 134 -15.72 17.31 26.13
N THR B 135 -14.98 17.21 27.24
CA THR B 135 -14.30 18.36 27.92
C THR B 135 -13.20 18.92 27.01
N GLU B 136 -12.48 18.08 26.26
CA GLU B 136 -11.46 18.53 25.28
C GLU B 136 -12.15 19.27 24.14
N ILE B 137 -13.28 18.76 23.64
CA ILE B 137 -14.01 19.36 22.49
C ILE B 137 -14.52 20.74 22.88
N GLU B 138 -15.00 20.88 24.11
CA GLU B 138 -15.46 22.16 24.72
C GLU B 138 -14.34 23.22 24.67
N ILE B 139 -13.15 22.86 25.18
CA ILE B 139 -11.96 23.77 25.26
C ILE B 139 -11.55 24.17 23.82
N ALA B 140 -11.44 23.19 22.92
CA ALA B 140 -11.04 23.42 21.51
C ALA B 140 -12.05 24.36 20.85
N ALA B 141 -13.35 24.10 21.01
CA ALA B 141 -14.44 24.89 20.40
C ALA B 141 -14.35 26.35 20.86
N ASN B 142 -14.20 26.58 22.17
CA ASN B 142 -14.15 27.94 22.77
C ASN B 142 -12.90 28.68 22.27
N HIS B 143 -11.78 27.97 22.12
CA HIS B 143 -10.51 28.53 21.58
C HIS B 143 -10.73 28.96 20.12
N ILE B 144 -11.42 28.14 19.32
CA ILE B 144 -11.71 28.43 17.89
C ILE B 144 -12.61 29.68 17.79
N LEU B 145 -13.64 29.77 18.63
CA LEU B 145 -14.56 30.96 18.68
C LEU B 145 -13.76 32.21 19.04
N LYS B 146 -12.88 32.13 20.04
CA LYS B 146 -12.06 33.30 20.48
C LYS B 146 -11.08 33.69 19.33
N THR B 147 -10.57 32.73 18.57
CA THR B 147 -9.62 33.01 17.45
C THR B 147 -10.39 33.72 16.33
N ARG B 148 -11.59 33.27 16.00
CA ARG B 148 -12.44 33.94 14.99
C ARG B 148 -12.75 35.38 15.42
N GLU B 149 -13.08 35.58 16.70
CA GLU B 149 -13.33 36.93 17.27
C GLU B 149 -12.08 37.81 17.11
N LYS B 150 -10.87 37.27 17.32
CA LYS B 150 -9.60 38.03 17.20
C LYS B 150 -9.38 38.41 15.73
N LEU B 151 -9.50 37.45 14.82
CA LEU B 151 -9.33 37.70 13.36
C LEU B 151 -10.34 38.76 12.90
N ASN B 152 -11.58 38.68 13.36
CA ASN B 152 -12.66 39.59 12.92
C ASN B 152 -12.37 41.00 13.45
N ARG B 153 -11.94 41.12 14.71
CA ARG B 153 -11.60 42.44 15.32
C ARG B 153 -10.50 43.10 14.45
N ILE B 154 -9.42 42.37 14.15
CA ILE B 154 -8.27 42.95 13.39
C ILE B 154 -8.72 43.30 11.96
N LEU B 155 -9.45 42.42 11.27
CA LEU B 155 -9.95 42.71 9.90
C LEU B 155 -10.81 43.97 9.92
N SER B 156 -11.65 44.14 10.94
CA SER B 156 -12.49 45.35 11.15
C SER B 156 -11.59 46.59 11.25
N GLU B 157 -10.59 46.56 12.14
CA GLU B 157 -9.58 47.64 12.30
C GLU B 157 -8.92 47.96 10.95
N ARG B 158 -8.57 46.95 10.16
CA ARG B 158 -7.76 47.10 8.91
C ARG B 158 -8.61 47.61 7.74
N THR B 159 -9.89 47.24 7.67
CA THR B 159 -10.78 47.53 6.51
C THR B 159 -11.68 48.74 6.78
N GLY B 160 -11.95 49.06 8.04
CA GLY B 160 -12.97 50.07 8.43
C GLY B 160 -14.38 49.53 8.34
N GLN B 161 -14.56 48.23 8.14
CA GLN B 161 -15.89 47.55 8.21
C GLN B 161 -16.18 47.20 9.67
N SER B 162 -17.47 47.08 10.04
CA SER B 162 -17.90 46.65 11.40
C SER B 162 -17.61 45.14 11.58
N ILE B 163 -17.43 44.71 12.82
CA ILE B 163 -17.21 43.28 13.19
C ILE B 163 -18.43 42.46 12.75
N GLU B 164 -19.64 43.03 12.90
CA GLU B 164 -20.92 42.39 12.52
C GLU B 164 -20.91 42.08 11.01
N LYS B 165 -20.47 43.04 10.19
CA LYS B 165 -20.42 42.89 8.72
C LYS B 165 -19.34 41.86 8.33
N ILE B 166 -18.17 41.93 8.97
CA ILE B 166 -17.05 40.95 8.71
C ILE B 166 -17.59 39.54 8.99
N GLN B 167 -18.26 39.35 10.14
CA GLN B 167 -18.84 38.05 10.60
C GLN B 167 -19.78 37.48 9.53
N LYS B 168 -20.78 38.25 9.11
CA LYS B 168 -21.77 37.87 8.08
C LYS B 168 -21.04 37.50 6.77
N ASP B 169 -20.13 38.37 6.32
CA ASP B 169 -19.50 38.27 4.98
C ASP B 169 -18.52 37.09 4.93
N THR B 170 -18.15 36.49 6.06
CA THR B 170 -17.11 35.41 6.10
C THR B 170 -17.71 34.07 6.54
N ASP B 171 -19.03 33.97 6.69
CA ASP B 171 -19.69 32.70 7.06
C ASP B 171 -19.38 31.67 5.96
N ARG B 172 -19.58 32.06 4.71
CA ARG B 172 -19.32 31.23 3.51
C ARG B 172 -18.12 31.81 2.76
N ASP B 173 -17.52 31.02 1.87
CA ASP B 173 -16.49 31.47 0.90
C ASP B 173 -17.02 32.72 0.19
N ASN B 174 -16.25 33.81 0.24
CA ASN B 174 -16.63 35.13 -0.34
C ASN B 174 -15.50 35.57 -1.28
N PHE B 175 -15.69 35.42 -2.61
CA PHE B 175 -14.71 35.78 -3.66
C PHE B 175 -14.90 37.24 -4.10
N LEU B 176 -13.82 38.02 -4.08
CA LEU B 176 -13.79 39.46 -4.42
C LEU B 176 -12.82 39.68 -5.59
N THR B 177 -13.22 40.50 -6.56
CA THR B 177 -12.31 41.06 -7.59
C THR B 177 -11.38 42.06 -6.90
N ALA B 178 -10.32 42.50 -7.58
CA ALA B 178 -9.36 43.48 -7.04
C ALA B 178 -10.12 44.76 -6.66
N GLU B 179 -11.03 45.21 -7.54
CA GLU B 179 -11.83 46.45 -7.36
C GLU B 179 -12.78 46.26 -6.18
N GLU B 180 -13.41 45.09 -6.07
CA GLU B 180 -14.29 44.75 -4.92
C GLU B 180 -13.48 44.77 -3.63
N ALA B 181 -12.23 44.26 -3.67
CA ALA B 181 -11.31 44.21 -2.52
C ALA B 181 -10.98 45.64 -2.08
N LYS B 182 -10.75 46.55 -3.03
CA LYS B 182 -10.48 47.97 -2.73
C LYS B 182 -11.71 48.60 -2.06
N GLU B 183 -12.90 48.37 -2.62
CA GLU B 183 -14.19 48.90 -2.10
C GLU B 183 -14.42 48.37 -0.67
N TYR B 184 -14.02 47.14 -0.38
CA TYR B 184 -14.20 46.50 0.96
C TYR B 184 -13.22 47.08 1.99
N GLY B 185 -12.09 47.64 1.54
CA GLY B 185 -11.04 48.22 2.40
C GLY B 185 -9.92 47.24 2.69
N LEU B 186 -9.84 46.12 1.96
CA LEU B 186 -8.76 45.11 2.11
C LEU B 186 -7.48 45.61 1.43
N ILE B 187 -7.60 46.41 0.36
CA ILE B 187 -6.45 47.04 -0.33
C ILE B 187 -6.78 48.53 -0.52
N ASP B 188 -5.76 49.34 -0.82
CA ASP B 188 -5.90 50.80 -1.06
C ASP B 188 -6.07 51.06 -2.56
N GLU B 189 -5.40 50.32 -3.44
CA GLU B 189 -5.41 50.64 -4.90
C GLU B 189 -5.30 49.36 -5.74
N VAL B 190 -5.92 49.35 -6.92
CA VAL B 190 -5.66 48.36 -8.00
C VAL B 190 -4.47 48.90 -8.82
N MET B 191 -3.34 48.21 -8.81
CA MET B 191 -2.12 48.62 -9.57
C MET B 191 -2.42 48.50 -11.07
N VAL B 192 -2.53 49.64 -11.74
CA VAL B 192 -2.77 49.75 -13.20
C VAL B 192 -1.42 49.62 -13.90
N PRO B 193 -1.36 49.12 -15.15
CA PRO B 193 -0.10 49.07 -15.91
C PRO B 193 0.59 50.44 -16.07
N GLU B 194 1.90 50.51 -15.77
CA GLU B 194 2.69 51.78 -15.74
C GLU B 194 3.00 52.24 -17.17
N PRO C 6 16.62 31.31 1.08
CA PRO C 6 17.23 32.46 0.38
C PRO C 6 18.63 32.79 0.92
N THR C 7 19.48 33.36 0.07
CA THR C 7 20.91 33.66 0.32
C THR C 7 21.11 35.17 0.48
N VAL C 8 22.05 35.57 1.35
CA VAL C 8 22.60 36.96 1.48
C VAL C 8 24.11 36.90 1.25
N ILE C 9 24.69 37.90 0.57
CA ILE C 9 26.15 37.99 0.27
C ILE C 9 26.71 39.25 0.94
N TYR C 19 25.82 33.36 2.99
CA TYR C 19 24.93 32.97 4.11
C TYR C 19 23.51 32.68 3.61
N ASP C 20 22.90 31.59 4.07
CA ASP C 20 21.42 31.43 4.05
C ASP C 20 20.87 32.44 5.07
N ILE C 21 19.58 32.75 5.02
CA ILE C 21 18.96 33.83 5.85
C ILE C 21 19.19 33.53 7.34
N TYR C 22 19.12 32.26 7.76
CA TYR C 22 19.26 31.87 9.19
C TYR C 22 20.70 32.12 9.64
N SER C 23 21.67 31.76 8.80
CA SER C 23 23.11 31.97 9.07
C SER C 23 23.40 33.48 9.21
N ARG C 24 22.70 34.31 8.44
CA ARG C 24 22.91 35.78 8.45
C ARG C 24 22.41 36.34 9.78
N LEU C 25 21.25 35.87 10.25
CA LEU C 25 20.66 36.26 11.55
C LEU C 25 21.55 35.75 12.71
N LEU C 26 22.14 34.56 12.57
CA LEU C 26 23.05 33.98 13.60
C LEU C 26 24.25 34.91 13.82
N LYS C 27 24.73 35.56 12.77
CA LYS C 27 25.83 36.55 12.82
C LYS C 27 25.46 37.68 13.80
N ASP C 28 24.16 37.98 13.93
CA ASP C 28 23.62 39.03 14.83
C ASP C 28 23.12 38.42 16.15
N ARG C 29 23.49 37.18 16.45
CA ARG C 29 23.20 36.48 17.74
C ARG C 29 21.69 36.18 17.86
N ILE C 30 21.04 35.90 16.72
CA ILE C 30 19.60 35.53 16.64
C ILE C 30 19.51 34.05 16.23
N ILE C 31 18.79 33.27 17.03
CA ILE C 31 18.44 31.86 16.74
C ILE C 31 16.94 31.79 16.48
N MET C 32 16.53 31.15 15.38
CA MET C 32 15.10 31.01 15.00
C MET C 32 14.65 29.56 15.24
N LEU C 33 13.72 29.37 16.17
CA LEU C 33 12.97 28.09 16.35
C LEU C 33 11.57 28.30 15.76
N GLY C 34 11.30 27.67 14.61
CA GLY C 34 10.01 27.68 13.92
C GLY C 34 9.60 26.27 13.53
N SER C 35 9.71 25.32 14.45
CA SER C 35 9.38 23.89 14.18
C SER C 35 9.09 23.16 15.50
N GLN C 36 8.62 21.93 15.38
CA GLN C 36 8.59 20.94 16.48
C GLN C 36 10.01 20.81 17.05
N ILE C 37 10.11 20.40 18.31
CA ILE C 37 11.40 20.18 19.04
C ILE C 37 11.65 18.69 19.08
N ASP C 38 12.67 18.22 18.37
CA ASP C 38 13.18 16.83 18.41
C ASP C 38 14.67 16.89 18.68
N ASP C 39 15.34 15.75 18.78
CA ASP C 39 16.79 15.66 19.13
C ASP C 39 17.62 16.42 18.09
N ASN C 40 17.25 16.38 16.81
CA ASN C 40 17.99 17.07 15.71
C ASN C 40 17.92 18.59 15.90
N VAL C 41 16.74 19.12 16.20
CA VAL C 41 16.51 20.59 16.39
C VAL C 41 17.23 21.05 17.67
N ALA C 42 17.14 20.28 18.75
CA ALA C 42 17.87 20.57 20.01
C ALA C 42 19.39 20.57 19.74
N ASN C 43 19.91 19.58 19.01
CA ASN C 43 21.35 19.46 18.69
C ASN C 43 21.81 20.73 17.96
N SER C 44 21.01 21.23 17.01
CA SER C 44 21.30 22.46 16.23
C SER C 44 21.25 23.70 17.13
N ILE C 45 20.23 23.82 17.97
CA ILE C 45 20.04 25.04 18.82
C ILE C 45 21.11 25.07 19.91
N VAL C 46 21.40 23.93 20.54
CA VAL C 46 22.49 23.83 21.56
C VAL C 46 23.81 24.26 20.91
N SER C 47 24.12 23.76 19.71
CA SER C 47 25.37 24.06 18.98
C SER C 47 25.44 25.58 18.72
N GLN C 48 24.32 26.19 18.32
CA GLN C 48 24.26 27.66 18.06
C GLN C 48 24.52 28.42 19.37
N LEU C 49 23.88 28.03 20.48
CA LEU C 49 24.14 28.67 21.80
C LEU C 49 25.62 28.53 22.21
N LEU C 50 26.22 27.34 22.08
CA LEU C 50 27.65 27.13 22.45
C LEU C 50 28.55 28.01 21.58
N PHE C 51 28.25 28.08 20.29
CA PHE C 51 29.01 28.87 19.30
C PHE C 51 28.94 30.35 19.70
N LEU C 52 27.75 30.86 20.02
CA LEU C 52 27.55 32.31 20.34
C LEU C 52 28.23 32.65 21.68
N GLN C 53 28.18 31.75 22.67
CA GLN C 53 28.92 31.97 23.94
C GLN C 53 30.42 32.11 23.65
N ALA C 54 31.00 31.22 22.84
CA ALA C 54 32.44 31.21 22.49
C ALA C 54 32.79 32.47 21.71
N GLN C 55 31.91 32.98 20.86
CA GLN C 55 32.16 34.22 20.07
C GLN C 55 32.22 35.42 21.02
N ASP C 56 31.25 35.54 21.94
CA ASP C 56 31.18 36.67 22.92
C ASP C 56 30.32 36.22 24.10
N SER C 57 30.94 36.05 25.27
CA SER C 57 30.31 35.48 26.50
C SER C 57 29.49 36.55 27.23
N GLU C 58 29.51 37.81 26.77
CA GLU C 58 28.87 38.94 27.49
C GLU C 58 27.59 39.37 26.76
N LYS C 59 27.55 39.34 25.42
CA LYS C 59 26.43 39.90 24.63
C LYS C 59 25.21 38.99 24.65
N ASP C 60 24.02 39.59 24.70
CA ASP C 60 22.73 38.86 24.72
C ASP C 60 22.56 38.02 23.44
N ILE C 61 21.86 36.90 23.57
CA ILE C 61 21.35 36.04 22.48
C ILE C 61 19.83 36.24 22.38
N TYR C 62 19.26 36.12 21.19
CA TYR C 62 17.79 36.30 20.93
C TYR C 62 17.26 35.01 20.34
N LEU C 63 16.35 34.32 21.05
CA LEU C 63 15.74 33.05 20.58
C LEU C 63 14.26 33.32 20.28
N TYR C 64 13.93 33.39 18.99
CA TYR C 64 12.53 33.47 18.50
C TYR C 64 11.91 32.07 18.62
N ILE C 65 10.70 32.00 19.16
CA ILE C 65 10.00 30.70 19.39
C ILE C 65 8.62 30.77 18.75
N ASN C 66 8.43 29.96 17.71
CA ASN C 66 7.12 29.61 17.13
C ASN C 66 7.12 28.08 17.06
N SER C 67 6.63 27.39 18.09
CA SER C 67 6.78 25.92 18.20
C SER C 67 5.57 25.30 18.88
N PRO C 68 5.06 24.16 18.35
CA PRO C 68 4.05 23.36 19.05
C PRO C 68 4.65 22.46 20.14
N GLY C 69 5.97 22.50 20.30
CA GLY C 69 6.71 21.66 21.29
C GLY C 69 7.24 20.41 20.61
N GLY C 70 7.31 19.30 21.35
CA GLY C 70 7.87 18.02 20.85
C GLY C 70 8.43 17.20 22.00
N SER C 71 9.65 16.69 21.85
CA SER C 71 10.31 15.82 22.85
C SER C 71 10.62 16.61 24.13
N VAL C 72 10.20 16.09 25.28
CA VAL C 72 10.53 16.70 26.61
C VAL C 72 12.05 16.69 26.82
N THR C 73 12.73 15.58 26.55
CA THR C 73 14.20 15.48 26.82
C THR C 73 14.94 16.42 25.86
N ALA C 74 14.50 16.53 24.59
CA ALA C 74 15.08 17.48 23.61
C ALA C 74 14.89 18.90 24.14
N GLY C 75 13.70 19.20 24.67
CA GLY C 75 13.39 20.49 25.32
C GLY C 75 14.36 20.79 26.44
N PHE C 76 14.65 19.79 27.29
CA PHE C 76 15.55 19.97 28.45
C PHE C 76 17.01 20.13 28.00
N ALA C 77 17.39 19.59 26.84
CA ALA C 77 18.74 19.78 26.25
C ALA C 77 18.93 21.28 26.00
N ILE C 78 17.91 21.92 25.42
CA ILE C 78 17.91 23.38 25.13
C ILE C 78 17.84 24.13 26.46
N TYR C 79 16.87 23.79 27.31
CA TYR C 79 16.63 24.48 28.60
C TYR C 79 17.95 24.56 29.39
N ASP C 80 18.62 23.42 29.60
CA ASP C 80 19.84 23.37 30.45
C ASP C 80 20.97 24.18 29.81
N THR C 81 21.08 24.16 28.48
CA THR C 81 22.13 24.91 27.75
C THR C 81 21.89 26.42 27.95
N ILE C 82 20.63 26.88 27.84
CA ILE C 82 20.27 28.31 28.10
C ILE C 82 20.74 28.69 29.51
N GLN C 83 20.39 27.90 30.53
CA GLN C 83 20.72 28.25 31.94
C GLN C 83 22.23 28.10 32.16
N HIS C 84 22.92 27.20 31.45
CA HIS C 84 24.36 26.93 31.68
C HIS C 84 25.25 28.08 31.19
N ILE C 85 24.98 28.63 29.99
CA ILE C 85 25.90 29.58 29.31
C ILE C 85 25.84 30.95 30.01
N LYS C 86 26.89 31.76 29.87
CA LYS C 86 26.99 33.07 30.54
C LYS C 86 26.02 34.07 29.93
N PRO C 87 25.96 34.22 28.58
CA PRO C 87 25.10 35.24 27.96
C PRO C 87 23.63 35.02 28.32
N ASP C 88 22.93 36.12 28.62
CA ASP C 88 21.46 36.19 28.69
C ASP C 88 20.88 35.72 27.36
N VAL C 89 19.86 34.86 27.41
CA VAL C 89 19.07 34.45 26.21
C VAL C 89 17.68 35.07 26.33
N GLN C 90 17.40 36.05 25.48
CA GLN C 90 16.05 36.64 25.36
C GLN C 90 15.18 35.63 24.61
N THR C 91 13.93 35.47 25.04
CA THR C 91 12.93 34.64 24.31
C THR C 91 11.83 35.57 23.79
N ILE C 92 11.44 35.38 22.54
CA ILE C 92 10.41 36.17 21.81
C ILE C 92 9.47 35.19 21.13
N CYS C 93 8.25 35.08 21.65
CA CYS C 93 7.17 34.24 21.09
C CYS C 93 6.50 34.96 19.91
N ILE C 94 6.49 34.34 18.74
CA ILE C 94 5.72 34.78 17.55
C ILE C 94 4.86 33.60 17.13
N GLY C 95 3.58 33.83 16.84
CA GLY C 95 2.65 32.77 16.42
C GLY C 95 2.13 32.01 17.62
N MET C 96 2.82 30.94 18.03
CA MET C 96 2.38 30.04 19.11
C MET C 96 3.60 29.45 19.81
N ALA C 97 3.63 29.48 21.15
CA ALA C 97 4.57 28.69 21.97
C ALA C 97 3.70 27.74 22.81
N ALA C 98 3.58 26.49 22.37
CA ALA C 98 2.75 25.51 23.07
C ALA C 98 3.61 24.36 23.60
N SER C 99 3.13 23.69 24.64
CA SER C 99 3.75 22.50 25.21
C SER C 99 5.16 22.81 25.60
N MET C 100 6.13 22.10 25.05
CA MET C 100 7.55 22.38 25.36
C MET C 100 7.97 23.77 24.84
N GLY C 101 7.35 24.30 23.79
CA GLY C 101 7.63 25.67 23.32
C GLY C 101 7.34 26.70 24.41
N SER C 102 6.23 26.55 25.15
CA SER C 102 5.91 27.50 26.25
C SER C 102 6.93 27.36 27.38
N PHE C 103 7.38 26.14 27.64
CA PHE C 103 8.41 25.86 28.67
C PHE C 103 9.70 26.63 28.33
N LEU C 104 10.13 26.55 27.09
CA LEU C 104 11.36 27.24 26.61
C LEU C 104 11.17 28.75 26.61
N LEU C 105 9.98 29.25 26.28
CA LEU C 105 9.70 30.71 26.34
C LEU C 105 9.92 31.21 27.79
N ALA C 106 9.41 30.45 28.76
CA ALA C 106 9.52 30.75 30.20
C ALA C 106 10.98 30.66 30.66
N ALA C 107 11.85 29.99 29.90
CA ALA C 107 13.26 29.67 30.29
C ALA C 107 14.20 30.84 29.95
N GLY C 108 13.75 31.83 29.19
CA GLY C 108 14.55 33.02 28.87
C GLY C 108 14.96 33.77 30.11
N ALA C 109 16.03 34.58 30.01
CA ALA C 109 16.52 35.47 31.09
C ALA C 109 15.35 36.29 31.67
N LYS C 110 15.17 36.29 32.99
CA LYS C 110 14.05 37.01 33.65
C LYS C 110 14.17 38.50 33.29
N GLY C 111 13.07 39.12 32.86
CA GLY C 111 13.05 40.49 32.34
C GLY C 111 13.24 40.58 30.82
N LYS C 112 13.60 39.47 30.15
CA LYS C 112 13.85 39.48 28.67
C LYS C 112 13.08 38.35 27.99
N ARG C 113 11.90 38.03 28.52
CA ARG C 113 10.94 37.07 27.92
C ARG C 113 9.75 37.86 27.39
N PHE C 114 9.51 37.77 26.08
CA PHE C 114 8.56 38.59 25.31
C PHE C 114 7.60 37.70 24.51
N ALA C 115 6.42 38.22 24.20
CA ALA C 115 5.53 37.74 23.14
C ALA C 115 5.08 38.94 22.32
N LEU C 116 4.91 38.75 21.02
CA LEU C 116 4.27 39.76 20.13
C LEU C 116 2.78 39.74 20.47
N PRO C 117 2.04 40.85 20.20
CA PRO C 117 0.69 41.03 20.74
C PRO C 117 -0.35 39.94 20.43
N ASN C 118 -0.27 39.32 19.24
CA ASN C 118 -1.26 38.32 18.76
C ASN C 118 -0.70 36.89 18.88
N ALA C 119 0.49 36.75 19.46
CA ALA C 119 1.08 35.42 19.75
C ALA C 119 0.24 34.73 20.83
N GLU C 120 0.17 33.40 20.76
CA GLU C 120 -0.60 32.56 21.71
C GLU C 120 0.40 31.69 22.49
N VAL C 121 0.10 31.40 23.75
CA VAL C 121 0.90 30.48 24.61
C VAL C 121 -0.07 29.41 25.14
N MET C 122 0.36 28.16 25.14
CA MET C 122 -0.49 27.04 25.60
C MET C 122 0.34 26.17 26.54
N ILE C 123 -0.15 25.92 27.75
CA ILE C 123 0.54 25.04 28.72
C ILE C 123 -0.33 23.80 28.92
N HIS C 124 0.31 22.66 29.14
CA HIS C 124 -0.38 21.35 29.22
C HIS C 124 0.59 20.34 29.85
N GLN C 125 0.03 19.40 30.60
CA GLN C 125 0.77 18.23 31.15
C GLN C 125 1.43 17.49 30.00
N PRO C 126 2.55 16.78 30.25
CA PRO C 126 3.19 15.97 29.21
C PRO C 126 2.35 14.73 28.87
N LEU C 127 2.63 14.16 27.70
CA LEU C 127 2.04 12.90 27.18
C LEU C 127 3.13 11.83 27.17
N GLY C 128 2.72 10.57 27.14
CA GLY C 128 3.65 9.44 27.06
C GLY C 128 2.96 8.20 26.53
N GLY C 129 3.74 7.13 26.40
CA GLY C 129 3.26 5.82 25.93
C GLY C 129 3.98 4.73 26.69
N ALA C 130 3.28 3.66 27.01
CA ALA C 130 3.83 2.44 27.65
C ALA C 130 3.13 1.23 27.05
N GLN C 131 3.90 0.23 26.64
CA GLN C 131 3.43 -1.03 26.02
C GLN C 131 4.21 -2.18 26.65
N GLY C 132 3.61 -3.37 26.71
CA GLY C 132 4.28 -4.59 27.15
C GLY C 132 3.82 -5.02 28.54
N GLN C 133 4.72 -5.66 29.29
CA GLN C 133 4.41 -6.35 30.58
C GLN C 133 3.99 -5.33 31.64
N ALA C 134 3.14 -5.75 32.58
CA ALA C 134 2.63 -4.92 33.71
C ALA C 134 3.79 -4.17 34.36
N THR C 135 4.88 -4.87 34.66
CA THR C 135 6.08 -4.32 35.36
C THR C 135 6.72 -3.21 34.52
N GLU C 136 6.73 -3.34 33.19
CA GLU C 136 7.28 -2.32 32.25
C GLU C 136 6.38 -1.07 32.29
N ILE C 137 5.06 -1.26 32.31
CA ILE C 137 4.05 -0.16 32.29
C ILE C 137 4.15 0.64 33.60
N GLU C 138 4.35 -0.03 34.74
CA GLU C 138 4.51 0.62 36.08
C GLU C 138 5.73 1.54 36.04
N ILE C 139 6.85 1.07 35.50
CA ILE C 139 8.11 1.86 35.42
C ILE C 139 7.90 3.09 34.54
N ALA C 140 7.21 2.93 33.40
CA ALA C 140 6.96 4.02 32.42
C ALA C 140 6.03 5.08 33.04
N ALA C 141 4.98 4.63 33.73
CA ALA C 141 4.01 5.49 34.45
C ALA C 141 4.75 6.30 35.52
N ASN C 142 5.59 5.66 36.33
CA ASN C 142 6.37 6.36 37.39
C ASN C 142 7.31 7.40 36.76
N HIS C 143 7.95 7.08 35.63
CA HIS C 143 8.86 8.01 34.92
C HIS C 143 8.08 9.26 34.45
N ILE C 144 6.92 9.04 33.84
CA ILE C 144 6.03 10.13 33.32
C ILE C 144 5.58 11.01 34.49
N LEU C 145 5.17 10.41 35.61
CA LEU C 145 4.68 11.16 36.81
C LEU C 145 5.82 12.01 37.37
N LYS C 146 7.03 11.45 37.49
CA LYS C 146 8.21 12.18 38.02
C LYS C 146 8.62 13.30 37.04
N THR C 147 8.51 13.07 35.74
CA THR C 147 8.83 14.08 34.70
C THR C 147 7.81 15.23 34.78
N ARG C 148 6.53 14.94 34.97
CA ARG C 148 5.50 16.00 35.16
C ARG C 148 5.83 16.83 36.40
N GLU C 149 6.22 16.18 37.52
CA GLU C 149 6.61 16.88 38.77
C GLU C 149 7.82 17.80 38.48
N LYS C 150 8.82 17.31 37.73
CA LYS C 150 10.02 18.12 37.35
C LYS C 150 9.59 19.32 36.52
N LEU C 151 8.76 19.13 35.49
CA LEU C 151 8.27 20.23 34.61
C LEU C 151 7.53 21.29 35.44
N ASN C 152 6.70 20.84 36.38
CA ASN C 152 5.83 21.71 37.23
C ASN C 152 6.71 22.52 38.19
N ARG C 153 7.75 21.91 38.75
CA ARG C 153 8.66 22.57 39.73
C ARG C 153 9.41 23.69 39.00
N ILE C 154 9.94 23.41 37.81
CA ILE C 154 10.70 24.44 37.04
C ILE C 154 9.72 25.53 36.56
N LEU C 155 8.55 25.20 36.03
CA LEU C 155 7.53 26.24 35.62
C LEU C 155 7.16 27.09 36.85
N SER C 156 6.96 26.49 38.03
CA SER C 156 6.71 27.25 39.29
C SER C 156 7.85 28.26 39.54
N GLU C 157 9.10 27.80 39.50
CA GLU C 157 10.31 28.64 39.72
C GLU C 157 10.34 29.76 38.68
N ARG C 158 10.00 29.49 37.42
CA ARG C 158 10.13 30.48 36.31
C ARG C 158 8.97 31.49 36.32
N THR C 159 7.78 31.11 36.79
CA THR C 159 6.54 31.94 36.71
C THR C 159 6.21 32.60 38.06
N GLY C 160 6.69 32.07 39.18
CA GLY C 160 6.28 32.53 40.53
C GLY C 160 4.93 31.94 40.94
N GLN C 161 4.31 31.10 40.11
CA GLN C 161 3.04 30.42 40.49
C GLN C 161 3.37 29.21 41.35
N SER C 162 2.47 28.81 42.23
CA SER C 162 2.62 27.60 43.07
C SER C 162 2.60 26.36 42.16
N ILE C 163 3.29 25.31 42.59
CA ILE C 163 3.28 23.98 41.93
C ILE C 163 1.82 23.51 41.86
N GLU C 164 1.03 23.74 42.92
CA GLU C 164 -0.36 23.27 42.98
C GLU C 164 -1.20 23.98 41.90
N LYS C 165 -0.99 25.28 41.69
CA LYS C 165 -1.73 26.03 40.65
C LYS C 165 -1.36 25.51 39.26
N ILE C 166 -0.06 25.25 39.02
CA ILE C 166 0.47 24.78 37.70
C ILE C 166 -0.18 23.43 37.40
N GLN C 167 -0.16 22.52 38.38
CA GLN C 167 -0.76 21.16 38.29
C GLN C 167 -2.24 21.36 37.88
N LYS C 168 -2.97 22.21 38.60
CA LYS C 168 -4.41 22.47 38.36
C LYS C 168 -4.60 23.00 36.93
N ASP C 169 -3.81 24.00 36.53
CA ASP C 169 -4.01 24.79 35.29
C ASP C 169 -3.59 23.98 34.05
N THR C 170 -2.86 22.87 34.21
CA THR C 170 -2.27 22.11 33.07
C THR C 170 -2.91 20.73 32.92
N ASP C 171 -3.98 20.42 33.66
CA ASP C 171 -4.71 19.13 33.49
C ASP C 171 -5.18 19.00 32.03
N ARG C 172 -5.82 20.07 31.53
CA ARG C 172 -6.35 20.18 30.15
C ARG C 172 -5.55 21.25 29.40
N ASP C 173 -5.68 21.29 28.08
CA ASP C 173 -5.13 22.38 27.23
C ASP C 173 -5.59 23.72 27.79
N ASN C 174 -4.65 24.63 28.03
CA ASN C 174 -4.90 25.97 28.62
C ASN C 174 -4.29 27.03 27.68
N PHE C 175 -5.13 27.71 26.90
CA PHE C 175 -4.70 28.70 25.88
C PHE C 175 -4.65 30.09 26.51
N LEU C 176 -3.51 30.78 26.40
CA LEU C 176 -3.25 32.13 26.97
C LEU C 176 -2.95 33.10 25.82
N THR C 177 -3.56 34.28 25.85
CA THR C 177 -3.16 35.46 25.04
C THR C 177 -1.79 35.94 25.54
N ALA C 178 -1.11 36.82 24.79
CA ALA C 178 0.18 37.41 25.19
C ALA C 178 0.07 38.07 26.57
N GLU C 179 -1.01 38.82 26.83
CA GLU C 179 -1.22 39.55 28.11
C GLU C 179 -1.53 38.56 29.24
N GLU C 180 -2.28 37.50 28.98
CA GLU C 180 -2.56 36.45 30.00
C GLU C 180 -1.25 35.74 30.35
N ALA C 181 -0.41 35.47 29.35
CA ALA C 181 0.94 34.87 29.51
C ALA C 181 1.83 35.76 30.42
N LYS C 182 1.80 37.07 30.22
CA LYS C 182 2.54 38.03 31.09
C LYS C 182 1.98 37.98 32.51
N GLU C 183 0.64 38.02 32.65
CA GLU C 183 -0.08 37.95 33.95
C GLU C 183 0.30 36.64 34.66
N TYR C 184 0.46 35.55 33.93
CA TYR C 184 0.81 34.20 34.46
C TYR C 184 2.29 34.14 34.93
N GLY C 185 3.15 34.99 34.37
CA GLY C 185 4.60 35.02 34.68
C GLY C 185 5.43 34.17 33.72
N LEU C 186 4.85 33.72 32.61
CA LEU C 186 5.54 32.97 31.54
C LEU C 186 6.42 33.91 30.71
N ILE C 187 6.00 35.17 30.54
CA ILE C 187 6.79 36.24 29.89
C ILE C 187 6.80 37.46 30.80
N ASP C 188 7.65 38.43 30.46
CA ASP C 188 7.82 39.69 31.24
C ASP C 188 7.05 40.83 30.55
N GLU C 189 7.03 40.89 29.22
CA GLU C 189 6.43 42.02 28.50
C GLU C 189 5.83 41.52 27.18
N VAL C 190 4.74 42.15 26.77
CA VAL C 190 4.20 42.09 25.37
C VAL C 190 4.95 43.16 24.59
N MET C 191 5.66 42.79 23.52
CA MET C 191 6.44 43.74 22.67
C MET C 191 5.44 44.56 21.84
N VAL C 192 5.45 45.87 22.06
CA VAL C 192 4.64 46.90 21.32
C VAL C 192 5.39 47.25 20.03
N PRO C 193 4.68 47.64 18.94
CA PRO C 193 5.37 48.12 17.73
C PRO C 193 6.37 49.27 17.93
N GLU C 194 7.50 49.24 17.21
CA GLU C 194 8.51 50.35 17.17
C GLU C 194 7.85 51.63 16.61
N THR C 195 8.40 52.81 16.93
CA THR C 195 8.01 54.11 16.31
C THR C 195 6.51 54.37 16.50
N ILE D 5 20.44 23.56 9.27
CA ILE D 5 21.82 23.53 9.85
C ILE D 5 22.58 24.75 9.36
N PRO D 6 22.72 25.82 10.17
CA PRO D 6 23.30 27.08 9.70
C PRO D 6 24.80 27.04 9.34
N THR D 7 25.25 28.09 8.65
CA THR D 7 26.66 28.32 8.23
C THR D 7 27.27 29.46 9.07
N VAL D 8 28.60 29.45 9.27
CA VAL D 8 29.36 30.51 10.00
C VAL D 8 30.41 31.11 9.04
N ALA D 18 33.94 29.08 5.26
CA ALA D 18 32.54 28.66 5.56
C ALA D 18 32.56 27.29 6.27
N TYR D 19 31.81 27.17 7.37
CA TYR D 19 31.57 25.92 8.14
C TYR D 19 30.06 25.74 8.39
N ASP D 20 29.56 24.52 8.42
CA ASP D 20 28.25 24.25 9.11
C ASP D 20 28.50 24.41 10.62
N ILE D 21 27.44 24.56 11.43
CA ILE D 21 27.59 24.86 12.89
C ILE D 21 28.44 23.76 13.54
N TYR D 22 28.28 22.50 13.15
CA TYR D 22 28.97 21.33 13.76
C TYR D 22 30.47 21.40 13.46
N SER D 23 30.80 21.71 12.21
CA SER D 23 32.18 21.90 11.71
C SER D 23 32.87 23.01 12.51
N ARG D 24 32.14 24.09 12.80
CA ARG D 24 32.67 25.24 13.57
C ARG D 24 33.00 24.80 15.00
N LEU D 25 32.12 23.99 15.60
CA LEU D 25 32.33 23.43 16.97
C LEU D 25 33.49 22.42 16.94
N LEU D 26 33.65 21.67 15.85
CA LEU D 26 34.74 20.67 15.72
C LEU D 26 36.10 21.39 15.75
N LYS D 27 36.15 22.61 15.22
CA LYS D 27 37.37 23.47 15.24
C LYS D 27 37.78 23.70 16.71
N ASP D 28 36.84 23.74 17.65
CA ASP D 28 37.08 23.91 19.11
C ASP D 28 37.12 22.55 19.82
N ARG D 29 37.26 21.44 19.08
CA ARG D 29 37.41 20.06 19.62
C ARG D 29 36.11 19.62 20.35
N ILE D 30 34.96 20.10 19.89
CA ILE D 30 33.61 19.66 20.35
C ILE D 30 32.99 18.74 19.28
N ILE D 31 32.51 17.56 19.72
CA ILE D 31 31.74 16.58 18.91
C ILE D 31 30.33 16.48 19.51
N MET D 32 29.31 16.64 18.67
CA MET D 32 27.89 16.64 19.09
C MET D 32 27.26 15.30 18.67
N LEU D 33 26.85 14.48 19.63
CA LEU D 33 25.99 13.31 19.36
C LEU D 33 24.57 13.67 19.79
N GLY D 34 23.68 13.86 18.82
CA GLY D 34 22.27 14.25 19.04
C GLY D 34 21.33 13.35 18.27
N SER D 35 21.64 12.05 18.21
CA SER D 35 20.88 11.05 17.41
C SER D 35 21.04 9.66 18.00
N GLN D 36 20.27 8.71 17.47
CA GLN D 36 20.50 7.26 17.64
C GLN D 36 21.90 6.92 17.12
N ILE D 37 22.50 5.85 17.63
CA ILE D 37 23.84 5.35 17.24
C ILE D 37 23.67 4.19 16.26
N ASP D 38 24.06 4.39 15.01
CA ASP D 38 24.18 3.30 14.00
C ASP D 38 25.61 3.33 13.44
N ASP D 39 25.93 2.45 12.49
CA ASP D 39 27.29 2.37 11.91
C ASP D 39 27.68 3.70 11.28
N ASN D 40 26.74 4.41 10.62
CA ASN D 40 27.00 5.74 9.97
C ASN D 40 27.41 6.77 11.03
N VAL D 41 26.65 6.89 12.10
CA VAL D 41 26.92 7.88 13.20
C VAL D 41 28.27 7.52 13.85
N ALA D 42 28.52 6.23 14.09
CA ALA D 42 29.78 5.75 14.69
C ALA D 42 30.96 6.07 13.77
N ASN D 43 30.79 5.84 12.47
CA ASN D 43 31.84 6.11 11.45
C ASN D 43 32.21 7.60 11.55
N SER D 44 31.21 8.48 11.61
CA SER D 44 31.41 9.94 11.68
C SER D 44 32.12 10.31 12.99
N ILE D 45 31.67 9.78 14.13
CA ILE D 45 32.22 10.16 15.46
C ILE D 45 33.65 9.62 15.57
N VAL D 46 33.90 8.38 15.15
CA VAL D 46 35.26 7.79 15.16
C VAL D 46 36.18 8.66 14.29
N SER D 47 35.70 9.06 13.11
CA SER D 47 36.49 9.89 12.16
C SER D 47 36.83 11.24 12.81
N GLN D 48 35.87 11.88 13.48
CA GLN D 48 36.12 13.16 14.20
C GLN D 48 37.14 12.96 15.33
N LEU D 49 37.06 11.86 16.08
CA LEU D 49 38.03 11.56 17.18
C LEU D 49 39.45 11.41 16.60
N LEU D 50 39.62 10.64 15.52
CA LEU D 50 40.94 10.40 14.87
C LEU D 50 41.48 11.72 14.33
N PHE D 51 40.63 12.54 13.71
CA PHE D 51 41.00 13.86 13.17
C PHE D 51 41.51 14.75 14.30
N LEU D 52 40.79 14.78 15.43
CA LEU D 52 41.15 15.68 16.58
C LEU D 52 42.49 15.22 17.18
N GLN D 53 42.69 13.92 17.34
CA GLN D 53 44.00 13.42 17.86
C GLN D 53 45.12 13.84 16.91
N ALA D 54 44.94 13.69 15.59
CA ALA D 54 45.94 14.05 14.56
C ALA D 54 46.25 15.56 14.64
N GLN D 55 45.25 16.41 14.91
CA GLN D 55 45.43 17.87 15.06
C GLN D 55 46.24 18.18 16.34
N ASP D 56 45.93 17.51 17.46
CA ASP D 56 46.63 17.71 18.75
C ASP D 56 46.37 16.49 19.64
N SER D 57 47.42 15.79 20.06
CA SER D 57 47.34 14.51 20.79
C SER D 57 47.17 14.74 22.30
N GLU D 58 47.26 15.99 22.77
CA GLU D 58 47.26 16.32 24.22
C GLU D 58 45.99 17.05 24.65
N LYS D 59 45.41 17.89 23.80
CA LYS D 59 44.25 18.75 24.19
C LYS D 59 42.99 17.90 24.36
N ASP D 60 42.21 18.19 25.39
CA ASP D 60 40.92 17.52 25.69
C ASP D 60 40.00 17.65 24.48
N ILE D 61 39.13 16.65 24.32
CA ILE D 61 37.99 16.62 23.37
C ILE D 61 36.72 16.62 24.22
N TYR D 62 35.66 17.28 23.75
CA TYR D 62 34.35 17.41 24.45
C TYR D 62 33.29 16.69 23.61
N LEU D 63 32.75 15.59 24.12
CA LEU D 63 31.68 14.79 23.46
C LEU D 63 30.36 15.04 24.20
N TYR D 64 29.47 15.83 23.58
CA TYR D 64 28.09 16.07 24.05
C TYR D 64 27.23 14.87 23.62
N ILE D 65 26.45 14.34 24.55
CA ILE D 65 25.64 13.11 24.33
C ILE D 65 24.19 13.44 24.66
N ASN D 66 23.37 13.45 23.62
CA ASN D 66 21.89 13.39 23.72
C ASN D 66 21.45 12.26 22.80
N SER D 67 21.24 11.05 23.34
CA SER D 67 21.08 9.84 22.51
C SER D 67 20.24 8.78 23.20
N PRO D 68 19.28 8.15 22.48
CA PRO D 68 18.56 6.98 23.00
C PRO D 68 19.37 5.68 22.87
N GLY D 69 20.59 5.76 22.31
CA GLY D 69 21.44 4.60 22.03
C GLY D 69 21.23 4.08 20.62
N GLY D 70 21.31 2.76 20.44
CA GLY D 70 21.25 2.14 19.11
C GLY D 70 22.06 0.87 19.07
N SER D 71 22.82 0.66 17.99
CA SER D 71 23.60 -0.57 17.77
C SER D 71 24.69 -0.70 18.85
N VAL D 72 24.75 -1.86 19.52
CA VAL D 72 25.80 -2.19 20.52
C VAL D 72 27.19 -2.15 19.86
N THR D 73 27.37 -2.76 18.69
CA THR D 73 28.70 -2.85 18.03
C THR D 73 29.10 -1.45 17.55
N ALA D 74 28.16 -0.64 17.07
CA ALA D 74 28.41 0.76 16.68
C ALA D 74 28.90 1.52 17.93
N GLY D 75 28.24 1.32 19.06
CA GLY D 75 28.64 1.91 20.36
C GLY D 75 30.06 1.53 20.76
N PHE D 76 30.45 0.26 20.58
CA PHE D 76 31.81 -0.25 20.92
C PHE D 76 32.85 0.35 19.96
N ALA D 77 32.49 0.64 18.71
CA ALA D 77 33.42 1.32 17.77
C ALA D 77 33.82 2.68 18.37
N ILE D 78 32.84 3.43 18.89
CA ILE D 78 33.10 4.75 19.54
C ILE D 78 33.83 4.52 20.86
N TYR D 79 33.36 3.58 21.68
CA TYR D 79 33.95 3.30 23.02
C TYR D 79 35.46 3.03 22.84
N ASP D 80 35.82 2.08 21.96
CA ASP D 80 37.23 1.64 21.78
C ASP D 80 38.07 2.77 21.18
N THR D 81 37.52 3.60 20.32
CA THR D 81 38.25 4.76 19.76
C THR D 81 38.56 5.74 20.89
N ILE D 82 37.61 5.99 21.78
CA ILE D 82 37.82 6.90 22.95
C ILE D 82 39.01 6.37 23.75
N GLN D 83 39.04 5.06 24.05
CA GLN D 83 40.09 4.48 24.93
C GLN D 83 41.42 4.45 24.18
N HIS D 84 41.40 4.36 22.85
CA HIS D 84 42.60 4.21 21.99
C HIS D 84 43.38 5.52 21.87
N ILE D 85 42.69 6.63 21.67
CA ILE D 85 43.33 7.95 21.41
C ILE D 85 43.90 8.48 22.73
N LYS D 86 44.90 9.36 22.62
CA LYS D 86 45.62 9.93 23.78
C LYS D 86 44.79 11.04 24.45
N PRO D 87 44.16 11.97 23.70
CA PRO D 87 43.36 13.01 24.33
C PRO D 87 42.31 12.45 25.30
N ASP D 88 42.14 13.13 26.43
CA ASP D 88 40.97 12.92 27.30
C ASP D 88 39.73 13.29 26.50
N VAL D 89 38.74 12.40 26.52
CA VAL D 89 37.40 12.68 25.95
C VAL D 89 36.45 12.94 27.11
N GLN D 90 36.11 14.21 27.34
CA GLN D 90 35.07 14.60 28.32
C GLN D 90 33.73 14.18 27.74
N THR D 91 32.83 13.65 28.57
CA THR D 91 31.45 13.35 28.14
C THR D 91 30.52 14.30 28.88
N ILE D 92 29.55 14.86 28.15
CA ILE D 92 28.57 15.84 28.68
C ILE D 92 27.17 15.43 28.20
N CYS D 93 26.36 14.92 29.13
CA CYS D 93 24.96 14.51 28.88
C CYS D 93 24.05 15.74 28.94
N ILE D 94 23.32 15.97 27.85
CA ILE D 94 22.23 16.98 27.74
C ILE D 94 20.98 16.24 27.24
N GLY D 95 19.83 16.51 27.83
CA GLY D 95 18.57 15.84 27.50
C GLY D 95 18.52 14.45 28.10
N MET D 96 19.02 13.45 27.37
CA MET D 96 18.92 12.01 27.75
C MET D 96 20.15 11.27 27.19
N ALA D 97 20.79 10.47 28.05
CA ALA D 97 21.73 9.40 27.65
C ALA D 97 21.12 8.07 28.12
N ALA D 98 20.53 7.36 27.17
CA ALA D 98 19.87 6.08 27.43
C ALA D 98 20.56 4.95 26.67
N SER D 99 20.44 3.74 27.19
CA SER D 99 20.95 2.54 26.58
C SER D 99 22.44 2.72 26.27
N MET D 100 22.84 2.58 25.01
CA MET D 100 24.27 2.76 24.63
C MET D 100 24.75 4.21 24.84
N GLY D 101 23.86 5.20 24.82
CA GLY D 101 24.25 6.58 25.15
C GLY D 101 24.77 6.68 26.58
N SER D 102 24.11 6.05 27.54
CA SER D 102 24.57 6.07 28.95
C SER D 102 25.90 5.33 29.05
N PHE D 103 26.04 4.24 28.29
CA PHE D 103 27.30 3.45 28.27
C PHE D 103 28.46 4.36 27.84
N LEU D 104 28.29 5.10 26.76
CA LEU D 104 29.33 6.02 26.24
C LEU D 104 29.54 7.17 27.23
N LEU D 105 28.48 7.67 27.86
CA LEU D 105 28.61 8.74 28.89
C LEU D 105 29.59 8.25 29.98
N ALA D 106 29.43 7.02 30.44
CA ALA D 106 30.22 6.42 31.56
C ALA D 106 31.66 6.15 31.10
N ALA D 107 31.94 6.13 29.79
CA ALA D 107 33.23 5.74 29.18
C ALA D 107 34.14 6.97 28.97
N GLY D 108 33.67 8.16 29.36
CA GLY D 108 34.47 9.40 29.28
C GLY D 108 35.67 9.36 30.20
N ALA D 109 36.62 10.28 29.98
CA ALA D 109 37.81 10.44 30.84
C ALA D 109 37.39 10.48 32.31
N LYS D 110 38.00 9.65 33.16
CA LYS D 110 37.70 9.61 34.61
C LYS D 110 37.90 11.01 35.19
N GLY D 111 36.90 11.53 35.89
CA GLY D 111 36.90 12.90 36.45
C GLY D 111 36.24 13.90 35.51
N LYS D 112 36.00 13.56 34.25
CA LYS D 112 35.50 14.53 33.23
C LYS D 112 34.23 14.01 32.55
N ARG D 113 33.39 13.27 33.29
CA ARG D 113 32.04 12.84 32.84
C ARG D 113 30.99 13.69 33.56
N PHE D 114 30.19 14.42 32.80
CA PHE D 114 29.24 15.42 33.32
C PHE D 114 27.82 15.13 32.81
N ALA D 115 26.82 15.57 33.57
CA ALA D 115 25.43 15.77 33.09
C ALA D 115 24.98 17.16 33.50
N LEU D 116 24.16 17.80 32.67
CA LEU D 116 23.49 19.08 33.01
C LEU D 116 22.38 18.72 34.00
N PRO D 117 21.94 19.66 34.87
CA PRO D 117 21.07 19.33 36.00
C PRO D 117 19.75 18.62 35.71
N ASN D 118 19.13 18.89 34.55
CA ASN D 118 17.80 18.31 34.19
C ASN D 118 17.96 17.22 33.12
N ALA D 119 19.20 16.82 32.83
CA ALA D 119 19.51 15.71 31.89
C ALA D 119 19.14 14.40 32.58
N GLU D 120 18.74 13.42 31.78
CA GLU D 120 18.26 12.10 32.26
C GLU D 120 19.26 11.05 31.79
N VAL D 121 19.57 10.08 32.64
CA VAL D 121 20.42 8.91 32.29
C VAL D 121 19.58 7.66 32.51
N MET D 122 19.54 6.77 31.52
CA MET D 122 18.76 5.51 31.61
C MET D 122 19.69 4.34 31.26
N ILE D 123 19.76 3.34 32.14
CA ILE D 123 20.53 2.09 31.89
C ILE D 123 19.51 0.96 31.73
N HIS D 124 19.84 0.00 30.88
CA HIS D 124 18.96 -1.14 30.52
C HIS D 124 19.77 -2.23 29.83
N GLN D 125 19.42 -3.49 30.08
CA GLN D 125 20.03 -4.66 29.39
C GLN D 125 19.82 -4.50 27.88
N PRO D 126 20.71 -5.09 27.08
CA PRO D 126 20.58 -5.04 25.62
C PRO D 126 19.39 -5.87 25.11
N LEU D 127 18.95 -5.56 23.89
CA LEU D 127 17.91 -6.28 23.13
C LEU D 127 18.59 -7.01 21.97
N GLY D 128 17.90 -8.01 21.44
CA GLY D 128 18.37 -8.77 20.27
C GLY D 128 17.23 -9.51 19.60
N GLY D 129 17.60 -10.34 18.63
CA GLY D 129 16.67 -11.11 17.79
C GLY D 129 17.34 -12.35 17.30
N ALA D 130 16.58 -13.42 17.10
CA ALA D 130 17.06 -14.71 16.59
C ALA D 130 15.89 -15.40 15.88
N GLN D 131 16.12 -15.81 14.63
CA GLN D 131 15.10 -16.41 13.73
C GLN D 131 15.74 -17.59 13.00
N GLY D 132 14.96 -18.64 12.74
CA GLY D 132 15.39 -19.81 11.96
C GLY D 132 15.51 -21.04 12.83
N GLN D 133 16.45 -21.91 12.50
CA GLN D 133 16.60 -23.28 13.09
C GLN D 133 16.99 -23.16 14.56
N ALA D 134 16.62 -24.17 15.36
CA ALA D 134 16.97 -24.31 16.79
C ALA D 134 18.46 -24.02 17.00
N THR D 135 19.34 -24.60 16.17
CA THR D 135 20.82 -24.45 16.28
C THR D 135 21.22 -22.98 16.08
N GLU D 136 20.57 -22.27 15.13
CA GLU D 136 20.84 -20.83 14.86
C GLU D 136 20.42 -19.99 16.08
N ILE D 137 19.27 -20.32 16.70
CA ILE D 137 18.74 -19.55 17.85
C ILE D 137 19.68 -19.70 19.05
N GLU D 138 20.19 -20.91 19.30
CA GLU D 138 21.18 -21.20 20.37
C GLU D 138 22.40 -20.27 20.19
N ILE D 139 22.97 -20.20 18.99
CA ILE D 139 24.20 -19.38 18.71
C ILE D 139 23.90 -17.90 18.93
N ALA D 140 22.75 -17.42 18.44
CA ALA D 140 22.31 -16.01 18.58
C ALA D 140 22.12 -15.70 20.06
N ALA D 141 21.48 -16.61 20.81
CA ALA D 141 21.22 -16.48 22.27
C ALA D 141 22.54 -16.38 23.05
N ASN D 142 23.49 -17.30 22.79
CA ASN D 142 24.81 -17.35 23.47
C ASN D 142 25.58 -16.04 23.18
N HIS D 143 25.48 -15.54 21.95
CA HIS D 143 26.12 -14.26 21.55
C HIS D 143 25.51 -13.10 22.36
N ILE D 144 24.18 -13.04 22.52
CA ILE D 144 23.48 -11.95 23.24
C ILE D 144 23.87 -11.99 24.72
N LEU D 145 23.93 -13.20 25.28
CA LEU D 145 24.32 -13.44 26.70
C LEU D 145 25.77 -12.97 26.91
N LYS D 146 26.69 -13.37 26.04
CA LYS D 146 28.14 -13.00 26.18
C LYS D 146 28.28 -11.47 26.05
N THR D 147 27.50 -10.84 25.17
CA THR D 147 27.54 -9.38 24.93
C THR D 147 27.01 -8.65 26.17
N ARG D 148 25.94 -9.15 26.80
CA ARG D 148 25.41 -8.57 28.05
C ARG D 148 26.49 -8.66 29.15
N GLU D 149 27.19 -9.79 29.26
CA GLU D 149 28.26 -9.98 30.29
C GLU D 149 29.35 -8.93 30.06
N LYS D 150 29.73 -8.71 28.79
CA LYS D 150 30.78 -7.74 28.39
C LYS D 150 30.34 -6.32 28.78
N LEU D 151 29.11 -5.91 28.43
CA LEU D 151 28.56 -4.57 28.76
C LEU D 151 28.52 -4.38 30.28
N ASN D 152 28.08 -5.42 31.02
CA ASN D 152 27.94 -5.35 32.50
C ASN D 152 29.31 -5.23 33.16
N ARG D 153 30.29 -5.99 32.67
CA ARG D 153 31.67 -5.97 33.22
C ARG D 153 32.23 -4.54 33.08
N ILE D 154 32.12 -3.95 31.89
CA ILE D 154 32.71 -2.60 31.62
C ILE D 154 31.97 -1.54 32.43
N LEU D 155 30.63 -1.61 32.53
CA LEU D 155 29.85 -0.67 33.37
C LEU D 155 30.30 -0.80 34.83
N SER D 156 30.48 -2.04 35.32
CA SER D 156 31.01 -2.32 36.68
C SER D 156 32.36 -1.63 36.87
N GLU D 157 33.29 -1.82 35.93
CA GLU D 157 34.66 -1.23 35.95
C GLU D 157 34.58 0.30 35.99
N ARG D 158 33.65 0.90 35.24
CA ARG D 158 33.54 2.38 35.02
C ARG D 158 32.74 3.06 36.14
N THR D 159 31.84 2.36 36.83
CA THR D 159 30.94 2.94 37.87
C THR D 159 31.43 2.62 39.29
N GLY D 160 32.18 1.52 39.45
CA GLY D 160 32.52 0.97 40.77
C GLY D 160 31.39 0.19 41.41
N GLN D 161 30.29 -0.04 40.70
CA GLN D 161 29.21 -0.96 41.17
C GLN D 161 29.62 -2.41 40.85
N SER D 162 29.18 -3.36 41.67
CA SER D 162 29.36 -4.81 41.43
C SER D 162 28.65 -5.20 40.13
N ILE D 163 29.16 -6.21 39.42
CA ILE D 163 28.46 -6.83 38.26
C ILE D 163 27.06 -7.28 38.72
N GLU D 164 26.94 -7.86 39.92
CA GLU D 164 25.66 -8.35 40.48
C GLU D 164 24.63 -7.20 40.52
N LYS D 165 25.03 -6.04 41.05
CA LYS D 165 24.17 -4.83 41.15
C LYS D 165 23.84 -4.31 39.74
N ILE D 166 24.82 -4.22 38.84
CA ILE D 166 24.58 -3.78 37.43
C ILE D 166 23.48 -4.68 36.82
N GLN D 167 23.65 -6.00 36.91
CA GLN D 167 22.68 -7.01 36.40
C GLN D 167 21.27 -6.70 36.95
N LYS D 168 21.13 -6.57 38.27
CA LYS D 168 19.82 -6.33 38.93
C LYS D 168 19.24 -4.99 38.46
N ASP D 169 20.05 -3.93 38.41
CA ASP D 169 19.61 -2.53 38.12
C ASP D 169 19.31 -2.33 36.63
N THR D 170 19.61 -3.30 35.74
CA THR D 170 19.44 -3.17 34.27
C THR D 170 18.45 -4.20 33.72
N ASP D 171 17.87 -5.05 34.55
CA ASP D 171 16.83 -6.03 34.15
C ASP D 171 15.68 -5.27 33.45
N ARG D 172 15.23 -4.17 34.08
CA ARG D 172 14.15 -3.28 33.58
C ARG D 172 14.74 -1.89 33.34
N ASP D 173 14.07 -1.08 32.52
CA ASP D 173 14.39 0.35 32.32
C ASP D 173 14.63 0.99 33.70
N ASN D 174 15.80 1.59 33.90
CA ASN D 174 16.20 2.27 35.16
C ASN D 174 16.50 3.74 34.83
N PHE D 175 15.62 4.66 35.20
CA PHE D 175 15.74 6.12 34.95
C PHE D 175 16.44 6.79 36.13
N LEU D 176 17.50 7.57 35.85
CA LEU D 176 18.31 8.30 36.87
C LEU D 176 18.28 9.80 36.56
N THR D 177 18.13 10.62 37.61
CA THR D 177 18.43 12.06 37.56
C THR D 177 19.95 12.24 37.40
N ALA D 178 20.40 13.45 37.05
CA ALA D 178 21.83 13.79 36.98
C ALA D 178 22.51 13.46 38.32
N GLU D 179 21.86 13.81 39.44
CA GLU D 179 22.41 13.61 40.80
C GLU D 179 22.49 12.10 41.09
N GLU D 180 21.44 11.34 40.76
CA GLU D 180 21.44 9.86 40.93
C GLU D 180 22.54 9.22 40.08
N ALA D 181 22.82 9.75 38.88
CA ALA D 181 23.83 9.20 37.95
C ALA D 181 25.24 9.43 38.55
N LYS D 182 25.46 10.57 39.20
CA LYS D 182 26.70 10.87 39.95
C LYS D 182 26.83 9.89 41.12
N GLU D 183 25.77 9.72 41.90
CA GLU D 183 25.75 8.77 43.05
C GLU D 183 26.09 7.36 42.55
N TYR D 184 25.60 6.99 41.36
CA TYR D 184 25.77 5.63 40.78
C TYR D 184 27.22 5.42 40.31
N GLY D 185 27.93 6.49 39.91
CA GLY D 185 29.28 6.40 39.30
C GLY D 185 29.27 6.47 37.77
N LEU D 186 28.15 6.81 37.13
CA LEU D 186 28.01 6.92 35.64
C LEU D 186 28.60 8.26 35.17
N ILE D 187 28.59 9.26 36.05
CA ILE D 187 29.24 10.58 35.84
C ILE D 187 29.98 10.97 37.13
N ASP D 188 30.82 11.99 37.03
CA ASP D 188 31.68 12.50 38.12
C ASP D 188 31.01 13.73 38.76
N GLU D 189 30.38 14.59 37.96
CA GLU D 189 29.86 15.90 38.40
C GLU D 189 28.59 16.27 37.63
N VAL D 190 27.68 16.95 38.32
CA VAL D 190 26.58 17.73 37.68
C VAL D 190 27.16 19.09 37.33
N MET D 191 27.15 19.47 36.05
CA MET D 191 27.77 20.73 35.56
C MET D 191 27.00 21.92 36.12
N VAL D 192 27.71 22.81 36.79
CA VAL D 192 27.15 24.03 37.44
C VAL D 192 27.17 25.17 36.43
N PRO D 193 26.11 26.02 36.41
CA PRO D 193 26.08 27.16 35.48
C PRO D 193 27.24 28.15 35.60
N GLU D 194 27.57 28.80 34.47
CA GLU D 194 28.41 30.02 34.43
C GLU D 194 27.81 31.07 35.38
N THR D 195 28.61 32.07 35.76
CA THR D 195 28.18 33.22 36.59
C THR D 195 27.76 34.37 35.66
N ILE E 5 27.81 14.86 8.60
CA ILE E 5 29.18 14.66 8.01
C ILE E 5 29.90 16.01 8.00
N PRO E 6 30.59 16.40 9.09
CA PRO E 6 31.17 17.74 9.19
C PRO E 6 32.25 18.08 8.15
N THR E 7 32.55 19.38 8.01
CA THR E 7 33.58 19.97 7.13
C THR E 7 34.82 20.38 7.96
N VAL E 8 35.98 20.50 7.31
CA VAL E 8 37.27 20.98 7.93
C VAL E 8 37.90 22.04 7.02
N TYR E 19 36.94 20.10 2.66
CA TYR E 19 36.92 18.64 2.91
C TYR E 19 35.74 18.28 3.83
N ASP E 20 35.07 17.15 3.60
CA ASP E 20 34.26 16.46 4.63
C ASP E 20 35.24 15.63 5.49
N ILE E 21 34.80 15.10 6.63
CA ILE E 21 35.73 14.49 7.63
C ILE E 21 36.45 13.30 6.97
N TYR E 22 35.76 12.52 6.14
CA TYR E 22 36.34 11.33 5.46
C TYR E 22 37.41 11.80 4.45
N SER E 23 37.18 12.93 3.76
CA SER E 23 38.12 13.50 2.76
C SER E 23 39.40 13.97 3.47
N ARG E 24 39.26 14.53 4.66
CA ARG E 24 40.40 14.98 5.50
C ARG E 24 41.21 13.75 5.93
N LEU E 25 40.57 12.66 6.38
CA LEU E 25 41.30 11.43 6.81
C LEU E 25 41.99 10.78 5.59
N LEU E 26 41.39 10.89 4.41
CA LEU E 26 41.96 10.33 3.15
C LEU E 26 43.32 11.02 2.89
N LYS E 27 43.45 12.28 3.28
CA LYS E 27 44.71 13.06 3.17
C LYS E 27 45.82 12.36 3.97
N ASP E 28 45.47 11.63 5.04
CA ASP E 28 46.44 10.90 5.91
C ASP E 28 46.46 9.41 5.53
N ARG E 29 45.97 9.07 4.33
CA ARG E 29 46.00 7.70 3.76
C ARG E 29 45.13 6.77 4.61
N ILE E 30 44.04 7.31 5.17
CA ILE E 30 43.03 6.54 5.96
C ILE E 30 41.75 6.40 5.15
N ILE E 31 41.27 5.16 5.00
CA ILE E 31 39.96 4.82 4.39
C ILE E 31 39.07 4.26 5.48
N MET E 32 37.84 4.77 5.59
CA MET E 32 36.85 4.38 6.63
C MET E 32 35.74 3.57 5.95
N LEU E 33 35.67 2.27 6.24
CA LEU E 33 34.53 1.40 5.87
C LEU E 33 33.64 1.26 7.10
N GLY E 34 32.44 1.86 7.04
CA GLY E 34 31.45 1.86 8.15
C GLY E 34 30.06 1.54 7.65
N SER E 35 29.95 0.60 6.71
CA SER E 35 28.66 0.25 6.06
C SER E 35 28.74 -1.16 5.50
N GLN E 36 27.59 -1.65 5.00
CA GLN E 36 27.50 -2.86 4.16
C GLN E 36 28.35 -2.63 2.91
N ILE E 37 28.77 -3.72 2.29
CA ILE E 37 29.61 -3.73 1.05
C ILE E 37 28.69 -4.07 -0.11
N ASP E 38 28.47 -3.11 -1.00
CA ASP E 38 27.77 -3.31 -2.29
C ASP E 38 28.71 -2.79 -3.37
N ASP E 39 28.31 -2.84 -4.64
CA ASP E 39 29.19 -2.44 -5.78
C ASP E 39 29.56 -0.95 -5.66
N ASN E 40 28.65 -0.10 -5.14
CA ASN E 40 28.89 1.36 -4.98
C ASN E 40 30.00 1.59 -3.95
N VAL E 41 29.91 0.90 -2.81
CA VAL E 41 30.90 1.04 -1.70
C VAL E 41 32.26 0.50 -2.21
N ALA E 42 32.26 -0.65 -2.89
CA ALA E 42 33.49 -1.26 -3.48
C ALA E 42 34.11 -0.30 -4.50
N ASN E 43 33.29 0.31 -5.36
CA ASN E 43 33.75 1.25 -6.41
C ASN E 43 34.44 2.43 -5.72
N SER E 44 33.88 2.92 -4.61
CA SER E 44 34.47 4.03 -3.80
C SER E 44 35.81 3.60 -3.19
N ILE E 45 35.86 2.44 -2.54
CA ILE E 45 37.08 2.02 -1.80
C ILE E 45 38.20 1.70 -2.79
N VAL E 46 37.88 1.00 -3.88
CA VAL E 46 38.87 0.70 -4.95
C VAL E 46 39.44 2.03 -5.46
N SER E 47 38.57 3.00 -5.81
CA SER E 47 38.99 4.33 -6.31
C SER E 47 39.91 5.02 -5.28
N GLN E 48 39.59 4.92 -3.99
CA GLN E 48 40.43 5.52 -2.92
C GLN E 48 41.79 4.81 -2.90
N LEU E 49 41.82 3.47 -3.03
CA LEU E 49 43.10 2.71 -3.00
C LEU E 49 43.96 3.12 -4.20
N LEU E 50 43.36 3.22 -5.38
CA LEU E 50 44.07 3.62 -6.63
C LEU E 50 44.63 5.03 -6.48
N PHE E 51 43.83 5.95 -5.95
CA PHE E 51 44.23 7.36 -5.72
C PHE E 51 45.44 7.39 -4.76
N LEU E 52 45.35 6.68 -3.63
CA LEU E 52 46.45 6.68 -2.62
C LEU E 52 47.71 6.05 -3.21
N GLN E 53 47.61 4.95 -3.97
CA GLN E 53 48.81 4.36 -4.66
C GLN E 53 49.45 5.40 -5.60
N ALA E 54 48.65 6.14 -6.38
CA ALA E 54 49.15 7.16 -7.35
C ALA E 54 49.84 8.31 -6.60
N GLN E 55 49.35 8.68 -5.41
CA GLN E 55 49.96 9.77 -4.59
C GLN E 55 51.33 9.31 -4.08
N ASP E 56 51.43 8.06 -3.59
CA ASP E 56 52.66 7.49 -3.00
C ASP E 56 52.55 5.97 -3.01
N SER E 57 53.43 5.29 -3.75
CA SER E 57 53.38 3.82 -3.96
C SER E 57 54.09 3.05 -2.83
N GLU E 58 54.74 3.75 -1.88
CA GLU E 58 55.54 3.10 -0.81
C GLU E 58 54.83 3.19 0.56
N LYS E 59 54.12 4.29 0.83
CA LYS E 59 53.59 4.56 2.19
C LYS E 59 52.38 3.69 2.49
N ASP E 60 52.25 3.24 3.74
CA ASP E 60 51.14 2.37 4.18
C ASP E 60 49.80 3.11 3.97
N ILE E 61 48.75 2.34 3.73
CA ILE E 61 47.32 2.77 3.73
C ILE E 61 46.66 2.13 4.96
N TYR E 62 45.72 2.82 5.60
CA TYR E 62 44.99 2.38 6.81
C TYR E 62 43.49 2.25 6.46
N LEU E 63 42.99 1.03 6.55
CA LEU E 63 41.58 0.67 6.25
C LEU E 63 40.91 0.25 7.56
N TYR E 64 40.12 1.14 8.15
CA TYR E 64 39.23 0.85 9.30
C TYR E 64 37.99 0.11 8.79
N ILE E 65 37.65 -1.01 9.43
CA ILE E 65 36.52 -1.87 9.03
C ILE E 65 35.53 -1.99 10.20
N ASN E 66 34.34 -1.44 9.99
CA ASN E 66 33.13 -1.71 10.80
C ASN E 66 32.03 -2.05 9.80
N SER E 67 31.81 -3.34 9.52
CA SER E 67 30.94 -3.77 8.40
C SER E 67 30.27 -5.11 8.72
N PRO E 68 28.97 -5.26 8.38
CA PRO E 68 28.32 -6.57 8.41
C PRO E 68 28.54 -7.40 7.14
N GLY E 69 29.33 -6.87 6.20
CA GLY E 69 29.63 -7.51 4.91
C GLY E 69 28.67 -7.05 3.84
N GLY E 70 28.33 -7.94 2.89
CA GLY E 70 27.42 -7.63 1.77
C GLY E 70 27.72 -8.52 0.60
N SER E 71 27.85 -7.95 -0.61
CA SER E 71 28.10 -8.70 -1.87
C SER E 71 29.48 -9.37 -1.82
N VAL E 72 29.54 -10.68 -2.09
CA VAL E 72 30.82 -11.43 -2.18
C VAL E 72 31.66 -10.81 -3.31
N THR E 73 31.09 -10.58 -4.50
CA THR E 73 31.89 -10.09 -5.66
C THR E 73 32.37 -8.66 -5.36
N ALA E 74 31.55 -7.81 -4.77
CA ALA E 74 31.97 -6.46 -4.32
C ALA E 74 33.15 -6.60 -3.34
N GLY E 75 33.08 -7.56 -2.42
CA GLY E 75 34.18 -7.88 -1.49
C GLY E 75 35.46 -8.24 -2.22
N PHE E 76 35.38 -9.11 -3.24
CA PHE E 76 36.54 -9.53 -4.06
C PHE E 76 37.12 -8.37 -4.88
N ALA E 77 36.30 -7.41 -5.32
CA ALA E 77 36.82 -6.20 -6.01
C ALA E 77 37.79 -5.48 -5.07
N ILE E 78 37.41 -5.30 -3.79
CA ILE E 78 38.27 -4.63 -2.77
C ILE E 78 39.48 -5.53 -2.48
N TYR E 79 39.24 -6.82 -2.24
CA TYR E 79 40.29 -7.80 -1.88
C TYR E 79 41.42 -7.74 -2.92
N ASP E 80 41.06 -7.93 -4.19
CA ASP E 80 42.05 -8.03 -5.30
C ASP E 80 42.81 -6.69 -5.42
N THR E 81 42.13 -5.56 -5.22
CA THR E 81 42.76 -4.21 -5.31
C THR E 81 43.78 -4.05 -4.19
N ILE E 82 43.45 -4.50 -2.97
CA ILE E 82 44.40 -4.51 -1.83
C ILE E 82 45.65 -5.30 -2.23
N GLN E 83 45.49 -6.52 -2.77
CA GLN E 83 46.65 -7.40 -3.05
C GLN E 83 47.41 -6.83 -4.24
N HIS E 84 46.73 -6.12 -5.13
CA HIS E 84 47.32 -5.63 -6.41
C HIS E 84 48.29 -4.47 -6.15
N ILE E 85 47.91 -3.50 -5.32
CA ILE E 85 48.65 -2.21 -5.23
C ILE E 85 49.96 -2.45 -4.47
N LYS E 86 50.95 -1.58 -4.68
CA LYS E 86 52.29 -1.72 -4.06
C LYS E 86 52.21 -1.45 -2.55
N PRO E 87 51.60 -0.33 -2.06
CA PRO E 87 51.53 -0.05 -0.63
C PRO E 87 50.90 -1.18 0.21
N ASP E 88 51.46 -1.43 1.39
CA ASP E 88 50.81 -2.26 2.44
C ASP E 88 49.51 -1.57 2.85
N VAL E 89 48.45 -2.38 3.01
CA VAL E 89 47.14 -1.91 3.52
C VAL E 89 46.94 -2.52 4.91
N GLN E 90 47.03 -1.69 5.95
CA GLN E 90 46.74 -2.10 7.35
C GLN E 90 45.22 -2.19 7.45
N THR E 91 44.72 -3.18 8.20
CA THR E 91 43.28 -3.30 8.50
C THR E 91 43.11 -3.18 10.02
N ILE E 92 42.13 -2.40 10.42
CA ILE E 92 41.81 -2.12 11.84
C ILE E 92 40.31 -2.31 12.02
N CYS E 93 39.92 -3.37 12.71
CA CYS E 93 38.52 -3.68 13.04
C CYS E 93 38.07 -2.85 14.25
N ILE E 94 37.01 -2.06 14.10
CA ILE E 94 36.30 -1.36 15.21
C ILE E 94 34.83 -1.80 15.14
N GLY E 95 34.19 -2.02 16.27
CA GLY E 95 32.79 -2.49 16.33
C GLY E 95 32.63 -3.94 15.91
N MET E 96 32.49 -4.21 14.61
CA MET E 96 32.22 -5.56 14.07
C MET E 96 32.75 -5.67 12.64
N ALA E 97 33.49 -6.75 12.36
CA ALA E 97 33.84 -7.20 11.00
C ALA E 97 33.17 -8.57 10.83
N ALA E 98 32.00 -8.57 10.19
CA ALA E 98 31.25 -9.83 10.01
C ALA E 98 31.19 -10.20 8.52
N SER E 99 31.00 -11.48 8.25
CA SER E 99 30.78 -12.03 6.92
C SER E 99 31.91 -11.59 5.97
N MET E 100 31.59 -10.86 4.91
CA MET E 100 32.66 -10.35 4.01
C MET E 100 33.55 -9.32 4.75
N GLY E 101 33.05 -8.60 5.74
CA GLY E 101 33.90 -7.72 6.55
C GLY E 101 35.04 -8.47 7.22
N SER E 102 34.78 -9.64 7.81
CA SER E 102 35.88 -10.43 8.40
C SER E 102 36.88 -10.84 7.32
N PHE E 103 36.40 -11.20 6.13
CA PHE E 103 37.25 -11.62 4.98
C PHE E 103 38.21 -10.47 4.62
N LEU E 104 37.70 -9.25 4.51
CA LEU E 104 38.54 -8.05 4.19
C LEU E 104 39.50 -7.75 5.35
N LEU E 105 39.12 -7.99 6.61
CA LEU E 105 40.01 -7.74 7.78
C LEU E 105 41.23 -8.67 7.67
N ALA E 106 41.00 -9.94 7.35
CA ALA E 106 42.04 -10.98 7.12
C ALA E 106 42.88 -10.68 5.86
N ALA E 107 42.43 -9.78 4.98
CA ALA E 107 43.07 -9.46 3.68
C ALA E 107 44.20 -8.43 3.85
N GLY E 108 44.29 -7.77 5.01
CA GLY E 108 45.32 -6.76 5.30
C GLY E 108 46.72 -7.34 5.24
N ALA E 109 47.73 -6.48 5.06
CA ALA E 109 49.15 -6.87 5.02
C ALA E 109 49.46 -7.71 6.28
N LYS E 110 50.06 -8.88 6.08
CA LYS E 110 50.48 -9.79 7.20
C LYS E 110 51.34 -8.98 8.18
N GLY E 111 51.00 -9.03 9.47
CA GLY E 111 51.65 -8.26 10.55
C GLY E 111 51.02 -6.89 10.78
N LYS E 112 50.06 -6.46 9.95
CA LYS E 112 49.41 -5.13 10.05
C LYS E 112 47.89 -5.27 10.01
N ARG E 113 47.37 -6.38 10.54
CA ARG E 113 45.92 -6.62 10.74
C ARG E 113 45.63 -6.53 12.24
N PHE E 114 44.71 -5.64 12.61
CA PHE E 114 44.45 -5.28 14.02
C PHE E 114 42.94 -5.31 14.31
N ALA E 115 42.61 -5.48 15.59
CA ALA E 115 41.27 -5.19 16.15
C ALA E 115 41.47 -4.47 17.48
N LEU E 116 40.58 -3.53 17.79
CA LEU E 116 40.50 -2.91 19.13
C LEU E 116 39.85 -3.92 20.08
N PRO E 117 40.07 -3.81 21.40
CA PRO E 117 39.80 -4.90 22.33
C PRO E 117 38.33 -5.39 22.38
N ASN E 118 37.36 -4.50 22.12
CA ASN E 118 35.92 -4.82 22.24
C ASN E 118 35.29 -5.03 20.86
N ALA E 119 36.07 -4.92 19.80
CA ALA E 119 35.61 -5.23 18.43
C ALA E 119 35.29 -6.72 18.33
N GLU E 120 34.31 -7.05 17.51
CA GLU E 120 33.87 -8.45 17.28
C GLU E 120 34.19 -8.83 15.84
N VAL E 121 34.49 -10.11 15.62
CA VAL E 121 34.69 -10.71 14.29
C VAL E 121 33.71 -11.88 14.18
N MET E 122 33.02 -12.00 13.05
CA MET E 122 32.07 -13.10 12.78
C MET E 122 32.40 -13.68 11.41
N ILE E 123 32.67 -14.98 11.37
CA ILE E 123 32.92 -15.74 10.11
C ILE E 123 31.72 -16.66 9.84
N HIS E 124 31.35 -16.81 8.58
CA HIS E 124 30.18 -17.62 8.16
C HIS E 124 30.29 -17.96 6.67
N GLN E 125 29.73 -19.10 6.28
CA GLN E 125 29.59 -19.54 4.86
C GLN E 125 28.75 -18.50 4.14
N PRO E 126 28.96 -18.32 2.81
CA PRO E 126 28.16 -17.38 2.03
C PRO E 126 26.70 -17.83 1.88
N LEU E 127 25.85 -16.89 1.49
CA LEU E 127 24.42 -17.13 1.18
C LEU E 127 24.22 -16.89 -0.32
N GLY E 128 23.12 -17.40 -0.84
CA GLY E 128 22.75 -17.20 -2.26
C GLY E 128 21.27 -17.46 -2.48
N GLY E 129 20.86 -17.38 -3.74
CA GLY E 129 19.48 -17.58 -4.17
C GLY E 129 19.46 -18.19 -5.55
N ALA E 130 18.57 -19.15 -5.76
CA ALA E 130 18.36 -19.82 -7.06
C ALA E 130 16.86 -19.99 -7.26
N GLN E 131 16.32 -19.46 -8.35
CA GLN E 131 14.89 -19.55 -8.73
C GLN E 131 14.84 -20.04 -10.18
N GLY E 132 13.89 -20.92 -10.47
CA GLY E 132 13.51 -21.25 -11.85
C GLY E 132 13.66 -22.73 -12.13
N GLN E 133 13.99 -23.05 -13.37
CA GLN E 133 14.04 -24.43 -13.90
C GLN E 133 15.14 -25.19 -13.15
N ALA E 134 14.95 -26.50 -12.98
CA ALA E 134 15.91 -27.41 -12.32
C ALA E 134 17.33 -27.15 -12.84
N THR E 135 17.48 -26.99 -14.15
CA THR E 135 18.80 -26.79 -14.84
C THR E 135 19.44 -25.46 -14.41
N GLU E 136 18.65 -24.38 -14.27
CA GLU E 136 19.11 -23.07 -13.74
C GLU E 136 19.56 -23.24 -12.28
N ILE E 137 18.79 -23.95 -11.47
CA ILE E 137 19.09 -24.13 -10.01
C ILE E 137 20.42 -24.89 -9.87
N GLU E 138 20.64 -25.91 -10.68
CA GLU E 138 21.91 -26.67 -10.71
C GLU E 138 23.09 -25.73 -10.99
N ILE E 139 22.98 -24.87 -12.01
CA ILE E 139 24.08 -23.92 -12.36
C ILE E 139 24.32 -22.98 -11.18
N ALA E 140 23.26 -22.43 -10.58
CA ALA E 140 23.34 -21.46 -9.46
C ALA E 140 23.98 -22.14 -8.24
N ALA E 141 23.60 -23.39 -7.93
CA ALA E 141 24.13 -24.15 -6.77
C ALA E 141 25.64 -24.42 -6.97
N ASN E 142 26.02 -24.90 -8.16
CA ASN E 142 27.44 -25.20 -8.50
C ASN E 142 28.28 -23.93 -8.32
N HIS E 143 27.78 -22.78 -8.78
CA HIS E 143 28.47 -21.46 -8.66
C HIS E 143 28.68 -21.13 -7.17
N ILE E 144 27.64 -21.28 -6.36
CA ILE E 144 27.69 -20.94 -4.90
C ILE E 144 28.72 -21.85 -4.22
N LEU E 145 28.72 -23.16 -4.53
CA LEU E 145 29.65 -24.14 -3.92
C LEU E 145 31.10 -23.81 -4.32
N LYS E 146 31.33 -23.50 -5.59
CA LYS E 146 32.70 -23.13 -6.07
C LYS E 146 33.16 -21.84 -5.40
N THR E 147 32.28 -20.88 -5.20
CA THR E 147 32.60 -19.57 -4.57
C THR E 147 32.97 -19.80 -3.09
N ARG E 148 32.27 -20.71 -2.40
CA ARG E 148 32.60 -21.06 -1.00
C ARG E 148 33.99 -21.70 -0.91
N GLU E 149 34.34 -22.56 -1.88
CA GLU E 149 35.66 -23.22 -1.94
C GLU E 149 36.74 -22.15 -2.12
N LYS E 150 36.49 -21.16 -2.98
CA LYS E 150 37.43 -20.03 -3.25
C LYS E 150 37.59 -19.21 -1.96
N LEU E 151 36.49 -18.84 -1.32
CA LEU E 151 36.53 -18.07 -0.03
C LEU E 151 37.34 -18.86 1.01
N ASN E 152 37.14 -20.18 1.07
CA ASN E 152 37.76 -21.04 2.12
C ASN E 152 39.25 -21.16 1.84
N ARG E 153 39.63 -21.34 0.58
CA ARG E 153 41.04 -21.48 0.16
C ARG E 153 41.82 -20.22 0.55
N ILE E 154 41.28 -19.04 0.26
CA ILE E 154 41.97 -17.74 0.55
C ILE E 154 41.99 -17.54 2.08
N LEU E 155 40.90 -17.81 2.78
CA LEU E 155 40.88 -17.65 4.26
C LEU E 155 41.91 -18.58 4.89
N SER E 156 42.07 -19.79 4.36
CA SER E 156 43.11 -20.75 4.79
C SER E 156 44.51 -20.13 4.64
N GLU E 157 44.83 -19.59 3.45
CA GLU E 157 46.11 -18.88 3.14
C GLU E 157 46.30 -17.68 4.09
N ARG E 158 45.24 -16.96 4.44
CA ARG E 158 45.34 -15.72 5.26
C ARG E 158 45.54 -16.05 6.74
N THR E 159 44.99 -17.17 7.22
CA THR E 159 44.91 -17.47 8.68
C THR E 159 45.94 -18.54 9.08
N GLY E 160 46.35 -19.40 8.15
CA GLY E 160 47.17 -20.59 8.45
C GLY E 160 46.34 -21.74 9.00
N GLN E 161 45.00 -21.63 8.99
CA GLN E 161 44.05 -22.70 9.37
C GLN E 161 43.75 -23.56 8.15
N SER E 162 43.52 -24.86 8.34
CA SER E 162 43.19 -25.79 7.23
C SER E 162 41.84 -25.41 6.62
N ILE E 163 41.62 -25.75 5.35
CA ILE E 163 40.31 -25.58 4.66
C ILE E 163 39.24 -26.40 5.40
N GLU E 164 39.60 -27.56 5.96
CA GLU E 164 38.64 -28.47 6.65
C GLU E 164 38.14 -27.79 7.93
N LYS E 165 39.04 -27.13 8.67
CA LYS E 165 38.69 -26.38 9.90
C LYS E 165 37.82 -25.17 9.55
N ILE E 166 38.17 -24.41 8.50
CA ILE E 166 37.42 -23.20 8.03
C ILE E 166 36.00 -23.62 7.65
N GLN E 167 35.84 -24.71 6.88
CA GLN E 167 34.54 -25.28 6.44
C GLN E 167 33.68 -25.56 7.68
N LYS E 168 34.22 -26.31 8.64
CA LYS E 168 33.57 -26.69 9.92
C LYS E 168 33.21 -25.45 10.74
N ASP E 169 34.12 -24.48 10.85
CA ASP E 169 33.97 -23.29 11.74
C ASP E 169 33.00 -22.26 11.14
N THR E 170 32.70 -22.32 9.84
CA THR E 170 31.84 -21.34 9.13
C THR E 170 30.48 -21.94 8.74
N ASP E 171 30.17 -23.17 9.14
CA ASP E 171 28.88 -23.82 8.82
C ASP E 171 27.76 -22.97 9.44
N ARG E 172 27.94 -22.55 10.69
CA ARG E 172 27.01 -21.65 11.43
C ARG E 172 27.74 -20.33 11.72
N ASP E 173 27.00 -19.28 12.05
CA ASP E 173 27.54 -17.99 12.56
C ASP E 173 28.56 -18.29 13.66
N ASN E 174 29.78 -17.77 13.53
CA ASN E 174 30.89 -18.04 14.47
C ASN E 174 31.42 -16.68 14.97
N PHE E 175 31.02 -16.29 16.18
CA PHE E 175 31.40 -15.01 16.83
C PHE E 175 32.72 -15.17 17.57
N LEU E 176 33.70 -14.31 17.27
CA LEU E 176 35.04 -14.29 17.91
C LEU E 176 35.24 -12.92 18.58
N THR E 177 35.78 -12.94 19.79
CA THR E 177 36.39 -11.75 20.46
C THR E 177 37.62 -11.34 19.65
N ALA E 178 38.16 -10.15 19.88
CA ALA E 178 39.40 -9.66 19.23
C ALA E 178 40.53 -10.66 19.50
N GLU E 179 40.67 -11.11 20.75
CA GLU E 179 41.73 -12.07 21.17
C GLU E 179 41.55 -13.40 20.44
N GLU E 180 40.32 -13.90 20.33
CA GLU E 180 40.02 -15.18 19.63
C GLU E 180 40.34 -15.03 18.14
N ALA E 181 40.11 -13.86 17.55
CA ALA E 181 40.36 -13.58 16.12
C ALA E 181 41.87 -13.61 15.87
N LYS E 182 42.65 -13.10 16.82
CA LYS E 182 44.13 -13.14 16.77
C LYS E 182 44.59 -14.61 16.85
N GLU E 183 44.05 -15.38 17.80
CA GLU E 183 44.45 -16.79 17.98
C GLU E 183 44.06 -17.59 16.73
N TYR E 184 43.00 -17.18 16.03
CA TYR E 184 42.51 -17.85 14.79
C TYR E 184 43.44 -17.54 13.62
N GLY E 185 44.15 -16.41 13.67
CA GLY E 185 44.99 -15.92 12.55
C GLY E 185 44.28 -14.98 11.60
N LEU E 186 43.10 -14.47 11.95
CA LEU E 186 42.37 -13.44 11.16
C LEU E 186 43.04 -12.07 11.33
N ILE E 187 43.60 -11.79 12.52
CA ILE E 187 44.38 -10.56 12.83
C ILE E 187 45.73 -10.97 13.42
N ASP E 188 46.66 -10.01 13.47
CA ASP E 188 48.03 -10.21 14.01
C ASP E 188 48.11 -9.74 15.47
N GLU E 189 47.40 -8.67 15.83
CA GLU E 189 47.49 -8.08 17.20
C GLU E 189 46.17 -7.43 17.58
N VAL E 190 45.81 -7.50 18.87
CA VAL E 190 44.77 -6.65 19.50
C VAL E 190 45.46 -5.36 19.96
N MET E 191 45.05 -4.20 19.45
CA MET E 191 45.60 -2.88 19.86
C MET E 191 44.97 -2.48 21.20
N VAL E 192 45.71 -2.68 22.29
CA VAL E 192 45.28 -2.37 23.68
C VAL E 192 45.59 -0.89 23.94
N PRO E 193 44.75 -0.17 24.72
CA PRO E 193 45.03 1.24 25.01
C PRO E 193 46.42 1.42 25.64
N GLU E 194 47.18 2.42 25.17
CA GLU E 194 48.57 2.69 25.61
C GLU E 194 48.57 3.59 26.85
N THR E 195 47.53 4.42 27.04
CA THR E 195 47.44 5.43 28.15
C THR E 195 46.19 5.25 29.05
N LYS E 196 45.26 4.37 28.70
CA LYS E 196 43.93 4.26 29.37
C LYS E 196 43.59 2.79 29.64
N ILE F 5 32.20 9.37 -3.46
CA ILE F 5 31.69 10.04 -2.22
C ILE F 5 32.75 11.02 -1.70
N PRO F 6 34.02 10.65 -1.38
CA PRO F 6 34.98 11.60 -0.82
C PRO F 6 35.54 12.62 -1.84
N THR F 7 36.04 13.76 -1.32
CA THR F 7 36.66 14.88 -2.08
C THR F 7 38.19 14.81 -1.95
N VAL F 8 38.91 15.26 -2.99
CA VAL F 8 40.40 15.38 -2.99
C VAL F 8 40.77 16.87 -3.12
N TYR F 19 37.72 18.08 -6.45
CA TYR F 19 37.31 16.85 -7.19
C TYR F 19 36.72 15.79 -6.23
N ASP F 20 35.59 15.19 -6.61
CA ASP F 20 35.17 13.88 -6.04
C ASP F 20 36.16 12.81 -6.53
N ILE F 21 36.27 11.68 -5.83
CA ILE F 21 37.30 10.65 -6.09
C ILE F 21 37.23 10.20 -7.57
N TYR F 22 36.05 10.09 -8.16
CA TYR F 22 35.88 9.60 -9.56
C TYR F 22 36.44 10.64 -10.55
N SER F 23 36.16 11.91 -10.31
CA SER F 23 36.64 13.06 -11.15
C SER F 23 38.17 13.14 -11.04
N ARG F 24 38.74 12.76 -9.89
CA ARG F 24 40.21 12.76 -9.70
C ARG F 24 40.83 11.64 -10.55
N LEU F 25 40.19 10.45 -10.59
CA LEU F 25 40.66 9.31 -11.41
C LEU F 25 40.50 9.63 -12.90
N LEU F 26 39.41 10.30 -13.29
CA LEU F 26 39.16 10.75 -14.69
C LEU F 26 40.35 11.59 -15.18
N LYS F 27 40.93 12.41 -14.31
CA LYS F 27 42.11 13.26 -14.61
C LYS F 27 43.28 12.39 -15.10
N ASP F 28 43.40 11.16 -14.60
CA ASP F 28 44.43 10.15 -15.00
C ASP F 28 43.86 9.16 -16.04
N ARG F 29 42.75 9.52 -16.70
CA ARG F 29 42.15 8.78 -17.85
C ARG F 29 41.60 7.44 -17.36
N ILE F 30 41.10 7.40 -16.12
CA ILE F 30 40.45 6.19 -15.53
C ILE F 30 38.95 6.43 -15.45
N ILE F 31 38.16 5.49 -15.95
CA ILE F 31 36.67 5.49 -15.89
C ILE F 31 36.27 4.28 -15.04
N MET F 32 35.44 4.50 -14.03
CA MET F 32 35.00 3.42 -13.12
C MET F 32 33.55 3.06 -13.49
N LEU F 33 33.32 1.84 -13.95
CA LEU F 33 31.96 1.27 -14.05
C LEU F 33 31.78 0.33 -12.86
N GLY F 34 30.92 0.71 -11.91
CA GLY F 34 30.62 -0.09 -10.71
C GLY F 34 29.13 -0.18 -10.46
N SER F 35 28.34 -0.39 -11.52
CA SER F 35 26.86 -0.46 -11.42
C SER F 35 26.28 -1.20 -12.62
N GLN F 36 24.96 -1.40 -12.57
CA GLN F 36 24.13 -1.87 -13.70
C GLN F 36 24.31 -0.85 -14.84
N ILE F 37 24.14 -1.31 -16.07
CA ILE F 37 24.20 -0.44 -17.28
C ILE F 37 22.77 -0.06 -17.68
N ASP F 38 22.42 1.20 -17.54
CA ASP F 38 21.16 1.76 -18.10
C ASP F 38 21.56 2.92 -19.01
N ASP F 39 20.59 3.60 -19.61
CA ASP F 39 20.85 4.71 -20.57
C ASP F 39 21.59 5.85 -19.86
N ASN F 40 21.30 6.13 -18.58
CA ASN F 40 21.95 7.19 -17.77
C ASN F 40 23.44 6.86 -17.61
N VAL F 41 23.75 5.63 -17.19
CA VAL F 41 25.14 5.15 -17.00
C VAL F 41 25.87 5.19 -18.36
N ALA F 42 25.23 4.74 -19.43
CA ALA F 42 25.82 4.72 -20.79
C ALA F 42 26.15 6.16 -21.21
N ASN F 43 25.21 7.07 -20.98
CA ASN F 43 25.36 8.50 -21.34
C ASN F 43 26.61 9.08 -20.62
N SER F 44 26.79 8.74 -19.34
CA SER F 44 27.93 9.22 -18.52
C SER F 44 29.24 8.61 -19.03
N ILE F 45 29.27 7.31 -19.30
CA ILE F 45 30.51 6.62 -19.74
C ILE F 45 30.87 7.08 -21.16
N VAL F 46 29.89 7.24 -22.05
CA VAL F 46 30.13 7.75 -23.43
C VAL F 46 30.71 9.16 -23.34
N SER F 47 30.13 10.02 -22.50
CA SER F 47 30.56 11.44 -22.35
C SER F 47 32.01 11.49 -21.82
N GLN F 48 32.37 10.61 -20.89
CA GLN F 48 33.74 10.49 -20.33
C GLN F 48 34.71 10.10 -21.45
N LEU F 49 34.35 9.07 -22.24
CA LEU F 49 35.17 8.60 -23.38
C LEU F 49 35.39 9.75 -24.37
N LEU F 50 34.35 10.50 -24.74
CA LEU F 50 34.45 11.62 -25.70
C LEU F 50 35.35 12.72 -25.12
N PHE F 51 35.20 13.02 -23.83
CA PHE F 51 36.01 14.03 -23.10
C PHE F 51 37.48 13.60 -23.12
N LEU F 52 37.77 12.35 -22.78
CA LEU F 52 39.18 11.88 -22.69
C LEU F 52 39.82 11.92 -24.08
N GLN F 53 39.07 11.55 -25.12
CA GLN F 53 39.55 11.65 -26.53
C GLN F 53 39.87 13.12 -26.84
N ALA F 54 39.00 14.07 -26.50
CA ALA F 54 39.18 15.52 -26.77
C ALA F 54 40.42 16.05 -26.03
N GLN F 55 40.69 15.57 -24.81
CA GLN F 55 41.88 15.97 -24.03
C GLN F 55 43.15 15.45 -24.69
N ASP F 56 43.14 14.20 -25.15
CA ASP F 56 44.30 13.54 -25.80
C ASP F 56 43.80 12.34 -26.62
N SER F 57 43.98 12.41 -27.94
CA SER F 57 43.45 11.40 -28.90
C SER F 57 44.39 10.18 -28.97
N GLU F 58 45.55 10.22 -28.32
CA GLU F 58 46.60 9.18 -28.50
C GLU F 58 46.88 8.40 -27.20
N LYS F 59 46.59 8.95 -26.02
CA LYS F 59 46.92 8.28 -24.73
C LYS F 59 45.83 7.27 -24.39
N ASP F 60 46.23 6.13 -23.81
CA ASP F 60 45.29 5.06 -23.38
C ASP F 60 44.29 5.60 -22.35
N ILE F 61 43.11 5.00 -22.35
CA ILE F 61 42.02 5.14 -21.35
C ILE F 61 41.94 3.80 -20.61
N TYR F 62 41.65 3.82 -19.32
CA TYR F 62 41.48 2.61 -18.48
C TYR F 62 40.04 2.57 -17.99
N LEU F 63 39.30 1.52 -18.36
CA LEU F 63 37.88 1.31 -18.00
C LEU F 63 37.80 0.11 -17.05
N TYR F 64 37.59 0.38 -15.76
CA TYR F 64 37.36 -0.65 -14.72
C TYR F 64 35.91 -1.12 -14.82
N ILE F 65 35.69 -2.44 -14.79
CA ILE F 65 34.33 -3.01 -14.95
C ILE F 65 34.03 -3.90 -13.76
N ASN F 66 33.09 -3.47 -12.93
CA ASN F 66 32.38 -4.33 -11.94
C ASN F 66 30.89 -4.09 -12.17
N SER F 67 30.26 -4.96 -12.95
CA SER F 67 28.86 -4.73 -13.44
C SER F 67 28.13 -6.04 -13.62
N PRO F 68 26.83 -6.12 -13.22
CA PRO F 68 25.96 -7.26 -13.56
C PRO F 68 25.33 -7.13 -14.95
N GLY F 69 25.65 -6.05 -15.66
CA GLY F 69 25.09 -5.73 -16.98
C GLY F 69 23.86 -4.86 -16.87
N GLY F 70 22.91 -5.04 -17.77
CA GLY F 70 21.67 -4.24 -17.83
C GLY F 70 21.19 -4.14 -19.27
N SER F 71 20.89 -2.94 -19.75
CA SER F 71 20.29 -2.74 -21.10
C SER F 71 21.32 -3.14 -22.16
N VAL F 72 20.90 -3.98 -23.10
CA VAL F 72 21.71 -4.36 -24.30
C VAL F 72 22.00 -3.10 -25.14
N THR F 73 21.00 -2.27 -25.43
CA THR F 73 21.22 -1.08 -26.30
C THR F 73 22.13 -0.10 -25.58
N ALA F 74 22.01 0.06 -24.25
CA ALA F 74 22.89 0.93 -23.45
C ALA F 74 24.33 0.38 -23.51
N GLY F 75 24.50 -0.94 -23.45
CA GLY F 75 25.82 -1.58 -23.59
C GLY F 75 26.43 -1.30 -24.96
N PHE F 76 25.61 -1.32 -26.01
CA PHE F 76 26.05 -1.06 -27.39
C PHE F 76 26.43 0.41 -27.58
N ALA F 77 25.77 1.35 -26.88
CA ALA F 77 26.19 2.77 -26.88
C ALA F 77 27.66 2.86 -26.45
N ILE F 78 28.02 2.18 -25.37
CA ILE F 78 29.41 2.13 -24.82
C ILE F 78 30.32 1.37 -25.80
N TYR F 79 29.93 0.17 -26.21
CA TYR F 79 30.71 -0.67 -27.16
C TYR F 79 31.13 0.17 -28.38
N ASP F 80 30.16 0.80 -29.06
CA ASP F 80 30.43 1.53 -30.32
C ASP F 80 31.33 2.73 -30.06
N THR F 81 31.16 3.42 -28.93
CA THR F 81 31.95 4.62 -28.59
C THR F 81 33.40 4.18 -28.40
N ILE F 82 33.63 3.07 -27.70
CA ILE F 82 35.00 2.49 -27.51
C ILE F 82 35.64 2.27 -28.89
N GLN F 83 34.95 1.62 -29.82
CA GLN F 83 35.55 1.27 -31.13
C GLN F 83 35.74 2.53 -31.98
N HIS F 84 34.88 3.55 -31.77
CA HIS F 84 34.84 4.78 -32.61
C HIS F 84 36.03 5.70 -32.27
N ILE F 85 36.38 5.85 -31.00
CA ILE F 85 37.39 6.86 -30.57
C ILE F 85 38.78 6.35 -30.93
N LYS F 86 39.75 7.27 -31.03
CA LYS F 86 41.13 6.94 -31.42
C LYS F 86 41.88 6.24 -30.28
N PRO F 87 41.83 6.72 -29.02
CA PRO F 87 42.56 6.08 -27.93
C PRO F 87 42.17 4.61 -27.74
N ASP F 88 43.18 3.75 -27.47
CA ASP F 88 42.98 2.37 -26.93
C ASP F 88 42.27 2.48 -25.58
N VAL F 89 41.23 1.66 -25.38
CA VAL F 89 40.50 1.57 -24.09
C VAL F 89 40.89 0.21 -23.48
N GLN F 90 41.70 0.23 -22.42
CA GLN F 90 42.02 -0.98 -21.63
C GLN F 90 40.80 -1.31 -20.77
N THR F 91 40.47 -2.58 -20.63
CA THR F 91 39.37 -3.03 -19.75
C THR F 91 39.99 -3.84 -18.61
N ILE F 92 39.52 -3.59 -17.39
CA ILE F 92 40.03 -4.24 -16.16
C ILE F 92 38.83 -4.70 -15.35
N CYS F 93 38.62 -6.00 -15.27
CA CYS F 93 37.51 -6.61 -14.51
C CYS F 93 37.94 -6.78 -13.05
N ILE F 94 37.20 -6.16 -12.14
CA ILE F 94 37.29 -6.37 -10.66
C ILE F 94 35.92 -6.82 -10.18
N GLY F 95 35.87 -7.85 -9.34
CA GLY F 95 34.61 -8.37 -8.77
C GLY F 95 33.92 -9.29 -9.77
N MET F 96 33.07 -8.73 -10.61
CA MET F 96 32.25 -9.50 -11.57
C MET F 96 32.04 -8.64 -12.82
N ALA F 97 32.25 -9.24 -13.99
CA ALA F 97 31.73 -8.75 -15.28
C ALA F 97 30.77 -9.80 -15.83
N ALA F 98 29.48 -9.56 -15.64
CA ALA F 98 28.43 -10.50 -16.07
C ALA F 98 27.51 -9.88 -17.13
N SER F 99 26.92 -10.73 -17.96
CA SER F 99 25.94 -10.34 -18.97
C SER F 99 26.59 -9.27 -19.86
N MET F 100 25.98 -8.10 -19.99
CA MET F 100 26.59 -7.03 -20.82
C MET F 100 27.96 -6.56 -20.27
N GLY F 101 28.22 -6.68 -18.97
CA GLY F 101 29.53 -6.37 -18.39
C GLY F 101 30.63 -7.22 -19.03
N SER F 102 30.40 -8.51 -19.22
CA SER F 102 31.40 -9.39 -19.87
C SER F 102 31.57 -8.99 -21.34
N PHE F 103 30.49 -8.63 -22.01
CA PHE F 103 30.56 -8.15 -23.41
C PHE F 103 31.50 -6.94 -23.48
N LEU F 104 31.34 -5.96 -22.59
CA LEU F 104 32.17 -4.73 -22.59
C LEU F 104 33.61 -5.08 -22.21
N LEU F 105 33.83 -6.03 -21.29
CA LEU F 105 35.21 -6.46 -20.92
C LEU F 105 35.94 -6.94 -22.17
N ALA F 106 35.27 -7.76 -22.98
CA ALA F 106 35.77 -8.36 -24.22
C ALA F 106 35.96 -7.31 -25.32
N ALA F 107 35.39 -6.11 -25.17
CA ALA F 107 35.42 -5.00 -26.17
C ALA F 107 36.68 -4.13 -26.02
N GLY F 108 37.44 -4.31 -24.95
CA GLY F 108 38.70 -3.59 -24.71
C GLY F 108 39.68 -3.79 -25.85
N ALA F 109 40.65 -2.87 -25.98
CA ALA F 109 41.72 -2.94 -27.00
C ALA F 109 42.38 -4.31 -26.94
N LYS F 110 42.64 -4.93 -28.08
CA LYS F 110 43.22 -6.30 -28.18
C LYS F 110 44.61 -6.29 -27.53
N GLY F 111 44.83 -7.20 -26.57
CA GLY F 111 46.05 -7.28 -25.76
C GLY F 111 45.96 -6.49 -24.45
N LYS F 112 44.91 -5.67 -24.25
CA LYS F 112 44.82 -4.78 -23.06
C LYS F 112 43.49 -5.03 -22.32
N ARG F 113 43.03 -6.27 -22.31
CA ARG F 113 41.82 -6.72 -21.56
C ARG F 113 42.30 -7.60 -20.41
N PHE F 114 41.95 -7.21 -19.18
CA PHE F 114 42.49 -7.78 -17.93
C PHE F 114 41.35 -8.15 -16.99
N ALA F 115 41.63 -9.12 -16.11
CA ALA F 115 40.85 -9.41 -14.91
C ALA F 115 41.82 -9.62 -13.75
N LEU F 116 41.44 -9.15 -12.56
CA LEU F 116 42.16 -9.47 -11.30
C LEU F 116 41.90 -10.94 -10.95
N PRO F 117 42.79 -11.62 -10.19
CA PRO F 117 42.77 -13.08 -10.07
C PRO F 117 41.45 -13.70 -9.57
N ASN F 118 40.73 -12.99 -8.70
CA ASN F 118 39.52 -13.51 -8.02
C ASN F 118 38.26 -12.86 -8.62
N ALA F 119 38.43 -12.08 -9.70
CA ALA F 119 37.32 -11.48 -10.47
C ALA F 119 36.61 -12.60 -11.23
N GLU F 120 35.30 -12.47 -11.39
CA GLU F 120 34.43 -13.47 -12.05
C GLU F 120 33.92 -12.89 -13.36
N VAL F 121 33.72 -13.74 -14.37
CA VAL F 121 33.12 -13.37 -15.68
C VAL F 121 31.96 -14.33 -15.94
N MET F 122 30.81 -13.79 -16.34
CA MET F 122 29.62 -14.61 -16.67
C MET F 122 29.08 -14.23 -18.05
N ILE F 123 28.94 -15.20 -18.95
CA ILE F 123 28.35 -14.95 -20.29
C ILE F 123 27.00 -15.68 -20.38
N HIS F 124 26.05 -15.07 -21.08
CA HIS F 124 24.65 -15.55 -21.17
C HIS F 124 23.94 -14.86 -22.34
N GLN F 125 23.04 -15.60 -23.00
CA GLN F 125 22.10 -15.04 -24.00
C GLN F 125 21.31 -13.91 -23.36
N PRO F 126 20.83 -12.94 -24.18
CA PRO F 126 20.02 -11.84 -23.66
C PRO F 126 18.61 -12.29 -23.26
N LEU F 127 17.96 -11.48 -22.42
CA LEU F 127 16.56 -11.66 -21.97
C LEU F 127 15.71 -10.58 -22.64
N GLY F 128 14.40 -10.79 -22.65
CA GLY F 128 13.43 -9.78 -23.10
C GLY F 128 12.03 -10.06 -22.56
N GLY F 129 11.09 -9.23 -22.98
CA GLY F 129 9.67 -9.37 -22.69
C GLY F 129 8.88 -8.97 -23.92
N ALA F 130 7.63 -9.40 -23.99
CA ALA F 130 6.66 -9.01 -25.02
C ALA F 130 5.28 -9.35 -24.47
N GLN F 131 4.36 -8.38 -24.50
CA GLN F 131 2.95 -8.52 -24.07
C GLN F 131 2.11 -7.86 -25.17
N GLY F 132 0.97 -8.47 -25.51
CA GLY F 132 0.01 -7.87 -26.46
C GLY F 132 -0.39 -8.84 -27.54
N GLN F 133 -0.74 -8.31 -28.71
CA GLN F 133 -1.29 -9.09 -29.85
C GLN F 133 -0.21 -10.04 -30.39
N ALA F 134 -0.63 -11.22 -30.86
CA ALA F 134 0.24 -12.24 -31.53
C ALA F 134 1.25 -11.57 -32.47
N THR F 135 0.78 -10.63 -33.33
CA THR F 135 1.63 -9.95 -34.35
C THR F 135 2.71 -9.12 -33.65
N GLU F 136 2.40 -8.49 -32.51
CA GLU F 136 3.38 -7.71 -31.70
C GLU F 136 4.40 -8.67 -31.07
N ILE F 137 3.97 -9.81 -30.55
CA ILE F 137 4.88 -10.81 -29.93
C ILE F 137 5.86 -11.37 -30.97
N GLU F 138 5.39 -11.66 -32.19
CA GLU F 138 6.24 -12.16 -33.31
C GLU F 138 7.36 -11.16 -33.60
N ILE F 139 7.00 -9.88 -33.69
CA ILE F 139 7.98 -8.78 -33.97
C ILE F 139 8.97 -8.71 -32.82
N ALA F 140 8.51 -8.77 -31.56
CA ALA F 140 9.38 -8.72 -30.36
C ALA F 140 10.33 -9.92 -30.37
N ALA F 141 9.81 -11.11 -30.70
CA ALA F 141 10.58 -12.38 -30.73
C ALA F 141 11.69 -12.30 -31.78
N ASN F 142 11.34 -11.84 -32.99
CA ASN F 142 12.30 -11.72 -34.13
C ASN F 142 13.43 -10.74 -33.77
N HIS F 143 13.10 -9.63 -33.12
CA HIS F 143 14.07 -8.59 -32.69
C HIS F 143 15.07 -9.21 -31.69
N ILE F 144 14.57 -9.93 -30.69
CA ILE F 144 15.42 -10.57 -29.63
C ILE F 144 16.36 -11.58 -30.29
N LEU F 145 15.85 -12.43 -31.20
CA LEU F 145 16.64 -13.44 -31.95
C LEU F 145 17.74 -12.75 -32.77
N LYS F 146 17.39 -11.69 -33.51
CA LYS F 146 18.37 -10.95 -34.35
C LYS F 146 19.41 -10.28 -33.44
N THR F 147 18.99 -9.69 -32.32
CA THR F 147 19.92 -9.05 -31.34
C THR F 147 20.91 -10.11 -30.83
N ARG F 148 20.42 -11.30 -30.49
CA ARG F 148 21.31 -12.38 -30.00
C ARG F 148 22.34 -12.75 -31.09
N GLU F 149 21.95 -12.81 -32.37
CA GLU F 149 22.89 -13.14 -33.47
C GLU F 149 23.97 -12.06 -33.54
N LYS F 150 23.59 -10.79 -33.33
CA LYS F 150 24.52 -9.64 -33.34
C LYS F 150 25.52 -9.78 -32.19
N LEU F 151 25.02 -10.03 -30.98
CA LEU F 151 25.88 -10.22 -29.78
C LEU F 151 26.84 -11.39 -30.02
N ASN F 152 26.34 -12.50 -30.58
CA ASN F 152 27.15 -13.72 -30.80
C ASN F 152 28.25 -13.45 -31.83
N ARG F 153 27.91 -12.73 -32.91
CA ARG F 153 28.87 -12.38 -33.99
C ARG F 153 30.02 -11.58 -33.36
N ILE F 154 29.72 -10.56 -32.57
CA ILE F 154 30.77 -9.66 -32.01
C ILE F 154 31.61 -10.46 -31.00
N LEU F 155 30.98 -11.25 -30.13
CA LEU F 155 31.72 -12.06 -29.13
C LEU F 155 32.66 -13.03 -29.86
N SER F 156 32.19 -13.67 -30.94
CA SER F 156 33.01 -14.57 -31.79
C SER F 156 34.24 -13.82 -32.31
N GLU F 157 34.04 -12.63 -32.88
CA GLU F 157 35.13 -11.74 -33.38
C GLU F 157 36.10 -11.40 -32.25
N ARG F 158 35.60 -11.08 -31.05
CA ARG F 158 36.42 -10.56 -29.93
C ARG F 158 37.19 -11.69 -29.23
N THR F 159 36.72 -12.94 -29.29
CA THR F 159 37.29 -14.08 -28.52
C THR F 159 38.08 -15.05 -29.41
N GLY F 160 37.83 -15.06 -30.72
CA GLY F 160 38.36 -16.07 -31.65
C GLY F 160 37.59 -17.38 -31.58
N GLN F 161 36.51 -17.46 -30.80
CA GLN F 161 35.63 -18.67 -30.74
C GLN F 161 34.63 -18.61 -31.90
N SER F 162 34.12 -19.75 -32.36
CA SER F 162 33.11 -19.83 -33.45
C SER F 162 31.77 -19.28 -32.95
N ILE F 163 30.91 -18.79 -33.85
CA ILE F 163 29.54 -18.34 -33.50
C ILE F 163 28.78 -19.53 -32.90
N GLU F 164 28.98 -20.73 -33.45
CA GLU F 164 28.29 -21.99 -33.02
C GLU F 164 28.66 -22.29 -31.56
N LYS F 165 29.94 -22.15 -31.21
CA LYS F 165 30.43 -22.36 -29.82
C LYS F 165 29.86 -21.27 -28.90
N ILE F 166 29.87 -20.00 -29.33
CA ILE F 166 29.34 -18.88 -28.49
C ILE F 166 27.87 -19.20 -28.18
N GLN F 167 27.09 -19.58 -29.20
CA GLN F 167 25.64 -19.91 -29.07
C GLN F 167 25.46 -20.99 -27.98
N LYS F 168 26.17 -22.12 -28.11
CA LYS F 168 26.06 -23.27 -27.19
C LYS F 168 26.45 -22.84 -25.77
N ASP F 169 27.53 -22.06 -25.63
CA ASP F 169 28.16 -21.73 -24.33
C ASP F 169 27.39 -20.61 -23.60
N THR F 170 26.38 -19.99 -24.23
CA THR F 170 25.61 -18.88 -23.63
C THR F 170 24.12 -19.26 -23.49
N ASP F 171 23.75 -20.49 -23.82
CA ASP F 171 22.36 -20.98 -23.63
C ASP F 171 21.95 -20.78 -22.17
N ARG F 172 22.80 -21.22 -21.25
CA ARG F 172 22.59 -21.12 -19.78
C ARG F 172 23.65 -20.16 -19.22
N ASP F 173 23.48 -19.72 -17.97
CA ASP F 173 24.48 -18.87 -17.28
C ASP F 173 25.80 -19.66 -17.30
N ASN F 174 26.87 -19.02 -17.78
CA ASN F 174 28.23 -19.62 -17.90
C ASN F 174 29.20 -18.77 -17.06
N PHE F 175 29.55 -19.26 -15.86
CA PHE F 175 30.50 -18.62 -14.92
C PHE F 175 31.93 -19.09 -15.21
N LEU F 176 32.84 -18.14 -15.39
CA LEU F 176 34.28 -18.38 -15.68
C LEU F 176 35.14 -17.71 -14.60
N THR F 177 36.20 -18.39 -14.17
CA THR F 177 37.29 -17.76 -13.39
C THR F 177 38.03 -16.80 -14.32
N ALA F 178 38.85 -15.91 -13.78
CA ALA F 178 39.72 -15.01 -14.58
C ALA F 178 40.54 -15.85 -15.56
N GLU F 179 41.12 -16.97 -15.10
CA GLU F 179 42.01 -17.82 -15.92
C GLU F 179 41.17 -18.48 -17.02
N GLU F 180 39.95 -18.92 -16.72
CA GLU F 180 39.02 -19.49 -17.74
C GLU F 180 38.68 -18.40 -18.78
N ALA F 181 38.42 -17.17 -18.33
CA ALA F 181 38.05 -16.03 -19.21
C ALA F 181 39.21 -15.76 -20.19
N LYS F 182 40.45 -15.87 -19.73
CA LYS F 182 41.64 -15.72 -20.61
C LYS F 182 41.69 -16.88 -21.61
N GLU F 183 41.53 -18.12 -21.15
CA GLU F 183 41.54 -19.33 -22.02
C GLU F 183 40.46 -19.18 -23.10
N TYR F 184 39.33 -18.57 -22.76
CA TYR F 184 38.17 -18.40 -23.67
C TYR F 184 38.44 -17.33 -24.73
N GLY F 185 39.27 -16.33 -24.40
CA GLY F 185 39.59 -15.19 -25.26
C GLY F 185 38.77 -13.95 -24.91
N LEU F 186 38.12 -13.94 -23.73
CA LEU F 186 37.33 -12.77 -23.26
C LEU F 186 38.29 -11.69 -22.74
N ILE F 187 39.43 -12.13 -22.22
CA ILE F 187 40.51 -11.24 -21.72
C ILE F 187 41.83 -11.80 -22.25
N ASP F 188 42.88 -10.99 -22.17
CA ASP F 188 44.24 -11.31 -22.65
C ASP F 188 45.12 -11.80 -21.49
N GLU F 189 44.96 -11.25 -20.28
CA GLU F 189 45.89 -11.47 -19.14
C GLU F 189 45.13 -11.41 -17.81
N VAL F 190 45.47 -12.31 -16.88
CA VAL F 190 45.13 -12.19 -15.44
C VAL F 190 46.16 -11.27 -14.80
N MET F 191 45.74 -10.09 -14.32
CA MET F 191 46.68 -9.08 -13.73
C MET F 191 47.22 -9.64 -12.41
N VAL F 192 48.54 -9.89 -12.35
CA VAL F 192 49.26 -10.38 -11.14
C VAL F 192 49.63 -9.19 -10.24
N PRO F 193 49.78 -9.41 -8.92
CA PRO F 193 50.16 -8.32 -8.01
C PRO F 193 51.45 -7.58 -8.42
N GLU F 194 51.48 -6.26 -8.24
CA GLU F 194 52.71 -5.42 -8.37
C GLU F 194 53.80 -5.92 -7.40
N THR F 195 55.07 -5.71 -7.75
CA THR F 195 56.26 -6.10 -6.95
C THR F 195 56.42 -5.12 -5.78
N LYS F 196 56.44 -5.63 -4.55
CA LYS F 196 56.69 -4.84 -3.31
C LYS F 196 58.20 -4.63 -3.21
N ILE G 5 27.84 11.71 -11.82
CA ILE G 5 28.17 12.64 -12.96
C ILE G 5 29.46 13.38 -12.64
N PRO G 6 30.61 13.01 -13.24
CA PRO G 6 31.90 13.57 -12.82
C PRO G 6 32.11 15.06 -13.15
N THR G 7 33.04 15.69 -12.44
CA THR G 7 33.43 17.11 -12.59
C THR G 7 34.75 17.20 -13.39
N VAL G 8 34.87 18.24 -14.23
CA VAL G 8 36.11 18.64 -14.96
C VAL G 8 36.46 20.07 -14.52
N ILE G 9 37.73 20.34 -14.20
CA ILE G 9 38.24 21.66 -13.75
C ILE G 9 39.29 22.16 -14.75
N GLU G 10 39.11 23.38 -15.29
CA GLU G 10 40.01 24.06 -16.25
C GLU G 10 40.67 25.26 -15.58
N ALA G 18 34.84 24.79 -12.79
CA ALA G 18 34.30 23.43 -12.53
C ALA G 18 33.05 23.18 -13.39
N TYR G 19 33.14 22.25 -14.33
CA TYR G 19 32.03 21.76 -15.19
C TYR G 19 31.66 20.33 -14.78
N ASP G 20 30.39 19.97 -14.85
CA ASP G 20 29.99 18.53 -14.94
C ASP G 20 30.37 18.06 -16.35
N ILE G 21 30.45 16.75 -16.59
CA ILE G 21 30.97 16.17 -17.87
C ILE G 21 30.16 16.71 -19.07
N TYR G 22 28.83 16.87 -18.94
CA TYR G 22 27.92 17.33 -20.03
C TYR G 22 28.22 18.79 -20.38
N SER G 23 28.40 19.64 -19.37
CA SER G 23 28.76 21.07 -19.52
C SER G 23 30.11 21.19 -20.24
N ARG G 24 31.05 20.31 -19.94
CA ARG G 24 32.38 20.30 -20.60
C ARG G 24 32.19 19.98 -22.10
N LEU G 25 31.37 18.98 -22.42
CA LEU G 25 31.05 18.56 -23.81
C LEU G 25 30.29 19.69 -24.52
N LEU G 26 29.43 20.41 -23.82
CA LEU G 26 28.65 21.55 -24.37
C LEU G 26 29.61 22.63 -24.86
N LYS G 27 30.78 22.75 -24.22
CA LYS G 27 31.84 23.70 -24.62
C LYS G 27 32.34 23.34 -26.03
N ASP G 28 32.29 22.06 -26.43
CA ASP G 28 32.66 21.57 -27.79
C ASP G 28 31.41 21.45 -28.68
N ARG G 29 30.30 22.07 -28.28
CA ARG G 29 29.02 22.13 -29.06
C ARG G 29 28.43 20.73 -29.22
N ILE G 30 28.62 19.87 -28.21
CA ILE G 30 28.02 18.51 -28.14
C ILE G 30 26.86 18.55 -27.14
N ILE G 31 25.70 18.04 -27.56
CA ILE G 31 24.50 17.88 -26.70
C ILE G 31 24.22 16.38 -26.61
N MET G 32 24.03 15.87 -25.40
CA MET G 32 23.82 14.42 -25.16
C MET G 32 22.34 14.20 -24.80
N LEU G 33 21.60 13.50 -25.66
CA LEU G 33 20.24 12.99 -25.33
C LEU G 33 20.38 11.50 -25.04
N GLY G 34 20.23 11.13 -23.76
CA GLY G 34 20.38 9.75 -23.24
C GLY G 34 19.22 9.36 -22.34
N SER G 35 18.00 9.76 -22.68
CA SER G 35 16.82 9.54 -21.82
C SER G 35 15.54 9.64 -22.65
N GLN G 36 14.42 9.29 -22.04
CA GLN G 36 13.07 9.57 -22.57
C GLN G 36 12.94 11.06 -22.85
N ILE G 37 12.08 11.43 -23.80
CA ILE G 37 11.79 12.84 -24.15
C ILE G 37 10.49 13.26 -23.46
N ASP G 38 10.59 14.14 -22.46
CA ASP G 38 9.42 14.81 -21.82
C ASP G 38 9.64 16.32 -21.95
N ASP G 39 8.74 17.12 -21.39
CA ASP G 39 8.78 18.60 -21.53
C ASP G 39 10.06 19.14 -20.86
N ASN G 40 10.52 18.51 -19.77
CA ASN G 40 11.72 18.95 -19.00
C ASN G 40 12.98 18.72 -19.84
N VAL G 41 13.09 17.53 -20.45
CA VAL G 41 14.21 17.17 -21.37
C VAL G 41 14.16 18.09 -22.60
N ALA G 42 12.98 18.34 -23.18
CA ALA G 42 12.84 19.23 -24.35
C ALA G 42 13.35 20.62 -23.96
N ASN G 43 12.94 21.10 -22.78
CA ASN G 43 13.27 22.47 -22.30
C ASN G 43 14.81 22.61 -22.20
N SER G 44 15.49 21.59 -21.67
CA SER G 44 16.97 21.55 -21.53
C SER G 44 17.64 21.58 -22.91
N ILE G 45 17.20 20.70 -23.83
CA ILE G 45 17.82 20.56 -25.18
C ILE G 45 17.58 21.84 -26.00
N VAL G 46 16.36 22.39 -25.98
CA VAL G 46 16.07 23.68 -26.66
C VAL G 46 16.99 24.77 -26.08
N SER G 47 17.13 24.83 -24.76
CA SER G 47 17.97 25.86 -24.09
C SER G 47 19.42 25.69 -24.54
N GLN G 48 19.92 24.45 -24.60
CA GLN G 48 21.32 24.18 -25.06
C GLN G 48 21.48 24.61 -26.53
N LEU G 49 20.50 24.35 -27.39
CA LEU G 49 20.56 24.74 -28.83
C LEU G 49 20.55 26.28 -28.96
N LEU G 50 19.72 26.98 -28.19
CA LEU G 50 19.67 28.47 -28.22
C LEU G 50 20.99 29.03 -27.72
N PHE G 51 21.55 28.43 -26.66
CA PHE G 51 22.84 28.84 -26.07
C PHE G 51 23.94 28.71 -27.12
N LEU G 52 24.03 27.55 -27.79
CA LEU G 52 25.13 27.30 -28.76
C LEU G 52 24.98 28.25 -29.95
N GLN G 53 23.75 28.50 -30.41
CA GLN G 53 23.54 29.46 -31.52
C GLN G 53 24.03 30.86 -31.10
N ALA G 54 23.75 31.31 -29.87
CA ALA G 54 24.17 32.64 -29.36
C ALA G 54 25.71 32.72 -29.28
N GLN G 55 26.38 31.61 -28.94
CA GLN G 55 27.86 31.53 -28.86
C GLN G 55 28.48 31.62 -30.26
N ASP G 56 27.92 30.93 -31.25
CA ASP G 56 28.42 30.96 -32.66
C ASP G 56 27.30 30.47 -33.57
N SER G 57 26.81 31.34 -34.47
CA SER G 57 25.64 31.05 -35.34
C SER G 57 26.06 30.23 -36.55
N GLU G 58 27.36 30.02 -36.77
CA GLU G 58 27.88 29.40 -38.02
C GLU G 58 28.30 27.95 -37.77
N LYS G 59 28.90 27.63 -36.61
CA LYS G 59 29.54 26.32 -36.36
C LYS G 59 28.50 25.23 -36.08
N ASP G 60 28.79 24.03 -36.56
CA ASP G 60 27.93 22.83 -36.41
C ASP G 60 27.75 22.54 -34.92
N ILE G 61 26.59 21.98 -34.58
CA ILE G 61 26.24 21.39 -33.26
C ILE G 61 26.14 19.86 -33.46
N TYR G 62 26.50 19.07 -32.45
CA TYR G 62 26.47 17.59 -32.47
C TYR G 62 25.44 17.14 -31.42
N LEU G 63 24.36 16.51 -31.87
CA LEU G 63 23.30 15.93 -30.99
C LEU G 63 23.45 14.40 -31.02
N TYR G 64 23.94 13.82 -29.93
CA TYR G 64 23.97 12.35 -29.72
C TYR G 64 22.59 11.92 -29.26
N ILE G 65 22.05 10.85 -29.84
CA ILE G 65 20.68 10.40 -29.51
C ILE G 65 20.74 8.93 -29.08
N ASN G 66 20.44 8.69 -27.81
CA ASN G 66 20.15 7.35 -27.26
C ASN G 66 18.85 7.51 -26.47
N SER G 67 17.72 7.22 -27.10
CA SER G 67 16.39 7.59 -26.59
C SER G 67 15.31 6.61 -27.04
N PRO G 68 14.42 6.20 -26.12
CA PRO G 68 13.22 5.45 -26.48
C PRO G 68 12.05 6.34 -26.94
N GLY G 69 12.27 7.66 -26.99
CA GLY G 69 11.25 8.65 -27.37
C GLY G 69 10.48 9.15 -26.17
N GLY G 70 9.19 9.45 -26.34
CA GLY G 70 8.37 10.07 -25.29
C GLY G 70 7.31 10.96 -25.89
N SER G 71 7.09 12.15 -25.31
CA SER G 71 5.99 13.07 -25.71
C SER G 71 6.24 13.54 -27.14
N VAL G 72 5.23 13.43 -27.99
CA VAL G 72 5.26 13.90 -29.41
C VAL G 72 5.47 15.43 -29.42
N THR G 73 4.75 16.19 -28.57
CA THR G 73 4.84 17.68 -28.58
C THR G 73 6.21 18.09 -28.03
N ALA G 74 6.76 17.40 -27.03
CA ALA G 74 8.14 17.61 -26.54
C ALA G 74 9.12 17.40 -27.69
N GLY G 75 8.99 16.28 -28.40
CA GLY G 75 9.79 16.01 -29.61
C GLY G 75 9.72 17.16 -30.61
N PHE G 76 8.52 17.70 -30.87
CA PHE G 76 8.34 18.77 -31.89
C PHE G 76 8.95 20.09 -31.40
N ALA G 77 9.00 20.34 -30.08
CA ALA G 77 9.72 21.51 -29.53
C ALA G 77 11.19 21.42 -29.93
N ILE G 78 11.77 20.22 -29.83
CA ILE G 78 13.20 20.00 -30.20
C ILE G 78 13.30 20.10 -31.73
N TYR G 79 12.42 19.39 -32.44
CA TYR G 79 12.41 19.35 -33.92
C TYR G 79 12.44 20.76 -34.49
N ASP G 80 11.51 21.61 -34.06
CA ASP G 80 11.32 22.99 -34.61
C ASP G 80 12.52 23.88 -34.26
N THR G 81 13.10 23.70 -33.07
CA THR G 81 14.27 24.49 -32.63
C THR G 81 15.45 24.12 -33.53
N ILE G 82 15.66 22.83 -33.82
CA ILE G 82 16.74 22.37 -34.75
C ILE G 82 16.59 23.06 -36.11
N GLN G 83 15.38 23.08 -36.69
CA GLN G 83 15.18 23.62 -38.06
C GLN G 83 15.27 25.15 -38.00
N HIS G 84 14.92 25.76 -36.87
CA HIS G 84 14.87 27.23 -36.73
C HIS G 84 16.28 27.84 -36.72
N ILE G 85 17.20 27.25 -35.95
CA ILE G 85 18.51 27.91 -35.65
C ILE G 85 19.39 27.88 -36.91
N LYS G 86 20.35 28.81 -37.00
CA LYS G 86 21.22 28.92 -38.19
C LYS G 86 22.17 27.73 -38.28
N PRO G 87 22.88 27.34 -37.20
CA PRO G 87 23.80 26.21 -37.25
C PRO G 87 23.15 24.90 -37.72
N ASP G 88 23.88 24.14 -38.52
CA ASP G 88 23.57 22.71 -38.79
C ASP G 88 23.68 21.91 -37.49
N VAL G 89 22.69 21.08 -37.21
CA VAL G 89 22.70 20.10 -36.09
C VAL G 89 22.92 18.71 -36.67
N GLN G 90 24.12 18.16 -36.46
CA GLN G 90 24.45 16.76 -36.79
C GLN G 90 23.72 15.88 -35.76
N THR G 91 23.17 14.76 -36.19
CA THR G 91 22.56 13.78 -35.27
C THR G 91 23.37 12.50 -35.37
N ILE G 92 23.68 11.91 -34.23
CA ILE G 92 24.50 10.68 -34.13
C ILE G 92 23.76 9.71 -33.22
N CYS G 93 23.26 8.61 -33.78
CA CYS G 93 22.57 7.56 -32.99
C CYS G 93 23.61 6.62 -32.37
N ILE G 94 23.56 6.45 -31.06
CA ILE G 94 24.30 5.40 -30.30
C ILE G 94 23.27 4.65 -29.47
N GLY G 95 23.36 3.32 -29.41
CA GLY G 95 22.43 2.49 -28.64
C GLY G 95 21.12 2.28 -29.37
N MET G 96 20.15 3.17 -29.19
CA MET G 96 18.82 3.02 -29.81
C MET G 96 18.21 4.41 -29.99
N ALA G 97 17.67 4.69 -31.18
CA ALA G 97 16.75 5.82 -31.45
C ALA G 97 15.40 5.23 -31.84
N ALA G 98 14.48 5.18 -30.89
CA ALA G 98 13.15 4.59 -31.13
C ALA G 98 12.06 5.67 -31.03
N SER G 99 10.95 5.43 -31.73
CA SER G 99 9.78 6.27 -31.63
C SER G 99 10.14 7.74 -31.93
N MET G 100 9.92 8.64 -30.99
CA MET G 100 10.28 10.06 -31.26
C MET G 100 11.81 10.23 -31.40
N GLY G 101 12.61 9.38 -30.73
CA GLY G 101 14.06 9.38 -30.94
C GLY G 101 14.41 9.24 -32.42
N SER G 102 13.83 8.25 -33.12
CA SER G 102 14.12 8.04 -34.56
C SER G 102 13.69 9.26 -35.39
N PHE G 103 12.59 9.88 -35.01
CA PHE G 103 12.05 11.09 -35.68
C PHE G 103 13.10 12.21 -35.55
N LEU G 104 13.68 12.40 -34.38
CA LEU G 104 14.67 13.48 -34.14
C LEU G 104 15.98 13.13 -34.87
N LEU G 105 16.36 11.85 -34.92
CA LEU G 105 17.57 11.39 -35.66
C LEU G 105 17.42 11.81 -37.14
N ALA G 106 16.26 11.54 -37.74
CA ALA G 106 15.94 11.88 -39.15
C ALA G 106 15.86 13.39 -39.37
N ALA G 107 15.76 14.18 -38.30
CA ALA G 107 15.57 15.66 -38.32
C ALA G 107 16.89 16.41 -38.38
N GLY G 108 18.03 15.71 -38.29
CA GLY G 108 19.36 16.32 -38.33
C GLY G 108 19.63 16.90 -39.70
N ALA G 109 20.65 17.75 -39.83
CA ALA G 109 21.03 18.40 -41.10
C ALA G 109 21.22 17.33 -42.17
N LYS G 110 20.63 17.53 -43.35
CA LYS G 110 20.75 16.59 -44.49
C LYS G 110 22.25 16.40 -44.79
N GLY G 111 22.71 15.15 -44.83
CA GLY G 111 24.13 14.80 -45.02
C GLY G 111 24.88 14.59 -43.71
N LYS G 112 24.27 14.95 -42.57
CA LYS G 112 24.95 14.97 -41.24
C LYS G 112 24.11 14.18 -40.22
N ARG G 113 23.43 13.15 -40.69
CA ARG G 113 22.70 12.18 -39.83
C ARG G 113 23.46 10.86 -39.87
N PHE G 114 23.86 10.37 -38.71
CA PHE G 114 24.74 9.19 -38.56
C PHE G 114 24.15 8.21 -37.55
N ALA G 115 24.55 6.95 -37.69
CA ALA G 115 24.45 5.95 -36.60
C ALA G 115 25.79 5.21 -36.51
N LEU G 116 26.13 4.78 -35.30
CA LEU G 116 27.27 3.86 -35.07
C LEU G 116 26.80 2.46 -35.48
N PRO G 117 27.73 1.55 -35.79
CA PRO G 117 27.37 0.32 -36.51
C PRO G 117 26.37 -0.61 -35.80
N ASN G 118 26.37 -0.64 -34.46
CA ASN G 118 25.49 -1.56 -33.69
C ASN G 118 24.34 -0.78 -33.04
N ALA G 119 24.21 0.50 -33.36
CA ALA G 119 23.04 1.33 -32.99
C ALA G 119 21.81 0.77 -33.71
N GLU G 120 20.67 0.81 -33.02
CA GLU G 120 19.35 0.32 -33.47
C GLU G 120 18.45 1.54 -33.71
N VAL G 121 17.61 1.49 -34.73
CA VAL G 121 16.59 2.54 -35.00
C VAL G 121 15.24 1.82 -35.05
N MET G 122 14.22 2.37 -34.38
CA MET G 122 12.85 1.78 -34.40
C MET G 122 11.85 2.88 -34.76
N ILE G 123 11.04 2.63 -35.78
CA ILE G 123 9.96 3.55 -36.23
C ILE G 123 8.61 2.89 -35.94
N HIS G 124 7.61 3.70 -35.60
CA HIS G 124 6.26 3.25 -35.20
C HIS G 124 5.31 4.44 -35.20
N GLN G 125 4.03 4.18 -35.49
CA GLN G 125 2.93 5.16 -35.35
C GLN G 125 2.86 5.61 -33.89
N PRO G 126 2.37 6.84 -33.63
CA PRO G 126 2.21 7.34 -32.27
C PRO G 126 1.08 6.63 -31.52
N LEU G 127 1.12 6.75 -30.18
CA LEU G 127 0.10 6.24 -29.24
C LEU G 127 -0.67 7.43 -28.68
N GLY G 128 -1.85 7.17 -28.15
CA GLY G 128 -2.62 8.20 -27.45
C GLY G 128 -3.66 7.60 -26.54
N GLY G 129 -4.43 8.48 -25.91
CA GLY G 129 -5.53 8.13 -24.99
C GLY G 129 -6.69 9.04 -25.23
N ALA G 130 -7.90 8.56 -24.97
CA ALA G 130 -9.17 9.32 -25.08
C ALA G 130 -10.14 8.70 -24.08
N GLN G 131 -10.68 9.53 -23.17
CA GLN G 131 -11.60 9.09 -22.09
C GLN G 131 -12.73 10.12 -22.01
N GLY G 132 -13.92 9.67 -21.64
CA GLY G 132 -15.07 10.54 -21.31
C GLY G 132 -16.19 10.36 -22.31
N GLN G 133 -16.91 11.46 -22.57
CA GLN G 133 -18.13 11.49 -23.41
C GLN G 133 -17.75 11.21 -24.87
N ALA G 134 -18.65 10.59 -25.62
CA ALA G 134 -18.50 10.27 -27.07
C ALA G 134 -17.97 11.49 -27.83
N THR G 135 -18.51 12.69 -27.57
CA THR G 135 -18.09 13.94 -28.26
C THR G 135 -16.60 14.25 -27.96
N GLU G 136 -16.14 14.04 -26.72
CA GLU G 136 -14.73 14.28 -26.31
C GLU G 136 -13.80 13.27 -27.00
N ILE G 137 -14.22 12.01 -27.11
CA ILE G 137 -13.44 10.91 -27.76
C ILE G 137 -13.24 11.27 -29.24
N GLU G 138 -14.29 11.75 -29.90
CA GLU G 138 -14.24 12.14 -31.34
C GLU G 138 -13.19 13.25 -31.51
N ILE G 139 -13.15 14.23 -30.62
CA ILE G 139 -12.17 15.36 -30.71
C ILE G 139 -10.75 14.83 -30.49
N ALA G 140 -10.54 13.96 -29.49
CA ALA G 140 -9.22 13.39 -29.16
C ALA G 140 -8.74 12.51 -30.31
N ALA G 141 -9.65 11.69 -30.87
CA ALA G 141 -9.37 10.79 -32.00
C ALA G 141 -8.96 11.62 -33.22
N ASN G 142 -9.70 12.69 -33.54
CA ASN G 142 -9.36 13.55 -34.71
C ASN G 142 -7.96 14.17 -34.54
N HIS G 143 -7.61 14.59 -33.33
CA HIS G 143 -6.28 15.19 -33.00
C HIS G 143 -5.18 14.15 -33.19
N ILE G 144 -5.39 12.92 -32.71
CA ILE G 144 -4.38 11.83 -32.82
C ILE G 144 -4.15 11.51 -34.31
N LEU G 145 -5.23 11.40 -35.08
CA LEU G 145 -5.17 11.10 -36.54
C LEU G 145 -4.40 12.22 -37.26
N LYS G 146 -4.73 13.48 -37.00
CA LYS G 146 -4.08 14.64 -37.67
C LYS G 146 -2.60 14.66 -37.28
N THR G 147 -2.26 14.36 -36.04
CA THR G 147 -0.85 14.31 -35.55
C THR G 147 -0.10 13.20 -36.28
N ARG G 148 -0.72 12.02 -36.47
CA ARG G 148 -0.05 10.92 -37.20
C ARG G 148 0.23 11.35 -38.65
N GLU G 149 -0.71 12.06 -39.30
CA GLU G 149 -0.55 12.56 -40.69
C GLU G 149 0.61 13.55 -40.75
N LYS G 150 0.74 14.42 -39.75
CA LYS G 150 1.84 15.41 -39.62
C LYS G 150 3.17 14.64 -39.50
N LEU G 151 3.25 13.67 -38.59
CA LEU G 151 4.49 12.88 -38.35
C LEU G 151 4.90 12.16 -39.65
N ASN G 152 3.94 11.58 -40.38
CA ASN G 152 4.23 10.78 -41.60
C ASN G 152 4.68 11.68 -42.76
N ARG G 153 4.08 12.87 -42.88
CA ARG G 153 4.42 13.80 -43.98
C ARG G 153 5.87 14.25 -43.77
N ILE G 154 6.25 14.57 -42.53
CA ILE G 154 7.62 15.03 -42.21
C ILE G 154 8.60 13.89 -42.40
N LEU G 155 8.31 12.68 -41.89
CA LEU G 155 9.20 11.50 -42.10
C LEU G 155 9.37 11.25 -43.60
N SER G 156 8.29 11.33 -44.38
CA SER G 156 8.32 11.20 -45.87
C SER G 156 9.33 12.20 -46.43
N GLU G 157 9.25 13.47 -46.02
CA GLU G 157 10.11 14.57 -46.54
C GLU G 157 11.56 14.31 -46.13
N ARG G 158 11.80 13.84 -44.91
CA ARG G 158 13.16 13.64 -44.34
C ARG G 158 13.84 12.42 -44.93
N THR G 159 13.09 11.37 -45.28
CA THR G 159 13.65 10.08 -45.75
C THR G 159 13.64 9.95 -47.28
N GLY G 160 12.77 10.68 -47.99
CA GLY G 160 12.53 10.44 -49.42
C GLY G 160 11.61 9.24 -49.67
N GLN G 161 11.02 8.63 -48.64
CA GLN G 161 10.03 7.53 -48.83
C GLN G 161 8.64 8.16 -49.02
N SER G 162 7.78 7.50 -49.79
CA SER G 162 6.37 7.93 -50.01
C SER G 162 5.62 7.87 -48.68
N ILE G 163 4.59 8.70 -48.53
CA ILE G 163 3.65 8.70 -47.38
C ILE G 163 3.07 7.30 -47.21
N GLU G 164 2.68 6.67 -48.33
CA GLU G 164 2.03 5.32 -48.36
C GLU G 164 2.97 4.29 -47.70
N LYS G 165 4.26 4.31 -48.05
CA LYS G 165 5.27 3.37 -47.48
C LYS G 165 5.50 3.68 -46.00
N ILE G 166 5.60 4.96 -45.60
CA ILE G 166 5.80 5.35 -44.17
C ILE G 166 4.63 4.82 -43.32
N GLN G 167 3.40 5.06 -43.78
CA GLN G 167 2.16 4.56 -43.13
C GLN G 167 2.29 3.04 -42.94
N LYS G 168 2.54 2.28 -44.02
CA LYS G 168 2.63 0.80 -44.01
C LYS G 168 3.77 0.35 -43.05
N ASP G 169 4.94 0.99 -43.12
CA ASP G 169 6.16 0.57 -42.40
C ASP G 169 6.09 0.94 -40.91
N THR G 170 5.14 1.78 -40.48
CA THR G 170 5.04 2.25 -39.06
C THR G 170 3.77 1.72 -38.39
N ASP G 171 3.00 0.88 -39.06
CA ASP G 171 1.77 0.29 -38.46
C ASP G 171 2.16 -0.48 -37.19
N ARG G 172 3.22 -1.28 -37.27
CA ARG G 172 3.77 -2.10 -36.15
C ARG G 172 5.18 -1.61 -35.81
N ASP G 173 5.71 -2.00 -34.65
CA ASP G 173 7.13 -1.74 -34.31
C ASP G 173 7.96 -2.24 -35.50
N ASN G 174 8.88 -1.39 -35.99
CA ASN G 174 9.75 -1.71 -37.15
C ASN G 174 11.20 -1.43 -36.73
N PHE G 175 11.96 -2.49 -36.42
CA PHE G 175 13.37 -2.42 -35.96
C PHE G 175 14.32 -2.44 -37.17
N LEU G 176 15.19 -1.43 -37.25
CA LEU G 176 16.18 -1.28 -38.34
C LEU G 176 17.58 -1.32 -37.72
N THR G 177 18.49 -2.02 -38.38
CA THR G 177 19.95 -1.90 -38.14
C THR G 177 20.40 -0.51 -38.62
N ALA G 178 21.62 -0.10 -38.28
CA ALA G 178 22.23 1.16 -38.75
C ALA G 178 22.25 1.17 -40.28
N GLU G 179 22.70 0.07 -40.90
CA GLU G 179 22.74 -0.08 -42.39
C GLU G 179 21.33 0.03 -42.96
N GLU G 180 20.33 -0.65 -42.38
CA GLU G 180 18.91 -0.56 -42.82
C GLU G 180 18.39 0.89 -42.71
N ALA G 181 18.75 1.60 -41.64
CA ALA G 181 18.31 2.99 -41.42
C ALA G 181 18.88 3.87 -42.51
N LYS G 182 20.14 3.64 -42.91
CA LYS G 182 20.81 4.36 -44.03
C LYS G 182 20.09 4.04 -45.35
N GLU G 183 19.81 2.76 -45.62
CA GLU G 183 19.05 2.34 -46.82
C GLU G 183 17.67 3.04 -46.81
N TYR G 184 17.07 3.25 -45.64
CA TYR G 184 15.69 3.76 -45.52
C TYR G 184 15.67 5.27 -45.74
N GLY G 185 16.80 5.94 -45.48
CA GLY G 185 16.93 7.40 -45.59
C GLY G 185 16.71 8.10 -44.26
N LEU G 186 16.67 7.36 -43.15
CA LEU G 186 16.59 7.94 -41.79
C LEU G 186 17.93 8.55 -41.38
N ILE G 187 19.05 7.99 -41.85
CA ILE G 187 20.42 8.55 -41.68
C ILE G 187 21.08 8.62 -43.05
N ASP G 188 22.20 9.33 -43.15
CA ASP G 188 23.01 9.48 -44.39
C ASP G 188 24.17 8.48 -44.39
N GLU G 189 24.80 8.24 -43.24
CA GLU G 189 25.95 7.30 -43.18
C GLU G 189 26.02 6.58 -41.83
N VAL G 190 26.59 5.38 -41.87
CA VAL G 190 27.05 4.61 -40.68
C VAL G 190 28.49 5.05 -40.39
N MET G 191 28.77 5.60 -39.21
CA MET G 191 30.16 5.95 -38.80
C MET G 191 30.86 4.64 -38.39
N VAL G 192 31.71 4.12 -39.28
CA VAL G 192 32.47 2.85 -39.08
C VAL G 192 33.82 3.22 -38.47
N PRO G 193 34.42 2.39 -37.59
CA PRO G 193 35.74 2.70 -37.03
C PRO G 193 36.80 2.98 -38.10
N GLU G 194 37.63 4.01 -37.89
CA GLU G 194 38.59 4.59 -38.90
C GLU G 194 40.03 4.68 -38.39
N THR G 195 40.33 4.18 -37.18
CA THR G 195 41.66 4.34 -36.50
C THR G 195 42.06 3.03 -35.83
N ILE H 5 -14.07 -28.34 8.19
CA ILE H 5 -14.97 -28.71 9.35
C ILE H 5 -16.01 -29.71 8.87
N PRO H 6 -15.81 -31.04 9.06
CA PRO H 6 -16.75 -32.04 8.52
C PRO H 6 -18.15 -32.03 9.16
N THR H 7 -19.09 -32.71 8.49
CA THR H 7 -20.51 -32.91 8.89
C THR H 7 -20.71 -34.36 9.39
N VAL H 8 -21.64 -34.56 10.33
CA VAL H 8 -22.10 -35.88 10.86
C VAL H 8 -23.64 -35.85 10.92
N ALA H 18 -28.14 -33.43 10.90
CA ALA H 18 -26.76 -33.12 10.43
C ALA H 18 -26.11 -32.08 11.36
N TYR H 19 -24.93 -32.42 11.91
CA TYR H 19 -24.09 -31.55 12.77
C TYR H 19 -22.74 -31.30 12.07
N ASP H 20 -22.07 -30.19 12.38
CA ASP H 20 -20.59 -30.08 12.18
C ASP H 20 -19.92 -30.89 13.30
N ILE H 21 -18.64 -31.24 13.16
CA ILE H 21 -17.94 -32.13 14.13
C ILE H 21 -18.03 -31.53 15.55
N TYR H 22 -17.91 -30.21 15.73
CA TYR H 22 -17.91 -29.56 17.07
C TYR H 22 -19.28 -29.72 17.72
N SER H 23 -20.35 -29.54 16.95
CA SER H 23 -21.76 -29.67 17.39
C SER H 23 -22.04 -31.12 17.79
N ARG H 24 -21.48 -32.09 17.06
CA ARG H 24 -21.60 -33.54 17.38
C ARG H 24 -20.95 -33.83 18.74
N LEU H 25 -19.76 -33.28 19.01
CA LEU H 25 -19.06 -33.39 20.31
C LEU H 25 -19.83 -32.64 21.40
N LEU H 26 -20.46 -31.51 21.08
CA LEU H 26 -21.27 -30.71 22.04
C LEU H 26 -22.43 -31.55 22.55
N LYS H 27 -22.97 -32.42 21.70
CA LYS H 27 -24.01 -33.42 22.06
C LYS H 27 -23.50 -34.33 23.18
N ASP H 28 -22.18 -34.58 23.26
CA ASP H 28 -21.53 -35.41 24.31
C ASP H 28 -20.91 -34.53 25.42
N ARG H 29 -21.30 -33.26 25.50
CA ARG H 29 -20.90 -32.28 26.56
C ARG H 29 -19.40 -31.96 26.46
N ILE H 30 -18.84 -31.98 25.25
CA ILE H 30 -17.43 -31.60 24.98
C ILE H 30 -17.41 -30.23 24.32
N ILE H 31 -16.64 -29.30 24.88
CA ILE H 31 -16.37 -27.95 24.30
C ILE H 31 -14.90 -27.91 23.88
N MET H 32 -14.64 -27.54 22.64
CA MET H 32 -13.26 -27.53 22.05
C MET H 32 -12.76 -26.08 21.94
N LEU H 33 -11.85 -25.66 22.83
CA LEU H 33 -11.13 -24.38 22.70
C LEU H 33 -9.81 -24.64 21.98
N GLY H 34 -9.69 -24.13 20.74
CA GLY H 34 -8.56 -24.38 19.82
C GLY H 34 -8.08 -23.10 19.15
N SER H 35 -8.16 -21.97 19.83
CA SER H 35 -7.84 -20.63 19.26
C SER H 35 -7.40 -19.66 20.37
N GLN H 36 -7.01 -18.45 19.97
CA GLN H 36 -6.86 -17.28 20.87
C GLN H 36 -8.23 -16.99 21.50
N ILE H 37 -8.23 -16.35 22.66
CA ILE H 37 -9.45 -15.99 23.42
C ILE H 37 -9.74 -14.51 23.16
N ASP H 38 -10.83 -14.21 22.47
CA ASP H 38 -11.34 -12.82 22.30
C ASP H 38 -12.80 -12.83 22.78
N ASP H 39 -13.50 -11.70 22.67
CA ASP H 39 -14.90 -11.59 23.14
C ASP H 39 -15.79 -12.56 22.36
N ASN H 40 -15.54 -12.76 21.05
CA ASN H 40 -16.34 -13.66 20.19
C ASN H 40 -16.23 -15.10 20.70
N VAL H 41 -15.00 -15.56 20.93
CA VAL H 41 -14.69 -16.95 21.41
C VAL H 41 -15.30 -17.14 22.81
N ALA H 42 -15.13 -16.17 23.72
CA ALA H 42 -15.70 -16.24 25.09
C ALA H 42 -17.23 -16.30 25.03
N ASN H 43 -17.83 -15.43 24.21
CA ASN H 43 -19.30 -15.40 23.97
C ASN H 43 -19.76 -16.80 23.55
N SER H 44 -19.01 -17.47 22.66
CA SER H 44 -19.34 -18.83 22.16
C SER H 44 -19.21 -19.86 23.29
N ILE H 45 -18.08 -19.86 24.01
CA ILE H 45 -17.78 -20.88 25.05
C ILE H 45 -18.76 -20.70 26.22
N VAL H 46 -19.03 -19.45 26.61
CA VAL H 46 -20.02 -19.13 27.67
C VAL H 46 -21.39 -19.67 27.25
N SER H 47 -21.81 -19.41 26.00
CA SER H 47 -23.12 -19.85 25.46
C SER H 47 -23.23 -21.39 25.51
N GLN H 48 -22.15 -22.09 25.14
CA GLN H 48 -22.07 -23.57 25.16
C GLN H 48 -22.20 -24.07 26.61
N LEU H 49 -21.51 -23.43 27.57
CA LEU H 49 -21.58 -23.81 29.01
C LEU H 49 -23.02 -23.63 29.50
N LEU H 50 -23.69 -22.52 29.17
CA LEU H 50 -25.09 -22.23 29.60
C LEU H 50 -26.04 -23.24 28.96
N PHE H 51 -25.86 -23.53 27.67
CA PHE H 51 -26.65 -24.56 26.94
C PHE H 51 -26.53 -25.90 27.69
N LEU H 52 -25.30 -26.33 27.97
CA LEU H 52 -25.03 -27.67 28.56
C LEU H 52 -25.63 -27.74 29.97
N GLN H 53 -25.56 -26.66 30.75
CA GLN H 53 -26.18 -26.62 32.10
C GLN H 53 -27.71 -26.76 31.97
N ALA H 54 -28.32 -26.07 31.00
CA ALA H 54 -29.78 -26.12 30.77
C ALA H 54 -30.18 -27.54 30.32
N GLN H 55 -29.31 -28.23 29.57
CA GLN H 55 -29.58 -29.62 29.11
C GLN H 55 -29.56 -30.58 30.30
N ASP H 56 -28.61 -30.41 31.22
CA ASP H 56 -28.44 -31.30 32.40
C ASP H 56 -27.53 -30.58 33.40
N SER H 57 -28.04 -30.23 34.57
CA SER H 57 -27.35 -29.37 35.57
C SER H 57 -26.38 -30.18 36.43
N GLU H 58 -26.34 -31.52 36.28
CA GLU H 58 -25.56 -32.43 37.16
C GLU H 58 -24.37 -33.06 36.42
N LYS H 59 -24.52 -33.39 35.12
CA LYS H 59 -23.50 -34.16 34.36
C LYS H 59 -22.27 -33.28 34.09
N ASP H 60 -21.08 -33.88 34.12
CA ASP H 60 -19.78 -33.22 33.88
C ASP H 60 -19.76 -32.63 32.46
N ILE H 61 -19.04 -31.53 32.29
CA ILE H 61 -18.70 -30.90 30.98
C ILE H 61 -17.19 -31.07 30.78
N TYR H 62 -16.74 -31.19 29.53
CA TYR H 62 -15.31 -31.42 29.16
C TYR H 62 -14.87 -30.25 28.27
N LEU H 63 -13.92 -29.46 28.77
CA LEU H 63 -13.32 -28.32 28.03
C LEU H 63 -11.89 -28.68 27.62
N TYR H 64 -11.69 -29.04 26.35
CA TYR H 64 -10.34 -29.21 25.75
C TYR H 64 -9.75 -27.81 25.55
N ILE H 65 -8.50 -27.62 25.96
CA ILE H 65 -7.80 -26.31 25.86
C ILE H 65 -6.53 -26.50 25.05
N ASN H 66 -6.49 -25.88 23.88
CA ASN H 66 -5.27 -25.62 23.08
C ASN H 66 -5.33 -24.15 22.67
N SER H 67 -4.70 -23.26 23.45
CA SER H 67 -4.88 -21.80 23.30
C SER H 67 -3.61 -21.08 23.73
N PRO H 68 -3.16 -20.06 22.95
CA PRO H 68 -2.11 -19.16 23.41
C PRO H 68 -2.64 -18.06 24.35
N GLY H 69 -3.96 -18.05 24.60
CA GLY H 69 -4.63 -17.04 25.42
C GLY H 69 -5.18 -15.91 24.58
N GLY H 70 -5.15 -14.68 25.10
CA GLY H 70 -5.74 -13.49 24.47
C GLY H 70 -6.21 -12.50 25.51
N SER H 71 -7.45 -12.02 25.40
CA SER H 71 -8.05 -10.98 26.28
C SER H 71 -8.25 -11.54 27.69
N VAL H 72 -7.72 -10.83 28.70
CA VAL H 72 -7.88 -11.14 30.15
C VAL H 72 -9.37 -11.12 30.50
N THR H 73 -10.09 -10.07 30.08
CA THR H 73 -11.55 -9.90 30.39
C THR H 73 -12.34 -11.01 29.68
N ALA H 74 -12.04 -11.34 28.42
CA ALA H 74 -12.65 -12.49 27.71
C ALA H 74 -12.42 -13.76 28.52
N GLY H 75 -11.19 -13.97 28.99
CA GLY H 75 -10.82 -15.11 29.85
C GLY H 75 -11.65 -15.14 31.13
N PHE H 76 -11.89 -13.98 31.77
CA PHE H 76 -12.66 -13.89 33.04
C PHE H 76 -14.15 -14.18 32.79
N ALA H 77 -14.66 -13.85 31.61
CA ALA H 77 -16.05 -14.17 31.21
C ALA H 77 -16.21 -15.70 31.25
N ILE H 78 -15.23 -16.42 30.71
CA ILE H 78 -15.23 -17.91 30.71
C ILE H 78 -15.02 -18.40 32.14
N TYR H 79 -14.01 -17.88 32.84
CA TYR H 79 -13.64 -18.30 34.21
C TYR H 79 -14.88 -18.24 35.12
N ASP H 80 -15.58 -17.10 35.13
CA ASP H 80 -16.71 -16.84 36.05
C ASP H 80 -17.91 -17.73 35.69
N THR H 81 -18.13 -17.99 34.40
CA THR H 81 -19.20 -18.92 33.93
C THR H 81 -18.89 -20.34 34.45
N ILE H 82 -17.64 -20.79 34.31
CA ILE H 82 -17.24 -22.15 34.78
C ILE H 82 -17.60 -22.28 36.26
N GLN H 83 -17.17 -21.33 37.10
CA GLN H 83 -17.39 -21.39 38.57
C GLN H 83 -18.88 -21.21 38.88
N HIS H 84 -19.64 -20.49 38.05
CA HIS H 84 -21.07 -20.18 38.32
C HIS H 84 -21.94 -21.42 38.15
N ILE H 85 -21.81 -22.14 37.03
CA ILE H 85 -22.75 -23.23 36.63
C ILE H 85 -22.61 -24.39 37.61
N LYS H 86 -23.65 -25.21 37.76
CA LYS H 86 -23.69 -26.35 38.72
C LYS H 86 -22.77 -27.46 38.23
N PRO H 87 -22.82 -27.90 36.95
CA PRO H 87 -21.96 -28.97 36.47
C PRO H 87 -20.46 -28.71 36.72
N ASP H 88 -19.73 -29.76 37.06
CA ASP H 88 -18.24 -29.75 37.08
C ASP H 88 -17.76 -29.59 35.64
N VAL H 89 -16.80 -28.69 35.43
CA VAL H 89 -16.14 -28.52 34.11
C VAL H 89 -14.73 -29.10 34.23
N GLN H 90 -14.51 -30.26 33.61
CA GLN H 90 -13.15 -30.86 33.46
C GLN H 90 -12.39 -30.02 32.43
N THR H 91 -11.09 -29.84 32.63
CA THR H 91 -10.18 -29.16 31.69
C THR H 91 -9.10 -30.17 31.25
N ILE H 92 -8.90 -30.27 29.95
CA ILE H 92 -7.91 -31.17 29.30
C ILE H 92 -7.05 -30.34 28.36
N CYS H 93 -5.80 -30.11 28.74
CA CYS H 93 -4.80 -29.39 27.90
C CYS H 93 -4.27 -30.34 26.83
N ILE H 94 -4.39 -29.96 25.55
CA ILE H 94 -3.73 -30.61 24.38
C ILE H 94 -2.91 -29.53 23.66
N GLY H 95 -1.68 -29.87 23.27
CA GLY H 95 -0.76 -28.95 22.56
C GLY H 95 -0.16 -27.93 23.52
N MET H 96 -0.87 -26.83 23.75
CA MET H 96 -0.37 -25.68 24.56
C MET H 96 -1.55 -24.97 25.24
N ALA H 97 -1.45 -24.77 26.54
CA ALA H 97 -2.25 -23.82 27.34
C ALA H 97 -1.30 -22.75 27.87
N ALA H 98 -1.29 -21.58 27.23
CA ALA H 98 -0.38 -20.49 27.61
C ALA H 98 -1.17 -19.25 27.96
N SER H 99 -0.57 -18.36 28.76
CA SER H 99 -1.13 -17.08 29.15
C SER H 99 -2.51 -17.34 29.77
N MET H 100 -3.55 -16.69 29.25
CA MET H 100 -4.93 -16.92 29.76
C MET H 100 -5.41 -18.39 29.58
N GLY H 101 -4.90 -19.13 28.59
CA GLY H 101 -5.24 -20.56 28.42
C GLY H 101 -4.82 -21.39 29.63
N SER H 102 -3.68 -21.05 30.25
CA SER H 102 -3.20 -21.81 31.43
C SER H 102 -4.08 -21.44 32.65
N PHE H 103 -4.49 -20.18 32.71
CA PHE H 103 -5.40 -19.69 33.79
C PHE H 103 -6.71 -20.48 33.73
N LEU H 104 -7.23 -20.73 32.51
CA LEU H 104 -8.52 -21.47 32.33
C LEU H 104 -8.30 -22.96 32.61
N LEU H 105 -7.15 -23.52 32.23
CA LEU H 105 -6.79 -24.92 32.57
C LEU H 105 -6.89 -25.14 34.09
N ALA H 106 -6.29 -24.24 34.87
CA ALA H 106 -6.25 -24.28 36.36
C ALA H 106 -7.64 -24.01 36.96
N ALA H 107 -8.58 -23.46 36.18
CA ALA H 107 -9.94 -23.08 36.62
C ALA H 107 -10.90 -24.27 36.56
N GLY H 108 -10.48 -25.43 36.05
CA GLY H 108 -11.33 -26.64 35.97
C GLY H 108 -11.65 -27.15 37.36
N ALA H 109 -12.71 -27.95 37.48
CA ALA H 109 -13.12 -28.62 38.74
C ALA H 109 -11.89 -29.30 39.38
N LYS H 110 -11.66 -29.05 40.67
CA LYS H 110 -10.57 -29.68 41.46
C LYS H 110 -10.67 -31.20 41.32
N GLY H 111 -9.57 -31.87 40.95
CA GLY H 111 -9.51 -33.32 40.71
C GLY H 111 -9.72 -33.69 39.25
N LYS H 112 -10.15 -32.75 38.39
CA LYS H 112 -10.59 -33.02 37.00
C LYS H 112 -9.91 -32.05 36.02
N ARG H 113 -8.69 -31.60 36.35
CA ARG H 113 -7.81 -30.81 35.46
C ARG H 113 -6.68 -31.71 34.99
N PHE H 114 -6.50 -31.82 33.67
CA PHE H 114 -5.61 -32.80 33.01
C PHE H 114 -4.77 -32.12 31.93
N ALA H 115 -3.60 -32.70 31.64
CA ALA H 115 -2.80 -32.45 30.42
C ALA H 115 -2.40 -33.80 29.81
N LEU H 116 -2.35 -33.89 28.50
CA LEU H 116 -1.77 -35.06 27.78
C LEU H 116 -0.26 -34.97 27.93
N PRO H 117 0.47 -36.09 27.79
CA PRO H 117 1.88 -36.16 28.22
C PRO H 117 2.81 -35.11 27.59
N ASN H 118 2.57 -34.72 26.33
CA ASN H 118 3.48 -33.85 25.54
C ASN H 118 2.86 -32.45 25.39
N ALA H 119 1.73 -32.19 26.05
CA ALA H 119 1.11 -30.86 26.14
C ALA H 119 2.01 -29.94 26.96
N GLU H 120 2.06 -28.67 26.60
CA GLU H 120 2.89 -27.63 27.25
C GLU H 120 1.95 -26.69 28.02
N VAL H 121 2.40 -26.17 29.15
CA VAL H 121 1.72 -25.09 29.91
C VAL H 121 2.71 -23.94 30.08
N MET H 122 2.27 -22.70 29.86
CA MET H 122 3.12 -21.49 30.05
C MET H 122 2.33 -20.46 30.88
N ILE H 123 2.95 -19.97 31.95
CA ILE H 123 2.34 -18.92 32.81
C ILE H 123 3.19 -17.66 32.68
N HIS H 124 2.56 -16.50 32.80
CA HIS H 124 3.20 -15.18 32.57
C HIS H 124 2.26 -14.08 33.05
N GLN H 125 2.83 -13.03 33.61
CA GLN H 125 2.14 -11.76 33.97
C GLN H 125 1.43 -11.22 32.73
N PRO H 126 0.33 -10.46 32.92
CA PRO H 126 -0.40 -9.90 31.80
C PRO H 126 0.37 -8.73 31.17
N LEU H 127 -0.01 -8.39 29.94
CA LEU H 127 0.52 -7.23 29.18
C LEU H 127 -0.61 -6.21 29.05
N GLY H 128 -0.25 -4.96 28.79
CA GLY H 128 -1.21 -3.89 28.52
C GLY H 128 -0.58 -2.78 27.72
N GLY H 129 -1.32 -1.71 27.51
CA GLY H 129 -0.85 -0.48 26.86
C GLY H 129 -1.50 0.72 27.49
N ALA H 130 -0.85 1.88 27.39
CA ALA H 130 -1.37 3.17 27.88
C ALA H 130 -0.71 4.29 27.07
N GLN H 131 -1.52 5.12 26.43
CA GLN H 131 -1.11 6.26 25.56
C GLN H 131 -1.88 7.50 26.03
N GLY H 132 -1.26 8.67 25.89
CA GLY H 132 -1.91 9.98 26.12
C GLY H 132 -1.31 10.70 27.30
N GLN H 133 -2.14 11.49 27.98
CA GLN H 133 -1.74 12.41 29.08
C GLN H 133 -1.21 11.59 30.26
N ALA H 134 -0.32 12.19 31.06
CA ALA H 134 0.28 11.65 32.30
C ALA H 134 -0.80 11.04 33.20
N THR H 135 -1.92 11.75 33.38
CA THR H 135 -3.06 11.35 34.24
C THR H 135 -3.75 10.09 33.69
N GLU H 136 -3.91 9.96 32.37
CA GLU H 136 -4.55 8.77 31.73
C GLU H 136 -3.65 7.55 31.98
N ILE H 137 -2.34 7.73 31.84
CA ILE H 137 -1.31 6.66 31.97
C ILE H 137 -1.32 6.11 33.41
N GLU H 138 -1.37 6.99 34.41
CA GLU H 138 -1.42 6.60 35.85
C GLU H 138 -2.65 5.69 36.07
N ILE H 139 -3.81 6.09 35.56
CA ILE H 139 -5.08 5.32 35.69
C ILE H 139 -4.94 3.95 35.01
N ALA H 140 -4.37 3.89 33.80
CA ALA H 140 -4.23 2.62 33.04
C ALA H 140 -3.22 1.72 33.74
N ALA H 141 -2.09 2.28 34.19
CA ALA H 141 -1.02 1.55 34.92
C ALA H 141 -1.61 0.93 36.20
N ASN H 142 -2.38 1.70 36.97
CA ASN H 142 -3.01 1.24 38.24
C ASN H 142 -4.00 0.09 37.94
N HIS H 143 -4.79 0.20 36.87
CA HIS H 143 -5.75 -0.85 36.45
C HIS H 143 -4.99 -2.15 36.13
N ILE H 144 -3.89 -2.06 35.38
CA ILE H 144 -3.05 -3.22 34.96
C ILE H 144 -2.48 -3.91 36.20
N LEU H 145 -1.90 -3.13 37.12
CA LEU H 145 -1.33 -3.64 38.40
C LEU H 145 -2.44 -4.34 39.21
N LYS H 146 -3.62 -3.73 39.32
CA LYS H 146 -4.72 -4.28 40.15
C LYS H 146 -5.21 -5.58 39.51
N THR H 147 -5.25 -5.64 38.17
CA THR H 147 -5.69 -6.85 37.42
C THR H 147 -4.67 -7.98 37.66
N ARG H 148 -3.37 -7.69 37.66
CA ARG H 148 -2.33 -8.72 37.91
C ARG H 148 -2.50 -9.30 39.32
N GLU H 149 -2.83 -8.46 40.31
CA GLU H 149 -3.09 -8.91 41.71
C GLU H 149 -4.30 -9.84 41.71
N LYS H 150 -5.36 -9.50 40.97
CA LYS H 150 -6.58 -10.34 40.84
C LYS H 150 -6.19 -11.71 40.25
N LEU H 151 -5.40 -11.73 39.17
CA LEU H 151 -4.97 -12.98 38.47
C LEU H 151 -4.08 -13.82 39.40
N ASN H 152 -3.17 -13.18 40.15
CA ASN H 152 -2.23 -13.88 41.08
C ASN H 152 -3.02 -14.47 42.26
N ARG H 153 -3.95 -13.72 42.83
CA ARG H 153 -4.77 -14.17 43.98
C ARG H 153 -5.50 -15.46 43.58
N ILE H 154 -6.16 -15.47 42.42
CA ILE H 154 -6.97 -16.62 41.92
C ILE H 154 -6.03 -17.80 41.60
N LEU H 155 -4.88 -17.53 40.98
CA LEU H 155 -3.90 -18.59 40.62
C LEU H 155 -3.37 -19.24 41.91
N SER H 156 -3.07 -18.41 42.92
CA SER H 156 -2.68 -18.86 44.28
C SER H 156 -3.73 -19.83 44.82
N GLU H 157 -5.00 -19.41 44.83
CA GLU H 157 -6.15 -20.20 45.33
C GLU H 157 -6.26 -21.52 44.55
N ARG H 158 -6.03 -21.50 43.22
CA ARG H 158 -6.25 -22.67 42.34
C ARG H 158 -5.08 -23.67 42.43
N THR H 159 -3.86 -23.20 42.68
CA THR H 159 -2.62 -24.04 42.63
C THR H 159 -2.21 -24.49 44.03
N GLY H 160 -2.50 -23.68 45.06
CA GLY H 160 -1.99 -23.87 46.42
C GLY H 160 -0.68 -23.12 46.66
N GLN H 161 -0.12 -22.46 45.64
CA GLN H 161 1.15 -21.68 45.76
C GLN H 161 0.84 -20.31 46.38
N SER H 162 1.81 -19.70 47.07
CA SER H 162 1.68 -18.34 47.66
C SER H 162 1.59 -17.29 46.54
N ILE H 163 0.91 -16.18 46.79
CA ILE H 163 0.86 -15.00 45.87
C ILE H 163 2.30 -14.57 45.54
N GLU H 164 3.19 -14.54 46.54
CA GLU H 164 4.62 -14.14 46.37
C GLU H 164 5.29 -15.05 45.32
N LYS H 165 5.03 -16.36 45.38
CA LYS H 165 5.63 -17.37 44.47
C LYS H 165 5.09 -17.17 43.05
N ILE H 166 3.77 -17.02 42.90
CA ILE H 166 3.09 -16.79 41.60
C ILE H 166 3.68 -15.51 40.97
N GLN H 167 3.83 -14.45 41.76
CA GLN H 167 4.40 -13.15 41.31
C GLN H 167 5.78 -13.41 40.70
N LYS H 168 6.68 -14.04 41.46
CA LYS H 168 8.08 -14.29 41.06
C LYS H 168 8.10 -15.18 39.80
N ASP H 169 7.27 -16.24 39.78
CA ASP H 169 7.29 -17.31 38.75
C ASP H 169 6.64 -16.84 37.44
N THR H 170 5.93 -15.70 37.45
CA THR H 170 5.22 -15.19 36.24
C THR H 170 5.90 -13.91 35.72
N ASP H 171 7.00 -13.46 36.34
CA ASP H 171 7.73 -12.23 35.92
C ASP H 171 8.11 -12.37 34.43
N ARG H 172 8.67 -13.52 34.06
CA ARG H 172 9.11 -13.86 32.68
C ARG H 172 8.28 -15.06 32.19
N ASP H 173 8.26 -15.32 30.89
CA ASP H 173 7.63 -16.53 30.31
C ASP H 173 8.18 -17.75 31.06
N ASN H 174 7.29 -18.60 31.56
CA ASN H 174 7.64 -19.78 32.37
C ASN H 174 6.97 -21.00 31.72
N PHE H 175 7.73 -21.79 30.98
CA PHE H 175 7.25 -23.00 30.24
C PHE H 175 7.33 -24.21 31.17
N LEU H 176 6.23 -24.96 31.31
CA LEU H 176 6.18 -26.18 32.16
C LEU H 176 5.81 -27.37 31.28
N THR H 177 6.42 -28.53 31.52
CA THR H 177 5.96 -29.84 31.00
C THR H 177 4.64 -30.19 31.68
N ALA H 178 3.90 -31.17 31.16
CA ALA H 178 2.66 -31.69 31.78
C ALA H 178 2.97 -32.10 33.23
N GLU H 179 4.08 -32.81 33.44
CA GLU H 179 4.50 -33.32 34.77
C GLU H 179 4.80 -32.13 35.71
N GLU H 180 5.45 -31.08 35.19
CA GLU H 180 5.80 -29.86 35.98
C GLU H 180 4.53 -29.07 36.32
N ALA H 181 3.55 -28.98 35.41
CA ALA H 181 2.27 -28.30 35.64
C ALA H 181 1.51 -29.01 36.78
N LYS H 182 1.59 -30.35 36.83
CA LYS H 182 0.97 -31.13 37.92
C LYS H 182 1.66 -30.79 39.25
N GLU H 183 3.00 -30.84 39.28
CA GLU H 183 3.81 -30.57 40.50
C GLU H 183 3.51 -29.15 40.98
N TYR H 184 3.28 -28.21 40.06
CA TYR H 184 3.01 -26.78 40.37
C TYR H 184 1.59 -26.61 40.92
N GLY H 185 0.65 -27.51 40.58
CA GLY H 185 -0.76 -27.45 41.04
C GLY H 185 -1.71 -26.81 40.02
N LEU H 186 -1.27 -26.60 38.78
CA LEU H 186 -2.11 -26.07 37.67
C LEU H 186 -3.05 -27.17 37.16
N ILE H 187 -2.60 -28.44 37.19
CA ILE H 187 -3.46 -29.63 36.84
C ILE H 187 -3.33 -30.67 37.96
N ASP H 188 -4.21 -31.68 37.94
CA ASP H 188 -4.28 -32.77 38.96
C ASP H 188 -3.59 -34.04 38.44
N GLU H 189 -3.66 -34.34 37.15
CA GLU H 189 -3.09 -35.60 36.59
C GLU H 189 -2.59 -35.37 35.16
N VAL H 190 -1.50 -36.04 34.79
CA VAL H 190 -1.10 -36.26 33.37
C VAL H 190 -1.91 -37.47 32.88
N MET H 191 -2.72 -37.29 31.82
CA MET H 191 -3.55 -38.38 31.22
C MET H 191 -2.64 -39.27 30.36
N VAL H 192 -2.22 -40.39 30.91
CA VAL H 192 -1.38 -41.43 30.22
C VAL H 192 -2.30 -42.27 29.33
N PRO H 193 -1.80 -42.86 28.22
CA PRO H 193 -2.54 -43.91 27.50
C PRO H 193 -2.76 -45.17 28.36
N ILE I 5 -19.14 -21.26 15.44
CA ILE I 5 -20.47 -21.13 16.12
C ILE I 5 -21.24 -22.45 15.97
N PRO I 6 -21.32 -23.32 17.01
CA PRO I 6 -21.91 -24.65 16.86
C PRO I 6 -23.43 -24.65 16.65
N THR I 7 -23.95 -25.78 16.16
CA THR I 7 -25.39 -26.02 15.86
C THR I 7 -26.05 -26.74 17.03
N TYR I 19 -30.78 -24.89 14.96
CA TYR I 19 -30.33 -23.68 15.71
C TYR I 19 -28.80 -23.63 15.78
N ASP I 20 -28.21 -22.45 15.61
CA ASP I 20 -26.85 -22.12 16.13
C ASP I 20 -26.98 -21.91 17.64
N ILE I 21 -25.87 -21.89 18.39
CA ILE I 21 -25.89 -21.86 19.89
C ILE I 21 -26.68 -20.63 20.39
N TYR I 22 -26.53 -19.45 19.76
CA TYR I 22 -27.17 -18.18 20.20
C TYR I 22 -28.69 -18.32 20.05
N SER I 23 -29.13 -18.88 18.91
CA SER I 23 -30.56 -19.12 18.58
C SER I 23 -31.18 -20.09 19.58
N ARG I 24 -30.42 -21.08 20.05
CA ARG I 24 -30.89 -22.07 21.06
C ARG I 24 -31.09 -21.34 22.40
N LEU I 25 -30.18 -20.43 22.76
CA LEU I 25 -30.27 -19.65 24.02
C LEU I 25 -31.43 -18.63 23.91
N LEU I 26 -31.68 -18.11 22.71
CA LEU I 26 -32.79 -17.14 22.46
C LEU I 26 -34.13 -17.86 22.73
N LYS I 27 -34.19 -19.17 22.54
CA LYS I 27 -35.39 -19.99 22.86
C LYS I 27 -35.68 -19.90 24.36
N ASP I 28 -34.65 -19.79 25.21
CA ASP I 28 -34.78 -19.66 26.70
C ASP I 28 -34.76 -18.18 27.12
N ARG I 29 -34.97 -17.25 26.19
CA ARG I 29 -35.15 -15.80 26.44
C ARG I 29 -33.81 -15.20 26.90
N ILE I 30 -32.69 -15.76 26.43
CA ILE I 30 -31.32 -15.26 26.71
C ILE I 30 -30.79 -14.56 25.44
N ILE I 31 -30.34 -13.32 25.59
CA ILE I 31 -29.65 -12.54 24.53
C ILE I 31 -28.19 -12.35 24.97
N MET I 32 -27.24 -12.60 24.06
CA MET I 32 -25.79 -12.47 24.36
C MET I 32 -25.23 -11.25 23.63
N LEU I 33 -24.84 -10.21 24.38
CA LEU I 33 -24.02 -9.08 23.88
C LEU I 33 -22.56 -9.36 24.27
N GLY I 34 -21.74 -9.70 23.28
CA GLY I 34 -20.30 -9.99 23.44
C GLY I 34 -19.47 -9.28 22.39
N SER I 35 -19.80 -8.03 22.10
CA SER I 35 -19.09 -7.19 21.10
C SER I 35 -19.26 -5.71 21.41
N GLN I 36 -18.51 -4.88 20.69
CA GLN I 36 -18.76 -3.43 20.55
C GLN I 36 -20.21 -3.22 20.11
N ILE I 37 -20.79 -2.07 20.48
CA ILE I 37 -22.19 -1.66 20.11
C ILE I 37 -22.11 -0.71 18.91
N ASP I 38 -22.48 -1.19 17.72
CA ASP I 38 -22.71 -0.35 16.51
C ASP I 38 -24.18 -0.49 16.10
N ASP I 39 -24.59 0.18 15.03
CA ASP I 39 -26.00 0.19 14.55
C ASP I 39 -26.42 -1.24 14.22
N ASN I 40 -25.52 -2.06 13.67
CA ASN I 40 -25.81 -3.48 13.31
C ASN I 40 -26.16 -4.29 14.56
N VAL I 41 -25.32 -4.18 15.60
CA VAL I 41 -25.49 -4.94 16.86
C VAL I 41 -26.77 -4.45 17.56
N ALA I 42 -26.99 -3.13 17.59
CA ALA I 42 -28.22 -2.52 18.16
C ALA I 42 -29.45 -3.06 17.42
N ASN I 43 -29.43 -3.05 16.09
CA ASN I 43 -30.55 -3.53 15.23
C ASN I 43 -30.84 -4.99 15.62
N SER I 44 -29.81 -5.82 15.78
CA SER I 44 -29.96 -7.26 16.13
C SER I 44 -30.57 -7.42 17.54
N ILE I 45 -30.03 -6.72 18.53
CA ILE I 45 -30.49 -6.85 19.95
C ILE I 45 -31.91 -6.30 20.07
N VAL I 46 -32.20 -5.12 19.51
CA VAL I 46 -33.59 -4.56 19.48
C VAL I 46 -34.54 -5.63 18.90
N SER I 47 -34.19 -6.22 17.76
CA SER I 47 -35.03 -7.22 17.07
C SER I 47 -35.29 -8.42 17.98
N GLN I 48 -34.26 -8.91 18.69
CA GLN I 48 -34.40 -10.05 19.62
C GLN I 48 -35.34 -9.67 20.78
N LEU I 49 -35.27 -8.44 21.27
CA LEU I 49 -36.15 -7.97 22.38
C LEU I 49 -37.61 -7.91 21.88
N LEU I 50 -37.84 -7.37 20.69
CA LEU I 50 -39.21 -7.28 20.10
C LEU I 50 -39.75 -8.70 19.87
N PHE I 51 -38.90 -9.62 19.41
CA PHE I 51 -39.30 -11.02 19.15
C PHE I 51 -39.74 -11.68 20.47
N LEU I 52 -38.94 -11.51 21.52
CA LEU I 52 -39.22 -12.13 22.84
C LEU I 52 -40.49 -11.53 23.44
N GLN I 53 -40.67 -10.21 23.35
CA GLN I 53 -41.92 -9.57 23.84
C GLN I 53 -43.13 -10.22 23.14
N ALA I 54 -43.06 -10.36 21.81
CA ALA I 54 -44.14 -10.92 20.96
C ALA I 54 -44.43 -12.38 21.33
N GLN I 55 -43.40 -13.16 21.67
CA GLN I 55 -43.54 -14.58 22.12
C GLN I 55 -44.23 -14.65 23.49
N ASP I 56 -43.89 -13.73 24.41
CA ASP I 56 -44.43 -13.70 25.80
C ASP I 56 -44.12 -12.34 26.42
N SER I 57 -45.17 -11.58 26.73
CA SER I 57 -45.06 -10.16 27.20
C SER I 57 -44.82 -10.12 28.71
N GLU I 58 -44.85 -11.27 29.40
CA GLU I 58 -44.81 -11.35 30.88
C GLU I 58 -43.46 -11.89 31.38
N LYS I 59 -42.84 -12.83 30.67
CA LYS I 59 -41.67 -13.60 31.17
C LYS I 59 -40.40 -12.75 31.04
N ASP I 60 -39.52 -12.82 32.06
CA ASP I 60 -38.24 -12.09 32.11
C ASP I 60 -37.40 -12.42 30.87
N ILE I 61 -36.58 -11.46 30.44
CA ILE I 61 -35.51 -11.63 29.42
C ILE I 61 -34.16 -11.49 30.15
N TYR I 62 -33.15 -12.22 29.70
CA TYR I 62 -31.77 -12.21 30.27
C TYR I 62 -30.83 -11.66 29.20
N LEU I 63 -30.25 -10.50 29.46
CA LEU I 63 -29.25 -9.83 28.59
C LEU I 63 -27.88 -9.95 29.25
N TYR I 64 -27.03 -10.83 28.75
CA TYR I 64 -25.59 -10.94 29.12
C TYR I 64 -24.84 -9.82 28.42
N ILE I 65 -24.03 -9.07 29.17
CA ILE I 65 -23.24 -7.93 28.63
C ILE I 65 -21.76 -8.19 28.86
N ASN I 66 -21.01 -8.35 27.76
CA ASN I 66 -19.54 -8.29 27.69
C ASN I 66 -19.17 -7.36 26.53
N SER I 67 -18.97 -6.07 26.80
CA SER I 67 -18.89 -5.03 25.76
C SER I 67 -18.00 -3.88 26.21
N PRO I 68 -17.06 -3.43 25.33
CA PRO I 68 -16.34 -2.16 25.56
C PRO I 68 -17.17 -0.92 25.21
N GLY I 69 -18.44 -1.10 24.83
CA GLY I 69 -19.33 -0.01 24.38
C GLY I 69 -19.20 0.24 22.89
N GLY I 70 -19.38 1.49 22.46
CA GLY I 70 -19.39 1.88 21.05
C GLY I 70 -20.24 3.12 20.83
N SER I 71 -21.16 3.08 19.86
CA SER I 71 -22.00 4.26 19.49
C SER I 71 -22.97 4.58 20.62
N VAL I 72 -23.04 5.86 21.00
CA VAL I 72 -24.02 6.38 22.00
C VAL I 72 -25.44 6.18 21.47
N THR I 73 -25.72 6.56 20.21
CA THR I 73 -27.09 6.49 19.64
C THR I 73 -27.47 5.02 19.48
N ALA I 74 -26.52 4.14 19.14
CA ALA I 74 -26.78 2.68 19.05
C ALA I 74 -27.12 2.16 20.47
N GLY I 75 -26.36 2.63 21.47
CA GLY I 75 -26.63 2.34 22.90
C GLY I 75 -28.04 2.72 23.30
N PHE I 76 -28.52 3.89 22.89
CA PHE I 76 -29.86 4.42 23.26
C PHE I 76 -30.98 3.67 22.52
N ALA I 77 -30.73 3.18 21.30
CA ALA I 77 -31.67 2.29 20.57
C ALA I 77 -32.01 1.09 21.47
N ILE I 78 -30.99 0.46 22.05
CA ILE I 78 -31.15 -0.72 22.94
C ILE I 78 -31.80 -0.28 24.26
N TYR I 79 -31.29 0.80 24.86
CA TYR I 79 -31.76 1.33 26.16
C TYR I 79 -33.27 1.55 26.09
N ASP I 80 -33.73 2.30 25.08
CA ASP I 80 -35.15 2.69 24.95
C ASP I 80 -36.01 1.45 24.70
N THR I 81 -35.50 0.46 23.97
CA THR I 81 -36.25 -0.79 23.67
C THR I 81 -36.46 -1.56 24.99
N ILE I 82 -35.41 -1.65 25.81
CA ILE I 82 -35.45 -2.30 27.15
C ILE I 82 -36.56 -1.66 27.98
N GLN I 83 -36.57 -0.33 28.10
CA GLN I 83 -37.54 0.40 28.96
C GLN I 83 -38.93 0.29 28.33
N HIS I 84 -39.03 0.24 27.00
CA HIS I 84 -40.34 0.25 26.30
C HIS I 84 -41.13 -1.05 26.52
N ILE I 85 -40.46 -2.21 26.42
CA ILE I 85 -41.17 -3.53 26.32
C ILE I 85 -41.72 -3.91 27.70
N LYS I 86 -42.74 -4.75 27.73
CA LYS I 86 -43.44 -5.12 28.99
C LYS I 86 -42.52 -5.99 29.86
N PRO I 87 -41.87 -7.05 29.31
CA PRO I 87 -41.01 -7.91 30.13
C PRO I 87 -39.89 -7.15 30.84
N ASP I 88 -39.56 -7.59 32.05
CA ASP I 88 -38.31 -7.17 32.74
C ASP I 88 -37.13 -7.72 31.95
N VAL I 89 -36.09 -6.90 31.78
CA VAL I 89 -34.80 -7.33 31.17
C VAL I 89 -33.76 -7.38 32.28
N GLN I 90 -33.35 -8.58 32.67
CA GLN I 90 -32.21 -8.80 33.60
C GLN I 90 -30.93 -8.52 32.80
N THR I 91 -29.99 -7.78 33.40
CA THR I 91 -28.64 -7.55 32.84
C THR I 91 -27.62 -8.30 33.69
N ILE I 92 -26.72 -9.04 33.04
CA ILE I 92 -25.68 -9.87 33.71
C ILE I 92 -24.33 -9.55 33.07
N CYS I 93 -23.46 -8.88 33.80
CA CYS I 93 -22.11 -8.51 33.33
C CYS I 93 -21.14 -9.68 33.53
N ILE I 94 -20.53 -10.13 32.43
CA ILE I 94 -19.41 -11.12 32.40
C ILE I 94 -18.22 -10.47 31.68
N GLY I 95 -17.01 -10.66 32.20
CA GLY I 95 -15.79 -10.04 31.64
C GLY I 95 -15.72 -8.55 31.91
N MET I 96 -16.34 -7.73 31.06
CA MET I 96 -16.25 -6.24 31.15
C MET I 96 -17.52 -5.60 30.56
N ALA I 97 -18.11 -4.66 31.29
CA ALA I 97 -19.10 -3.69 30.79
C ALA I 97 -18.48 -2.31 30.92
N ALA I 98 -17.97 -1.78 29.82
CA ALA I 98 -17.33 -0.45 29.82
C ALA I 98 -18.11 0.50 28.91
N SER I 99 -18.05 1.78 29.24
CA SER I 99 -18.65 2.84 28.49
C SER I 99 -20.17 2.58 28.28
N MET I 100 -20.65 2.58 27.04
CA MET I 100 -22.09 2.32 26.81
C MET I 100 -22.47 0.93 27.35
N GLY I 101 -21.50 0.04 27.49
CA GLY I 101 -21.69 -1.29 28.10
C GLY I 101 -22.17 -1.19 29.54
N SER I 102 -21.50 -0.37 30.36
CA SER I 102 -21.86 -0.14 31.79
C SER I 102 -23.21 0.57 31.85
N PHE I 103 -23.48 1.46 30.89
CA PHE I 103 -24.75 2.21 30.77
C PHE I 103 -25.91 1.22 30.58
N LEU I 104 -25.77 0.23 29.68
CA LEU I 104 -26.83 -0.79 29.43
C LEU I 104 -26.95 -1.71 30.64
N LEU I 105 -25.84 -2.03 31.30
CA LEU I 105 -25.86 -2.84 32.55
C LEU I 105 -26.76 -2.16 33.59
N ALA I 106 -26.58 -0.86 33.80
CA ALA I 106 -27.37 -0.05 34.78
C ALA I 106 -28.84 0.06 34.35
N ALA I 107 -29.15 -0.22 33.08
CA ALA I 107 -30.48 -0.01 32.48
C ALA I 107 -31.38 -1.24 32.70
N GLY I 108 -30.85 -2.34 33.23
CA GLY I 108 -31.64 -3.55 33.54
C GLY I 108 -32.73 -3.26 34.56
N ALA I 109 -33.71 -4.16 34.70
CA ALA I 109 -34.82 -4.03 35.66
C ALA I 109 -34.25 -3.88 37.06
N LYS I 110 -34.71 -2.87 37.81
CA LYS I 110 -34.25 -2.62 39.21
C LYS I 110 -34.39 -3.93 39.99
N GLY I 111 -33.31 -4.37 40.63
CA GLY I 111 -33.25 -5.63 41.40
C GLY I 111 -32.80 -6.81 40.56
N LYS I 112 -32.63 -6.65 39.24
CA LYS I 112 -32.27 -7.77 38.34
C LYS I 112 -31.04 -7.38 37.50
N ARG I 113 -30.17 -6.56 38.07
CA ARG I 113 -28.87 -6.14 37.48
C ARG I 113 -27.76 -6.86 38.25
N PHE I 114 -26.95 -7.66 37.56
CA PHE I 114 -25.93 -8.56 38.15
C PHE I 114 -24.57 -8.37 37.45
N ALA I 115 -23.50 -8.64 38.21
CA ALA I 115 -22.14 -8.89 37.68
C ALA I 115 -21.64 -10.19 38.31
N LEU I 116 -20.90 -10.99 37.53
CA LEU I 116 -20.15 -12.17 38.06
C LEU I 116 -18.95 -11.63 38.83
N PRO I 117 -18.38 -12.39 39.80
CA PRO I 117 -17.44 -11.84 40.78
C PRO I 117 -16.16 -11.17 40.23
N ASN I 118 -15.67 -11.61 39.07
CA ASN I 118 -14.38 -11.11 38.49
C ASN I 118 -14.65 -10.24 37.26
N ALA I 119 -15.93 -9.95 36.99
CA ALA I 119 -16.37 -9.01 35.94
C ALA I 119 -15.97 -7.60 36.35
N GLU I 120 -15.60 -6.78 35.36
CA GLU I 120 -15.16 -5.38 35.53
C GLU I 120 -16.25 -4.45 34.96
N VAL I 121 -16.44 -3.29 35.56
CA VAL I 121 -17.36 -2.23 35.08
C VAL I 121 -16.55 -0.94 34.97
N MET I 122 -16.72 -0.20 33.88
CA MET I 122 -15.96 1.05 33.65
C MET I 122 -16.93 2.12 33.13
N ILE I 123 -16.94 3.26 33.80
CA ILE I 123 -17.79 4.43 33.45
C ILE I 123 -16.84 5.53 32.98
N HIS I 124 -17.25 6.27 31.97
CA HIS I 124 -16.42 7.31 31.31
C HIS I 124 -17.35 8.24 30.52
N GLN I 125 -17.05 9.54 30.54
CA GLN I 125 -17.73 10.57 29.69
C GLN I 125 -17.62 10.11 28.24
N PRO I 126 -18.59 10.54 27.39
CA PRO I 126 -18.55 10.20 25.97
C PRO I 126 -17.41 10.91 25.24
N LEU I 127 -17.03 10.39 24.07
CA LEU I 127 -16.04 10.99 23.13
C LEU I 127 -16.79 11.49 21.91
N GLY I 128 -16.20 12.47 21.21
CA GLY I 128 -16.81 13.06 20.01
C GLY I 128 -15.77 13.57 19.04
N GLY I 129 -16.24 14.01 17.88
CA GLY I 129 -15.43 14.66 16.84
C GLY I 129 -16.17 15.87 16.31
N ALA I 130 -15.43 16.88 15.89
CA ALA I 130 -15.96 18.10 15.23
C ALA I 130 -14.85 18.65 14.34
N GLN I 131 -15.12 18.80 13.04
CA GLN I 131 -14.14 19.26 12.03
C GLN I 131 -14.82 20.33 11.16
N GLY I 132 -14.02 21.22 10.60
CA GLY I 132 -14.46 22.21 9.59
C GLY I 132 -14.59 23.60 10.17
N GLN I 133 -15.57 24.35 9.68
CA GLN I 133 -15.75 25.81 9.97
C GLN I 133 -16.02 25.97 11.47
N ALA I 134 -15.60 27.11 12.03
CA ALA I 134 -15.81 27.47 13.45
C ALA I 134 -17.26 27.20 13.86
N THR I 135 -18.22 27.64 13.04
CA THR I 135 -19.68 27.58 13.32
C THR I 135 -20.15 26.13 13.46
N GLU I 136 -19.70 25.24 12.55
CA GLU I 136 -19.96 23.78 12.60
C GLU I 136 -19.47 23.22 13.94
N ILE I 137 -18.26 23.61 14.36
CA ILE I 137 -17.57 23.07 15.58
C ILE I 137 -18.37 23.46 16.82
N GLU I 138 -18.93 24.67 16.84
CA GLU I 138 -19.76 25.18 17.97
C GLU I 138 -21.00 24.30 18.09
N ILE I 139 -21.69 24.05 16.98
CA ILE I 139 -22.92 23.21 16.92
C ILE I 139 -22.60 21.79 17.41
N ALA I 140 -21.48 21.21 16.95
CA ALA I 140 -21.05 19.85 17.34
C ALA I 140 -20.70 19.80 18.84
N ALA I 141 -20.04 20.85 19.36
CA ALA I 141 -19.66 21.00 20.78
C ALA I 141 -20.91 21.04 21.67
N ASN I 142 -21.88 21.88 21.33
CA ASN I 142 -23.17 22.03 22.07
C ASN I 142 -23.87 20.67 22.11
N HIS I 143 -23.90 19.94 20.98
CA HIS I 143 -24.52 18.58 20.88
C HIS I 143 -23.84 17.64 21.85
N ILE I 144 -22.50 17.64 21.91
CA ILE I 144 -21.72 16.70 22.75
C ILE I 144 -21.99 17.01 24.22
N LEU I 145 -22.02 18.30 24.58
CA LEU I 145 -22.34 18.76 25.96
C LEU I 145 -23.75 18.30 26.37
N LYS I 146 -24.75 18.53 25.51
CA LYS I 146 -26.16 18.15 25.84
C LYS I 146 -26.26 16.62 25.98
N THR I 147 -25.56 15.87 25.14
CA THR I 147 -25.59 14.38 25.14
C THR I 147 -24.93 13.86 26.44
N ARG I 148 -23.85 14.49 26.88
CA ARG I 148 -23.19 14.11 28.17
C ARG I 148 -24.18 14.35 29.32
N GLU I 149 -24.89 15.48 29.33
CA GLU I 149 -25.93 15.84 30.34
C GLU I 149 -27.03 14.78 30.36
N LYS I 150 -27.49 14.37 29.18
CA LYS I 150 -28.54 13.33 29.02
C LYS I 150 -28.05 12.02 29.64
N LEU I 151 -26.83 11.58 29.31
CA LEU I 151 -26.22 10.32 29.83
C LEU I 151 -26.08 10.38 31.35
N ASN I 152 -25.57 11.49 31.89
CA ASN I 152 -25.36 11.69 33.36
C ASN I 152 -26.70 11.69 34.10
N ARG I 153 -27.71 12.36 33.54
CA ARG I 153 -29.07 12.42 34.12
C ARG I 153 -29.62 11.00 34.28
N ILE I 154 -29.55 10.19 33.23
CA ILE I 154 -30.08 8.78 33.27
C ILE I 154 -29.23 7.95 34.22
N LEU I 155 -27.90 8.10 34.20
CA LEU I 155 -27.02 7.34 35.12
C LEU I 155 -27.35 7.71 36.57
N SER I 156 -27.60 9.00 36.82
CA SER I 156 -28.09 9.54 38.12
C SER I 156 -29.40 8.85 38.51
N GLU I 157 -30.38 8.83 37.61
CA GLU I 157 -31.70 8.18 37.84
C GLU I 157 -31.48 6.69 38.16
N ARG I 158 -30.57 6.02 37.44
CA ARG I 158 -30.44 4.53 37.51
C ARG I 158 -29.61 4.09 38.73
N THR I 159 -28.70 4.92 39.24
CA THR I 159 -27.76 4.54 40.33
C THR I 159 -28.21 5.09 41.69
N GLY I 160 -29.01 6.16 41.70
CA GLY I 160 -29.34 6.93 42.92
C GLY I 160 -28.25 7.93 43.29
N GLN I 161 -27.21 8.09 42.47
CA GLN I 161 -26.14 9.11 42.70
C GLN I 161 -26.61 10.44 42.12
N SER I 162 -26.11 11.55 42.68
CA SER I 162 -26.39 12.93 42.16
C SER I 162 -25.74 13.09 40.79
N ILE I 163 -26.27 13.98 39.95
CA ILE I 163 -25.68 14.29 38.61
C ILE I 163 -24.27 14.91 38.80
N GLU I 164 -24.07 15.69 39.87
CA GLU I 164 -22.75 16.32 40.23
C GLU I 164 -21.70 15.22 40.45
N LYS I 165 -22.06 14.14 41.15
CA LYS I 165 -21.15 13.02 41.46
C LYS I 165 -20.89 12.21 40.18
N ILE I 166 -21.92 11.98 39.35
CA ILE I 166 -21.77 11.24 38.06
C ILE I 166 -20.78 12.01 37.18
N GLN I 167 -20.92 13.34 37.09
CA GLN I 167 -20.03 14.23 36.30
C GLN I 167 -18.59 14.07 36.79
N LYS I 168 -18.32 14.26 38.09
CA LYS I 168 -16.97 14.19 38.68
C LYS I 168 -16.35 12.80 38.42
N ASP I 169 -17.12 11.73 38.62
CA ASP I 169 -16.64 10.32 38.62
C ASP I 169 -16.42 9.78 37.20
N THR I 170 -16.88 10.48 36.16
CA THR I 170 -16.75 10.03 34.75
C THR I 170 -15.76 10.94 33.99
N ASP I 171 -15.10 11.86 34.68
CA ASP I 171 -14.15 12.82 34.06
C ASP I 171 -13.03 12.01 33.41
N ARG I 172 -12.46 11.06 34.14
CA ARG I 172 -11.41 10.12 33.67
C ARG I 172 -12.02 8.71 33.61
N ASP I 173 -11.30 7.75 33.02
CA ASP I 173 -11.64 6.31 33.09
C ASP I 173 -11.70 5.92 34.57
N ASN I 174 -12.77 5.23 34.96
CA ASN I 174 -13.06 4.86 36.37
C ASN I 174 -13.39 3.37 36.36
N PHE I 175 -12.42 2.53 36.74
CA PHE I 175 -12.54 1.05 36.79
C PHE I 175 -13.14 0.65 38.14
N LEU I 176 -14.19 -0.18 38.13
CA LEU I 176 -14.92 -0.67 39.33
C LEU I 176 -14.90 -2.20 39.31
N THR I 177 -14.59 -2.82 40.45
CA THR I 177 -14.86 -4.26 40.70
C THR I 177 -16.40 -4.44 40.72
N ALA I 178 -16.86 -5.69 40.62
CA ALA I 178 -18.29 -6.03 40.73
C ALA I 178 -18.86 -5.44 42.03
N GLU I 179 -18.14 -5.59 43.14
CA GLU I 179 -18.60 -5.15 44.48
C GLU I 179 -18.69 -3.61 44.48
N GLU I 180 -17.71 -2.91 43.90
CA GLU I 180 -17.72 -1.43 43.80
C GLU I 180 -18.92 -0.96 42.96
N ALA I 181 -19.25 -1.68 41.87
CA ALA I 181 -20.38 -1.36 40.97
C ALA I 181 -21.71 -1.54 41.73
N LYS I 182 -21.80 -2.54 42.58
CA LYS I 182 -22.96 -2.72 43.50
C LYS I 182 -23.06 -1.51 44.44
N GLU I 183 -21.94 -1.12 45.07
CA GLU I 183 -21.90 -0.01 46.05
C GLU I 183 -22.25 1.30 45.34
N TYR I 184 -21.92 1.43 44.05
CA TYR I 184 -22.17 2.65 43.24
C TYR I 184 -23.66 2.72 42.84
N GLY I 185 -24.34 1.57 42.73
CA GLY I 185 -25.73 1.46 42.28
C GLY I 185 -25.86 1.18 40.79
N LEU I 186 -24.76 0.78 40.12
CA LEU I 186 -24.80 0.33 38.70
C LEU I 186 -25.41 -1.08 38.61
N ILE I 187 -25.25 -1.90 39.65
CA ILE I 187 -25.89 -3.24 39.74
C ILE I 187 -26.54 -3.40 41.11
N ASP I 188 -27.33 -4.46 41.28
CA ASP I 188 -28.07 -4.79 42.52
C ASP I 188 -27.34 -5.87 43.32
N GLU I 189 -26.73 -6.85 42.63
CA GLU I 189 -26.10 -8.03 43.30
C GLU I 189 -24.88 -8.50 42.50
N VAL I 190 -23.88 -9.02 43.21
CA VAL I 190 -22.78 -9.85 42.64
C VAL I 190 -23.27 -11.31 42.62
N MET I 191 -23.35 -11.94 41.45
CA MET I 191 -23.87 -13.33 41.32
C MET I 191 -22.83 -14.31 41.88
N VAL I 192 -23.16 -14.94 43.00
CA VAL I 192 -22.33 -15.98 43.69
C VAL I 192 -22.58 -17.31 42.97
N PRO I 193 -21.61 -18.25 42.96
CA PRO I 193 -21.83 -19.58 42.37
C PRO I 193 -23.06 -20.32 42.90
N GLU I 194 -23.78 -21.03 42.01
CA GLU I 194 -24.92 -21.91 42.38
C GLU I 194 -24.42 -23.06 43.25
N THR I 195 -25.27 -23.58 44.14
CA THR I 195 -24.97 -24.69 45.07
C THR I 195 -24.70 -25.98 44.28
N LYS I 196 -23.59 -26.67 44.61
CA LYS I 196 -23.19 -27.97 44.02
C LYS I 196 -24.04 -29.09 44.61
N ILE J 5 -26.40 -12.93 13.77
CA ILE J 5 -27.85 -12.80 13.38
C ILE J 5 -28.56 -14.12 13.68
N PRO J 6 -29.26 -14.25 14.83
CA PRO J 6 -29.84 -15.53 15.23
C PRO J 6 -30.96 -16.08 14.34
N THR J 7 -31.19 -17.39 14.42
CA THR J 7 -32.28 -18.15 13.76
C THR J 7 -33.40 -18.38 14.79
N VAL J 8 -34.64 -18.57 14.34
CA VAL J 8 -35.82 -18.93 15.18
C VAL J 8 -36.43 -20.23 14.67
N TYR J 19 -36.23 -19.13 9.98
CA TYR J 19 -36.15 -17.65 9.91
C TYR J 19 -34.90 -17.15 10.65
N ASP J 20 -34.18 -16.20 10.06
CA ASP J 20 -33.31 -15.26 10.83
C ASP J 20 -34.25 -14.28 11.56
N ILE J 21 -33.74 -13.51 12.52
CA ILE J 21 -34.58 -12.68 13.43
C ILE J 21 -35.36 -11.62 12.63
N TYR J 22 -34.75 -11.03 11.60
CA TYR J 22 -35.37 -9.99 10.72
C TYR J 22 -36.55 -10.62 9.97
N SER J 23 -36.36 -11.83 9.44
CA SER J 23 -37.39 -12.60 8.70
C SER J 23 -38.56 -12.92 9.63
N ARG J 24 -38.25 -13.26 10.87
CA ARG J 24 -39.28 -13.55 11.91
C ARG J 24 -40.11 -12.28 12.16
N LEU J 25 -39.46 -11.13 12.32
CA LEU J 25 -40.14 -9.82 12.57
C LEU J 25 -40.96 -9.42 11.34
N LEU J 26 -40.47 -9.72 10.13
CA LEU J 26 -41.17 -9.41 8.86
C LEU J 26 -42.50 -10.18 8.83
N LYS J 27 -42.52 -11.38 9.41
CA LYS J 27 -43.75 -12.19 9.59
C LYS J 27 -44.82 -11.37 10.34
N ASP J 28 -44.41 -10.45 11.23
CA ASP J 28 -45.34 -9.59 12.03
C ASP J 28 -45.43 -8.19 11.42
N ARG J 29 -45.04 -8.03 10.15
CA ARG J 29 -45.19 -6.77 9.37
C ARG J 29 -44.28 -5.68 9.96
N ILE J 30 -43.12 -6.08 10.49
CA ILE J 30 -42.07 -5.17 11.04
C ILE J 30 -40.87 -5.18 10.08
N ILE J 31 -40.47 -3.99 9.62
CA ILE J 31 -39.25 -3.76 8.78
C ILE J 31 -38.26 -2.96 9.66
N MET J 32 -37.01 -3.41 9.72
CA MET J 32 -35.93 -2.80 10.54
C MET J 32 -34.93 -2.09 9.63
N LEU J 33 -34.93 -0.76 9.66
CA LEU J 33 -33.88 0.08 9.04
C LEU J 33 -32.90 0.49 10.12
N GLY J 34 -31.72 -0.12 10.11
CA GLY J 34 -30.63 0.09 11.09
C GLY J 34 -29.29 0.33 10.42
N SER J 35 -29.27 1.07 9.31
CA SER J 35 -28.02 1.35 8.54
C SER J 35 -28.18 2.63 7.72
N GLN J 36 -27.09 3.06 7.09
CA GLN J 36 -27.08 4.07 6.01
C GLN J 36 -28.08 3.62 4.95
N ILE J 37 -28.64 4.58 4.20
CA ILE J 37 -29.58 4.32 3.08
C ILE J 37 -28.78 4.41 1.78
N ASP J 38 -28.57 3.29 1.12
CA ASP J 38 -28.00 3.21 -0.25
C ASP J 38 -28.98 2.43 -1.14
N ASP J 39 -28.69 2.33 -2.43
CA ASP J 39 -29.60 1.67 -3.40
C ASP J 39 -29.91 0.23 -2.95
N ASN J 40 -28.94 -0.52 -2.40
CA ASN J 40 -29.14 -1.93 -1.95
C ASN J 40 -30.12 -1.98 -0.78
N VAL J 41 -29.93 -1.12 0.22
CA VAL J 41 -30.83 -1.04 1.41
C VAL J 41 -32.23 -0.61 0.94
N ALA J 42 -32.34 0.43 0.10
CA ALA J 42 -33.64 0.89 -0.45
C ALA J 42 -34.32 -0.26 -1.21
N ASN J 43 -33.58 -1.00 -2.04
CA ASN J 43 -34.11 -2.12 -2.84
C ASN J 43 -34.74 -3.16 -1.88
N SER J 44 -34.03 -3.49 -0.79
CA SER J 44 -34.50 -4.44 0.25
C SER J 44 -35.78 -3.92 0.94
N ILE J 45 -35.79 -2.67 1.41
CA ILE J 45 -36.95 -2.10 2.15
C ILE J 45 -38.14 -1.97 1.20
N VAL J 46 -37.92 -1.45 -0.01
CA VAL J 46 -38.98 -1.37 -1.05
C VAL J 46 -39.58 -2.77 -1.27
N SER J 47 -38.73 -3.79 -1.42
CA SER J 47 -39.15 -5.20 -1.67
C SER J 47 -39.97 -5.72 -0.49
N GLN J 48 -39.59 -5.37 0.74
CA GLN J 48 -40.31 -5.79 1.98
C GLN J 48 -41.70 -5.13 2.02
N LEU J 49 -41.79 -3.83 1.69
CA LEU J 49 -43.06 -3.07 1.64
C LEU J 49 -44.01 -3.69 0.59
N LEU J 50 -43.50 -3.99 -0.61
CA LEU J 50 -44.34 -4.58 -1.69
C LEU J 50 -44.84 -5.97 -1.27
N PHE J 51 -43.98 -6.78 -0.66
CA PHE J 51 -44.32 -8.13 -0.14
C PHE J 51 -45.44 -8.02 0.92
N LEU J 52 -45.27 -7.10 1.88
CA LEU J 52 -46.26 -6.95 2.97
C LEU J 52 -47.59 -6.47 2.39
N GLN J 53 -47.59 -5.56 1.40
CA GLN J 53 -48.86 -5.11 0.78
C GLN J 53 -49.55 -6.31 0.10
N ALA J 54 -48.78 -7.16 -0.60
CA ALA J 54 -49.28 -8.36 -1.31
C ALA J 54 -49.83 -9.38 -0.31
N GLN J 55 -49.26 -9.47 0.90
CA GLN J 55 -49.74 -10.40 1.97
C GLN J 55 -51.08 -9.89 2.51
N ASP J 56 -51.18 -8.60 2.81
CA ASP J 56 -52.40 -7.96 3.37
C ASP J 56 -52.37 -6.47 3.00
N SER J 57 -53.34 -6.01 2.20
CA SER J 57 -53.38 -4.61 1.70
C SER J 57 -54.02 -3.67 2.74
N GLU J 58 -54.52 -4.19 3.86
CA GLU J 58 -55.26 -3.36 4.87
C GLU J 58 -54.44 -3.20 6.16
N LYS J 59 -53.71 -4.23 6.62
CA LYS J 59 -53.03 -4.24 7.94
C LYS J 59 -51.81 -3.30 7.95
N ASP J 60 -51.61 -2.63 9.09
CA ASP J 60 -50.50 -1.66 9.31
C ASP J 60 -49.15 -2.36 9.17
N ILE J 61 -48.16 -1.61 8.67
CA ILE J 61 -46.74 -2.00 8.62
C ILE J 61 -46.01 -1.11 9.64
N TYR J 62 -44.99 -1.65 10.30
CA TYR J 62 -44.14 -0.94 11.29
C TYR J 62 -42.71 -0.82 10.73
N LEU J 63 -42.27 0.40 10.47
CA LEU J 63 -40.89 0.68 10.00
C LEU J 63 -40.11 1.32 11.14
N TYR J 64 -39.18 0.58 11.75
CA TYR J 64 -38.20 1.10 12.74
C TYR J 64 -37.08 1.78 11.98
N ILE J 65 -36.67 2.96 12.45
CA ILE J 65 -35.65 3.81 11.80
C ILE J 65 -34.58 4.18 12.84
N ASN J 66 -33.41 3.59 12.66
CA ASN J 66 -32.13 4.02 13.26
C ASN J 66 -31.13 4.20 12.11
N SER J 67 -30.99 5.41 11.57
CA SER J 67 -30.25 5.64 10.31
C SER J 67 -29.64 7.04 10.31
N PRO J 68 -28.36 7.16 9.88
CA PRO J 68 -27.75 8.46 9.62
C PRO J 68 -28.14 9.04 8.26
N GLY J 69 -28.99 8.33 7.50
CA GLY J 69 -29.41 8.74 6.15
C GLY J 69 -28.49 8.16 5.09
N GLY J 70 -28.28 8.88 3.98
CA GLY J 70 -27.47 8.39 2.86
C GLY J 70 -27.90 9.00 1.55
N SER J 71 -28.14 8.19 0.52
CA SER J 71 -28.48 8.67 -0.83
C SER J 71 -29.88 9.29 -0.82
N VAL J 72 -30.03 10.51 -1.35
CA VAL J 72 -31.34 11.22 -1.47
C VAL J 72 -32.26 10.38 -2.38
N THR J 73 -31.75 9.90 -3.53
CA THR J 73 -32.61 9.17 -4.49
C THR J 73 -33.03 7.82 -3.89
N ALA J 74 -32.13 7.13 -3.18
CA ALA J 74 -32.46 5.87 -2.47
C ALA J 74 -33.58 6.14 -1.45
N GLY J 75 -33.47 7.23 -0.70
CA GLY J 75 -34.50 7.63 0.29
C GLY J 75 -35.84 7.89 -0.39
N PHE J 76 -35.81 8.51 -1.58
CA PHE J 76 -37.04 8.81 -2.35
C PHE J 76 -37.67 7.52 -2.89
N ALA J 77 -36.87 6.49 -3.17
CA ALA J 77 -37.39 5.16 -3.58
C ALA J 77 -38.24 4.60 -2.45
N ILE J 78 -37.76 4.71 -1.21
CA ILE J 78 -38.50 4.24 -0.01
C ILE J 78 -39.70 5.16 0.21
N TYR J 79 -39.48 6.47 0.23
CA TYR J 79 -40.56 7.48 0.43
C TYR J 79 -41.73 7.17 -0.51
N ASP J 80 -41.46 7.12 -1.82
CA ASP J 80 -42.52 6.93 -2.86
C ASP J 80 -43.18 5.56 -2.67
N THR J 81 -42.46 4.55 -2.21
CA THR J 81 -43.05 3.20 -2.05
C THR J 81 -44.01 3.21 -0.86
N ILE J 82 -43.64 3.89 0.23
CA ILE J 82 -44.54 4.09 1.41
C ILE J 82 -45.86 4.73 0.94
N GLN J 83 -45.79 5.81 0.16
CA GLN J 83 -47.02 6.55 -0.26
C GLN J 83 -47.81 5.71 -1.27
N HIS J 84 -47.13 4.88 -2.06
CA HIS J 84 -47.72 4.05 -3.15
C HIS J 84 -48.62 2.94 -2.60
N ILE J 85 -48.18 2.25 -1.54
CA ILE J 85 -48.91 1.05 -1.04
C ILE J 85 -50.13 1.50 -0.25
N LYS J 86 -51.11 0.61 -0.13
CA LYS J 86 -52.40 0.89 0.55
C LYS J 86 -52.20 0.93 2.07
N PRO J 87 -51.53 -0.08 2.70
CA PRO J 87 -51.41 -0.10 4.17
C PRO J 87 -50.73 1.16 4.75
N ASP J 88 -51.21 1.62 5.91
CA ASP J 88 -50.51 2.65 6.72
C ASP J 88 -49.14 2.10 7.12
N VAL J 89 -48.09 2.90 6.93
CA VAL J 89 -46.72 2.56 7.42
C VAL J 89 -46.45 3.43 8.65
N GLN J 90 -46.42 2.80 9.82
CA GLN J 90 -45.99 3.44 11.09
C GLN J 90 -44.48 3.62 11.04
N THR J 91 -43.96 4.77 11.47
CA THR J 91 -42.51 5.02 11.57
C THR J 91 -42.16 5.18 13.06
N ILE J 92 -41.13 4.48 13.51
CA ILE J 92 -40.68 4.48 14.94
C ILE J 92 -39.16 4.72 14.97
N CYS J 93 -38.75 5.90 15.41
CA CYS J 93 -37.32 6.29 15.55
C CYS J 93 -36.76 5.74 16.85
N ILE J 94 -35.71 4.91 16.75
CA ILE J 94 -34.88 4.44 17.89
C ILE J 94 -33.44 4.89 17.60
N GLY J 95 -32.72 5.36 18.61
CA GLY J 95 -31.32 5.80 18.47
C GLY J 95 -31.25 7.14 17.75
N MET J 96 -31.17 7.14 16.41
CA MET J 96 -31.05 8.39 15.62
C MET J 96 -31.77 8.24 14.27
N ALA J 97 -32.53 9.26 13.87
CA ALA J 97 -33.03 9.48 12.50
C ALA J 97 -32.48 10.83 12.04
N ALA J 98 -31.41 10.79 11.25
CA ALA J 98 -30.74 12.01 10.75
C ALA J 98 -30.81 12.08 9.23
N SER J 99 -30.81 13.30 8.70
CA SER J 99 -30.78 13.53 7.28
C SER J 99 -31.94 12.81 6.57
N MET J 100 -31.65 11.94 5.63
CA MET J 100 -32.75 11.22 4.92
C MET J 100 -33.56 10.33 5.90
N GLY J 101 -32.93 9.84 6.98
CA GLY J 101 -33.65 9.09 8.03
C GLY J 101 -34.77 9.93 8.65
N SER J 102 -34.52 11.20 8.96
CA SER J 102 -35.56 12.08 9.55
C SER J 102 -36.67 12.31 8.52
N PHE J 103 -36.31 12.40 7.24
CA PHE J 103 -37.27 12.61 6.12
C PHE J 103 -38.21 11.42 6.04
N LEU J 104 -37.68 10.21 6.19
CA LEU J 104 -38.48 8.96 6.15
C LEU J 104 -39.32 8.86 7.42
N LEU J 105 -38.77 9.25 8.57
CA LEU J 105 -39.53 9.26 9.85
C LEU J 105 -40.78 10.13 9.67
N ALA J 106 -40.62 11.32 9.07
CA ALA J 106 -41.69 12.31 8.81
C ALA J 106 -42.72 11.78 7.79
N ALA J 107 -42.37 10.77 6.99
CA ALA J 107 -43.19 10.26 5.85
C ALA J 107 -44.13 9.14 6.28
N GLY J 108 -44.11 8.71 7.55
CA GLY J 108 -45.01 7.67 8.08
C GLY J 108 -46.45 8.14 8.03
N ALA J 109 -47.41 7.23 8.13
CA ALA J 109 -48.86 7.54 8.15
C ALA J 109 -49.13 8.59 9.25
N LYS J 110 -49.87 9.65 8.90
CA LYS J 110 -50.18 10.75 9.84
C LYS J 110 -50.86 10.15 11.07
N GLY J 111 -50.39 10.50 12.27
CA GLY J 111 -50.86 9.96 13.55
C GLY J 111 -50.08 8.72 13.98
N LYS J 112 -49.18 8.20 13.15
CA LYS J 112 -48.49 6.91 13.42
C LYS J 112 -46.98 7.09 13.23
N ARG J 113 -46.47 8.29 13.49
CA ARG J 113 -45.02 8.62 13.50
C ARG J 113 -44.59 8.78 14.96
N PHE J 114 -43.60 7.99 15.39
CA PHE J 114 -43.18 7.92 16.80
C PHE J 114 -41.65 8.06 16.90
N ALA J 115 -41.20 8.53 18.06
CA ALA J 115 -39.80 8.43 18.53
C ALA J 115 -39.83 7.93 19.98
N LEU J 116 -38.88 7.05 20.34
CA LEU J 116 -38.65 6.64 21.74
C LEU J 116 -38.00 7.81 22.49
N PRO J 117 -38.14 7.89 23.83
CA PRO J 117 -37.86 9.13 24.56
C PRO J 117 -36.44 9.68 24.40
N ASN J 118 -35.43 8.82 24.24
CA ASN J 118 -34.00 9.21 24.16
C ASN J 118 -33.49 9.16 22.72
N ALA J 119 -34.38 8.91 21.76
CA ALA J 119 -34.03 8.92 20.32
C ALA J 119 -33.78 10.37 19.89
N GLU J 120 -32.84 10.57 18.97
CA GLU J 120 -32.45 11.90 18.41
C GLU J 120 -32.96 12.00 16.98
N VAL J 121 -33.37 13.19 16.56
CA VAL J 121 -33.74 13.50 15.16
C VAL J 121 -32.85 14.67 14.72
N MET J 122 -32.28 14.59 13.53
CA MET J 122 -31.41 15.65 12.98
C MET J 122 -31.87 15.93 11.55
N ILE J 123 -32.14 17.20 11.24
CA ILE J 123 -32.52 17.67 9.88
C ILE J 123 -31.39 18.57 9.37
N HIS J 124 -31.06 18.46 8.10
CA HIS J 124 -29.91 19.16 7.47
C HIS J 124 -30.11 19.22 5.96
N GLN J 125 -29.72 20.32 5.31
CA GLN J 125 -29.76 20.49 3.83
C GLN J 125 -29.00 19.32 3.19
N PRO J 126 -29.35 18.92 1.93
CA PRO J 126 -28.58 17.89 1.24
C PRO J 126 -27.17 18.35 0.88
N LEU J 127 -26.25 17.38 0.70
CA LEU J 127 -24.85 17.58 0.22
C LEU J 127 -24.76 17.08 -1.22
N GLY J 128 -23.72 17.51 -1.95
CA GLY J 128 -23.50 17.06 -3.33
C GLY J 128 -22.07 17.31 -3.77
N GLY J 129 -21.77 16.93 -5.00
CA GLY J 129 -20.45 17.10 -5.63
C GLY J 129 -20.63 17.50 -7.07
N ALA J 130 -19.68 18.25 -7.61
CA ALA J 130 -19.61 18.62 -9.04
C ALA J 130 -18.14 18.76 -9.43
N GLN J 131 -17.76 18.16 -10.55
CA GLN J 131 -16.36 17.99 -11.01
C GLN J 131 -16.32 18.21 -12.52
N GLY J 132 -15.19 18.68 -13.02
CA GLY J 132 -14.91 18.80 -14.46
C GLY J 132 -15.22 20.18 -14.99
N GLN J 133 -15.68 20.23 -16.23
CA GLN J 133 -15.83 21.49 -17.02
C GLN J 133 -16.80 22.43 -16.30
N ALA J 134 -16.62 23.74 -16.48
CA ALA J 134 -17.49 24.81 -15.92
C ALA J 134 -18.94 24.45 -16.18
N THR J 135 -19.28 24.09 -17.42
CA THR J 135 -20.68 23.85 -17.88
C THR J 135 -21.30 22.69 -17.07
N GLU J 136 -20.53 21.62 -16.83
CA GLU J 136 -20.96 20.47 -16.00
C GLU J 136 -21.30 20.98 -14.59
N ILE J 137 -20.49 21.89 -14.04
CA ILE J 137 -20.61 22.36 -12.62
C ILE J 137 -21.92 23.12 -12.43
N GLU J 138 -22.34 23.95 -13.40
CA GLU J 138 -23.61 24.70 -13.29
C GLU J 138 -24.81 23.73 -13.32
N ILE J 139 -24.78 22.70 -14.17
CA ILE J 139 -25.88 21.71 -14.27
C ILE J 139 -26.03 20.99 -12.92
N ALA J 140 -24.91 20.56 -12.33
CA ALA J 140 -24.87 19.83 -11.04
C ALA J 140 -25.36 20.75 -9.91
N ALA J 141 -24.93 22.01 -9.90
CA ALA J 141 -25.36 23.02 -8.92
C ALA J 141 -26.89 23.20 -9.01
N ASN J 142 -27.44 23.38 -10.21
CA ASN J 142 -28.90 23.57 -10.46
C ASN J 142 -29.72 22.38 -9.95
N HIS J 143 -29.23 21.15 -10.20
CA HIS J 143 -29.87 19.89 -9.76
C HIS J 143 -29.97 19.84 -8.23
N ILE J 144 -28.89 20.21 -7.53
CA ILE J 144 -28.81 20.20 -6.04
C ILE J 144 -29.79 21.22 -5.45
N LEU J 145 -29.86 22.44 -6.02
CA LEU J 145 -30.79 23.50 -5.57
C LEU J 145 -32.24 23.01 -5.75
N LYS J 146 -32.57 22.42 -6.89
CA LYS J 146 -33.94 21.93 -7.21
C LYS J 146 -34.31 20.76 -6.28
N THR J 147 -33.35 19.87 -5.98
CA THR J 147 -33.55 18.71 -5.07
C THR J 147 -33.83 19.24 -3.66
N ARG J 148 -33.11 20.29 -3.24
CA ARG J 148 -33.31 20.91 -1.89
C ARG J 148 -34.72 21.50 -1.82
N GLU J 149 -35.18 22.14 -2.88
CA GLU J 149 -36.56 22.73 -2.94
C GLU J 149 -37.58 21.59 -2.82
N LYS J 150 -37.37 20.48 -3.53
CA LYS J 150 -38.28 19.30 -3.48
C LYS J 150 -38.35 18.77 -2.03
N LEU J 151 -37.20 18.52 -1.41
CA LEU J 151 -37.10 18.00 -0.02
C LEU J 151 -37.79 18.96 0.96
N ASN J 152 -37.55 20.26 0.81
CA ASN J 152 -38.11 21.30 1.72
C ASN J 152 -39.64 21.34 1.56
N ARG J 153 -40.13 21.24 0.31
CA ARG J 153 -41.58 21.31 -0.01
C ARG J 153 -42.29 20.15 0.67
N ILE J 154 -41.76 18.92 0.55
CA ILE J 154 -42.40 17.71 1.16
C ILE J 154 -42.29 17.80 2.68
N LEU J 155 -41.14 18.21 3.23
CA LEU J 155 -40.96 18.35 4.70
C LEU J 155 -41.97 19.38 5.24
N SER J 156 -42.19 20.47 4.51
CA SER J 156 -43.21 21.50 4.84
C SER J 156 -44.61 20.86 4.89
N GLU J 157 -44.98 20.09 3.84
CA GLU J 157 -46.28 19.37 3.77
C GLU J 157 -46.42 18.42 4.97
N ARG J 158 -45.35 17.71 5.34
CA ARG J 158 -45.38 16.61 6.35
C ARG J 158 -45.39 17.15 7.78
N THR J 159 -44.78 18.32 8.02
CA THR J 159 -44.59 18.89 9.39
C THR J 159 -45.61 19.98 9.69
N GLY J 160 -46.14 20.66 8.67
CA GLY J 160 -47.01 21.83 8.83
C GLY J 160 -46.22 23.11 9.05
N GLN J 161 -44.89 23.06 8.89
CA GLN J 161 -43.99 24.24 8.94
C GLN J 161 -43.86 24.82 7.54
N SER J 162 -43.66 26.14 7.44
CA SER J 162 -43.45 26.87 6.16
C SER J 162 -42.13 26.43 5.53
N ILE J 163 -42.01 26.57 4.20
CA ILE J 163 -40.76 26.28 3.43
C ILE J 163 -39.67 27.25 3.89
N GLU J 164 -40.03 28.52 4.16
CA GLU J 164 -39.10 29.55 4.70
C GLU J 164 -38.43 29.03 5.98
N LYS J 165 -39.23 28.52 6.92
CA LYS J 165 -38.76 28.00 8.23
C LYS J 165 -37.88 26.75 8.03
N ILE J 166 -38.30 25.83 7.17
CA ILE J 166 -37.56 24.56 6.89
C ILE J 166 -36.18 24.93 6.33
N GLN J 167 -36.13 25.85 5.37
CA GLN J 167 -34.89 26.37 4.72
C GLN J 167 -33.95 26.89 5.82
N LYS J 168 -34.46 27.78 6.68
CA LYS J 168 -33.67 28.44 7.75
C LYS J 168 -33.15 27.40 8.75
N ASP J 169 -34.00 26.43 9.14
CA ASP J 169 -33.71 25.46 10.22
C ASP J 169 -32.79 24.32 9.73
N THR J 170 -32.49 24.22 8.43
CA THR J 170 -31.65 23.11 7.86
C THR J 170 -30.35 23.65 7.23
N ASP J 171 -30.04 24.93 7.39
CA ASP J 171 -28.79 25.53 6.84
C ASP J 171 -27.60 24.77 7.44
N ARG J 172 -27.66 24.53 8.74
CA ARG J 172 -26.63 23.79 9.52
C ARG J 172 -27.27 22.55 10.15
N ASP J 173 -26.44 21.63 10.64
CA ASP J 173 -26.90 20.49 11.49
C ASP J 173 -27.79 21.07 12.60
N ASN J 174 -29.01 20.53 12.70
CA ASN J 174 -30.01 20.94 13.71
C ASN J 174 -30.46 19.67 14.43
N PHE J 175 -30.04 19.49 15.68
CA PHE J 175 -30.35 18.30 16.52
C PHE J 175 -31.61 18.57 17.35
N LEU J 176 -32.58 17.66 17.26
CA LEU J 176 -33.87 17.71 18.01
C LEU J 176 -33.94 16.52 18.96
N THR J 177 -34.41 16.74 20.18
CA THR J 177 -34.89 15.66 21.10
C THR J 177 -36.18 15.09 20.54
N ALA J 178 -36.68 13.98 21.11
CA ALA J 178 -37.95 13.36 20.72
C ALA J 178 -39.09 14.38 20.88
N GLU J 179 -39.15 15.07 22.02
CA GLU J 179 -40.22 16.05 22.32
C GLU J 179 -40.11 17.25 21.37
N GLU J 180 -38.89 17.69 21.05
CA GLU J 180 -38.66 18.80 20.08
C GLU J 180 -39.12 18.34 18.69
N ALA J 181 -38.97 17.06 18.35
CA ALA J 181 -39.35 16.49 17.04
C ALA J 181 -40.88 16.46 16.90
N LYS J 182 -41.59 16.20 17.99
CA LYS J 182 -43.08 16.21 18.03
C LYS J 182 -43.58 17.65 17.83
N GLU J 183 -43.05 18.61 18.59
CA GLU J 183 -43.44 20.05 18.51
C GLU J 183 -43.19 20.57 17.09
N TYR J 184 -42.12 20.11 16.45
CA TYR J 184 -41.74 20.53 15.07
C TYR J 184 -42.70 19.93 14.03
N GLY J 185 -43.33 18.81 14.36
CA GLY J 185 -44.29 18.11 13.49
C GLY J 185 -43.63 17.01 12.66
N LEU J 186 -42.42 16.57 13.05
CA LEU J 186 -41.70 15.46 12.37
C LEU J 186 -42.27 14.11 12.85
N ILE J 187 -42.72 14.05 14.10
CA ILE J 187 -43.45 12.88 14.67
C ILE J 187 -44.75 13.37 15.29
N ASP J 188 -45.63 12.42 15.61
CA ASP J 188 -46.96 12.67 16.20
C ASP J 188 -46.87 12.53 17.72
N GLU J 189 -46.15 11.53 18.23
CA GLU J 189 -46.08 11.22 19.67
C GLU J 189 -44.67 10.71 20.03
N VAL J 190 -44.22 11.03 21.25
CA VAL J 190 -43.10 10.32 21.94
C VAL J 190 -43.70 9.03 22.54
N MET J 191 -43.20 7.86 22.16
CA MET J 191 -43.72 6.56 22.67
C MET J 191 -43.22 6.36 24.11
N VAL J 192 -44.14 6.40 25.07
CA VAL J 192 -43.90 6.22 26.54
C VAL J 192 -43.82 4.72 26.83
N PRO J 193 -43.09 4.26 27.87
CA PRO J 193 -43.08 2.83 28.23
C PRO J 193 -44.45 2.22 28.54
N GLU J 194 -44.70 0.99 28.06
CA GLU J 194 -46.00 0.25 28.14
C GLU J 194 -46.41 0.04 29.61
N ILE K 5 -30.77 -9.46 3.66
CA ILE K 5 -31.86 -9.88 2.71
C ILE K 5 -32.73 -10.92 3.40
N PRO K 6 -33.95 -10.55 3.86
CA PRO K 6 -34.80 -11.47 4.63
C PRO K 6 -35.33 -12.68 3.85
N THR K 7 -35.74 -13.72 4.58
CA THR K 7 -36.36 -14.97 4.09
C THR K 7 -37.88 -14.93 4.30
N VAL K 8 -38.64 -15.51 3.35
CA VAL K 8 -40.10 -15.81 3.45
C VAL K 8 -40.29 -17.32 3.20
N ILE K 9 -41.21 -17.96 3.93
CA ILE K 9 -41.45 -19.44 3.88
C ILE K 9 -42.85 -19.71 3.33
N TYR K 19 -37.78 -18.94 0.41
CA TYR K 19 -37.50 -17.85 -0.56
C TYR K 19 -36.79 -16.68 0.13
N ASP K 20 -35.85 -16.03 -0.56
CA ASP K 20 -35.39 -14.67 -0.18
C ASP K 20 -36.45 -13.67 -0.68
N ILE K 21 -36.42 -12.42 -0.21
CA ILE K 21 -37.51 -11.44 -0.50
C ILE K 21 -37.64 -11.25 -2.02
N TYR K 22 -36.54 -11.28 -2.77
CA TYR K 22 -36.55 -11.06 -4.25
C TYR K 22 -37.19 -12.27 -4.93
N SER K 23 -36.87 -13.48 -4.45
CA SER K 23 -37.44 -14.76 -4.94
C SER K 23 -38.94 -14.77 -4.70
N ARG K 24 -39.39 -14.25 -3.56
CA ARG K 24 -40.83 -14.17 -3.22
C ARG K 24 -41.55 -13.24 -4.21
N LEU K 25 -40.95 -12.08 -4.50
CA LEU K 25 -41.50 -11.07 -5.44
C LEU K 25 -41.50 -11.64 -6.87
N LEU K 26 -40.52 -12.47 -7.21
CA LEU K 26 -40.40 -13.11 -8.55
C LEU K 26 -41.61 -14.02 -8.78
N LYS K 27 -42.14 -14.61 -7.71
CA LYS K 27 -43.39 -15.43 -7.76
C LYS K 27 -44.55 -14.55 -8.22
N ASP K 28 -44.55 -13.25 -7.92
CA ASP K 28 -45.59 -12.29 -8.39
C ASP K 28 -45.13 -11.59 -9.68
N ARG K 29 -44.12 -12.14 -10.37
CA ARG K 29 -43.61 -11.65 -11.68
C ARG K 29 -43.05 -10.23 -11.54
N ILE K 30 -42.46 -9.94 -10.39
CA ILE K 30 -41.76 -8.65 -10.11
C ILE K 30 -40.25 -8.92 -10.20
N ILE K 31 -39.52 -8.11 -10.98
CA ILE K 31 -38.03 -8.12 -11.04
C ILE K 31 -37.55 -6.77 -10.49
N MET K 32 -36.60 -6.79 -9.55
CA MET K 32 -36.07 -5.57 -8.90
C MET K 32 -34.68 -5.26 -9.45
N LEU K 33 -34.53 -4.14 -10.15
CA LEU K 33 -33.20 -3.63 -10.51
C LEU K 33 -32.91 -2.46 -9.56
N GLY K 34 -31.96 -2.65 -8.65
CA GLY K 34 -31.57 -1.66 -7.62
C GLY K 34 -30.06 -1.49 -7.56
N SER K 35 -29.39 -1.53 -8.72
CA SER K 35 -27.91 -1.47 -8.81
C SER K 35 -27.47 -0.95 -10.18
N GLN K 36 -26.19 -0.64 -10.31
CA GLN K 36 -25.51 -0.45 -11.61
C GLN K 36 -25.76 -1.69 -12.49
N ILE K 37 -25.71 -1.51 -13.81
CA ILE K 37 -25.89 -2.60 -14.81
C ILE K 37 -24.51 -3.05 -15.29
N ASP K 38 -24.09 -4.25 -14.90
CA ASP K 38 -22.89 -4.93 -15.45
C ASP K 38 -23.34 -6.27 -16.02
N ASP K 39 -22.42 -7.04 -16.60
CA ASP K 39 -22.72 -8.35 -17.24
C ASP K 39 -23.40 -9.28 -16.24
N ASN K 40 -23.00 -9.28 -14.95
CA ASN K 40 -23.57 -10.15 -13.89
C ASN K 40 -25.04 -9.79 -13.66
N VAL K 41 -25.33 -8.52 -13.43
CA VAL K 41 -26.71 -7.99 -13.22
C VAL K 41 -27.54 -8.32 -14.47
N ALA K 42 -27.03 -8.04 -15.67
CA ALA K 42 -27.73 -8.31 -16.96
C ALA K 42 -28.05 -9.81 -17.06
N ASN K 43 -27.09 -10.69 -16.73
CA ASN K 43 -27.27 -12.15 -16.80
C ASN K 43 -28.42 -12.56 -15.86
N SER K 44 -28.48 -11.99 -14.67
CA SER K 44 -29.54 -12.27 -13.67
C SER K 44 -30.91 -11.80 -14.22
N ILE K 45 -31.00 -10.56 -14.71
CA ILE K 45 -32.30 -9.99 -15.17
C ILE K 45 -32.80 -10.73 -16.41
N VAL K 46 -31.91 -11.04 -17.36
CA VAL K 46 -32.27 -11.82 -18.57
C VAL K 46 -32.82 -13.19 -18.14
N SER K 47 -32.14 -13.88 -17.22
CA SER K 47 -32.56 -15.21 -16.74
C SER K 47 -33.93 -15.12 -16.07
N GLN K 48 -34.19 -14.08 -15.27
CA GLN K 48 -35.50 -13.87 -14.60
C GLN K 48 -36.59 -13.63 -15.66
N LEU K 49 -36.29 -12.85 -16.70
CA LEU K 49 -37.26 -12.63 -17.82
C LEU K 49 -37.54 -13.95 -18.55
N LEU K 50 -36.51 -14.74 -18.88
CA LEU K 50 -36.71 -16.04 -19.58
C LEU K 50 -37.50 -16.99 -18.67
N PHE K 51 -37.18 -17.03 -17.37
CA PHE K 51 -37.91 -17.85 -16.37
C PHE K 51 -39.38 -17.44 -16.35
N LEU K 52 -39.66 -16.13 -16.22
CA LEU K 52 -41.07 -15.65 -16.12
C LEU K 52 -41.83 -16.00 -17.40
N GLN K 53 -41.21 -15.87 -18.57
CA GLN K 53 -41.89 -16.22 -19.85
C GLN K 53 -42.23 -17.71 -19.86
N ALA K 54 -41.32 -18.57 -19.37
CA ALA K 54 -41.51 -20.03 -19.29
C ALA K 54 -42.64 -20.39 -18.32
N GLN K 55 -42.85 -19.59 -17.27
CA GLN K 55 -43.92 -19.81 -16.26
C GLN K 55 -45.28 -19.42 -16.86
N ASP K 56 -45.32 -18.28 -17.55
CA ASP K 56 -46.55 -17.79 -18.23
C ASP K 56 -46.15 -16.78 -19.31
N SER K 57 -46.47 -17.07 -20.58
CA SER K 57 -46.03 -16.24 -21.74
C SER K 57 -46.95 -15.02 -21.92
N GLU K 58 -48.05 -14.92 -21.17
CA GLU K 58 -49.10 -13.93 -21.47
C GLU K 58 -49.31 -12.94 -20.33
N LYS K 59 -48.94 -13.25 -19.09
CA LYS K 59 -49.13 -12.33 -17.96
C LYS K 59 -48.02 -11.29 -17.95
N ASP K 60 -48.34 -10.06 -17.56
CA ASP K 60 -47.39 -8.93 -17.48
C ASP K 60 -46.29 -9.26 -16.48
N ILE K 61 -45.10 -8.71 -16.74
CA ILE K 61 -43.92 -8.67 -15.83
C ILE K 61 -43.77 -7.22 -15.39
N TYR K 62 -43.36 -7.01 -14.14
CA TYR K 62 -43.11 -5.68 -13.53
C TYR K 62 -41.60 -5.55 -13.25
N LEU K 63 -40.94 -4.66 -13.99
CA LEU K 63 -39.50 -4.35 -13.78
C LEU K 63 -39.39 -3.01 -13.04
N TYR K 64 -39.06 -3.05 -11.75
CA TYR K 64 -38.72 -1.84 -10.95
C TYR K 64 -37.28 -1.43 -11.28
N ILE K 65 -37.07 -0.16 -11.59
CA ILE K 65 -35.73 0.37 -11.97
C ILE K 65 -35.35 1.50 -11.01
N ASN K 66 -34.30 1.26 -10.23
CA ASN K 66 -33.53 2.29 -9.49
C ASN K 66 -32.06 2.02 -9.82
N SER K 67 -31.50 2.73 -10.79
CA SER K 67 -30.19 2.38 -11.37
C SER K 67 -29.54 3.62 -11.94
N PRO K 68 -28.21 3.80 -11.71
CA PRO K 68 -27.43 4.85 -12.36
C PRO K 68 -26.94 4.43 -13.75
N GLY K 69 -27.26 3.20 -14.18
CA GLY K 69 -26.86 2.64 -15.47
C GLY K 69 -25.63 1.78 -15.33
N GLY K 70 -24.79 1.73 -16.36
CA GLY K 70 -23.56 0.93 -16.39
C GLY K 70 -23.18 0.55 -17.80
N SER K 71 -22.86 -0.73 -18.02
CA SER K 71 -22.40 -1.23 -19.34
C SER K 71 -23.49 -1.05 -20.41
N VAL K 72 -23.16 -0.40 -21.53
CA VAL K 72 -24.09 -0.26 -22.67
C VAL K 72 -24.45 -1.65 -23.19
N THR K 73 -23.48 -2.54 -23.40
CA THR K 73 -23.75 -3.89 -23.98
C THR K 73 -24.59 -4.68 -22.98
N ALA K 74 -24.36 -4.54 -21.67
CA ALA K 74 -25.15 -5.24 -20.63
C ALA K 74 -26.60 -4.75 -20.70
N GLY K 75 -26.79 -3.42 -20.84
CA GLY K 75 -28.11 -2.80 -21.04
C GLY K 75 -28.81 -3.34 -22.28
N PHE K 76 -28.10 -3.50 -23.40
CA PHE K 76 -28.71 -4.03 -24.64
C PHE K 76 -29.09 -5.50 -24.46
N ALA K 77 -28.37 -6.30 -23.66
CA ALA K 77 -28.77 -7.69 -23.36
C ALA K 77 -30.15 -7.67 -22.72
N ILE K 78 -30.38 -6.77 -21.77
CA ILE K 78 -31.69 -6.65 -21.07
C ILE K 78 -32.73 -6.13 -22.06
N TYR K 79 -32.41 -5.05 -22.78
CA TYR K 79 -33.33 -4.40 -23.75
C TYR K 79 -33.84 -5.44 -24.77
N ASP K 80 -32.94 -6.21 -25.38
CA ASP K 80 -33.30 -7.18 -26.45
C ASP K 80 -34.12 -8.32 -25.84
N THR K 81 -33.84 -8.73 -24.61
CA THR K 81 -34.62 -9.81 -23.95
C THR K 81 -36.06 -9.32 -23.72
N ILE K 82 -36.24 -8.08 -23.24
CA ILE K 82 -37.59 -7.48 -23.06
C ILE K 82 -38.38 -7.58 -24.37
N GLN K 83 -37.81 -7.10 -25.49
CA GLN K 83 -38.56 -7.03 -26.78
C GLN K 83 -38.80 -8.44 -27.32
N HIS K 84 -37.89 -9.39 -27.02
CA HIS K 84 -37.93 -10.78 -27.53
C HIS K 84 -39.09 -11.59 -26.93
N ILE K 85 -39.34 -11.49 -25.62
CA ILE K 85 -40.29 -12.39 -24.91
C ILE K 85 -41.72 -11.92 -25.20
N LYS K 86 -42.68 -12.83 -25.08
CA LYS K 86 -44.10 -12.53 -25.37
C LYS K 86 -44.69 -11.61 -24.30
N PRO K 87 -44.51 -11.86 -22.98
CA PRO K 87 -45.11 -11.00 -21.95
C PRO K 87 -44.72 -9.53 -22.09
N ASP K 88 -45.71 -8.63 -21.93
CA ASP K 88 -45.47 -7.19 -21.74
C ASP K 88 -44.61 -7.02 -20.50
N VAL K 89 -43.58 -6.18 -20.59
CA VAL K 89 -42.76 -5.80 -19.40
C VAL K 89 -43.10 -4.36 -19.01
N GLN K 90 -43.76 -4.19 -17.87
CA GLN K 90 -43.99 -2.85 -17.27
C GLN K 90 -42.66 -2.38 -16.68
N THR K 91 -42.34 -1.10 -16.83
CA THR K 91 -41.17 -0.48 -16.18
C THR K 91 -41.67 0.56 -15.19
N ILE K 92 -41.15 0.50 -13.98
CA ILE K 92 -41.53 1.41 -12.86
C ILE K 92 -40.25 2.00 -12.28
N CYS K 93 -40.04 3.29 -12.52
CA CYS K 93 -38.89 4.05 -11.97
C CYS K 93 -39.17 4.47 -10.51
N ILE K 94 -38.30 4.05 -9.60
CA ILE K 94 -38.26 4.51 -8.18
C ILE K 94 -36.86 5.05 -7.93
N GLY K 95 -36.74 6.13 -7.18
CA GLY K 95 -35.45 6.77 -6.88
C GLY K 95 -34.92 7.48 -8.10
N MET K 96 -34.14 6.78 -8.93
CA MET K 96 -33.49 7.37 -10.13
C MET K 96 -33.34 6.29 -11.21
N ALA K 97 -33.62 6.67 -12.44
CA ALA K 97 -33.33 5.88 -13.65
C ALA K 97 -32.44 6.78 -14.51
N ALA K 98 -31.12 6.57 -14.44
CA ALA K 98 -30.17 7.42 -15.19
C ALA K 98 -29.39 6.60 -16.23
N SER K 99 -28.92 7.27 -17.28
CA SER K 99 -28.07 6.68 -18.29
C SER K 99 -28.72 5.41 -18.86
N MET K 100 -28.06 4.27 -18.75
CA MET K 100 -28.71 3.02 -19.26
C MET K 100 -30.00 2.70 -18.49
N GLY K 101 -30.14 3.09 -17.21
CA GLY K 101 -31.40 2.91 -16.49
C GLY K 101 -32.55 3.62 -17.18
N SER K 102 -32.35 4.87 -17.62
CA SER K 102 -33.45 5.62 -18.32
C SER K 102 -33.73 4.97 -19.68
N PHE K 103 -32.70 4.45 -20.33
CA PHE K 103 -32.86 3.71 -21.61
C PHE K 103 -33.82 2.52 -21.41
N LEU K 104 -33.60 1.74 -20.37
CA LEU K 104 -34.42 0.54 -20.06
C LEU K 104 -35.82 0.95 -19.62
N LEU K 105 -35.94 2.04 -18.85
CA LEU K 105 -37.27 2.60 -18.45
C LEU K 105 -38.11 2.85 -19.70
N ALA K 106 -37.51 3.48 -20.72
CA ALA K 106 -38.18 3.85 -21.99
C ALA K 106 -38.52 2.60 -22.81
N ALA K 107 -37.92 1.45 -22.49
CA ALA K 107 -37.98 0.20 -23.28
C ALA K 107 -39.16 -0.68 -22.84
N GLY K 108 -39.86 -0.32 -21.77
CA GLY K 108 -41.03 -1.08 -21.30
C GLY K 108 -42.16 -1.03 -22.31
N ALA K 109 -43.15 -1.90 -22.16
CA ALA K 109 -44.36 -1.98 -23.00
C ALA K 109 -45.00 -0.59 -23.11
N LYS K 110 -45.28 -0.15 -24.34
CA LYS K 110 -45.96 1.15 -24.61
C LYS K 110 -47.26 1.19 -23.79
N GLY K 111 -47.43 2.26 -23.00
CA GLY K 111 -48.60 2.44 -22.11
C GLY K 111 -48.37 1.88 -20.71
N LYS K 112 -47.26 1.17 -20.46
CA LYS K 112 -46.99 0.53 -19.14
C LYS K 112 -45.60 0.95 -18.62
N ARG K 113 -45.16 2.15 -18.99
CA ARG K 113 -43.90 2.75 -18.49
C ARG K 113 -44.28 3.85 -17.50
N PHE K 114 -43.77 3.75 -16.27
CA PHE K 114 -44.19 4.58 -15.12
C PHE K 114 -42.98 5.13 -14.36
N ALA K 115 -43.17 6.27 -13.69
CA ALA K 115 -42.30 6.76 -12.60
C ALA K 115 -43.19 7.18 -11.42
N LEU K 116 -42.74 6.84 -10.21
CA LEU K 116 -43.35 7.33 -8.95
C LEU K 116 -43.10 8.84 -8.89
N PRO K 117 -43.92 9.62 -8.15
CA PRO K 117 -43.95 11.07 -8.29
C PRO K 117 -42.63 11.81 -8.01
N ASN K 118 -41.75 11.25 -7.17
CA ASN K 118 -40.49 11.91 -6.75
C ASN K 118 -39.26 11.19 -7.33
N ALA K 119 -39.48 10.21 -8.21
CA ALA K 119 -38.41 9.52 -8.96
C ALA K 119 -37.81 10.52 -9.96
N GLU K 120 -36.51 10.48 -10.14
CA GLU K 120 -35.78 11.31 -11.12
C GLU K 120 -35.42 10.44 -12.33
N VAL K 121 -35.45 11.02 -13.52
CA VAL K 121 -34.95 10.38 -14.76
C VAL K 121 -33.83 11.26 -15.31
N MET K 122 -32.67 10.67 -15.62
CA MET K 122 -31.54 11.42 -16.24
C MET K 122 -31.15 10.77 -17.57
N ILE K 123 -31.09 11.54 -18.64
CA ILE K 123 -30.58 11.08 -19.97
C ILE K 123 -29.24 11.77 -20.23
N HIS K 124 -28.33 11.05 -20.91
CA HIS K 124 -26.96 11.54 -21.22
C HIS K 124 -26.33 10.67 -22.32
N GLN K 125 -25.45 11.27 -23.12
CA GLN K 125 -24.65 10.55 -24.15
C GLN K 125 -23.78 9.52 -23.44
N PRO K 126 -23.42 8.42 -24.13
CA PRO K 126 -22.56 7.40 -23.54
C PRO K 126 -21.13 7.92 -23.36
N LEU K 127 -20.37 7.19 -22.54
CA LEU K 127 -18.93 7.40 -22.29
C LEU K 127 -18.18 6.22 -22.90
N GLY K 128 -16.88 6.39 -23.13
CA GLY K 128 -16.01 5.32 -23.60
C GLY K 128 -14.55 5.64 -23.31
N GLY K 129 -13.67 4.76 -23.75
CA GLY K 129 -12.23 4.82 -23.50
C GLY K 129 -11.49 4.23 -24.67
N ALA K 130 -10.30 4.74 -24.95
CA ALA K 130 -9.40 4.29 -26.03
C ALA K 130 -7.97 4.60 -25.61
N GLN K 131 -7.10 3.59 -25.63
CA GLN K 131 -5.68 3.65 -25.22
C GLN K 131 -4.86 2.79 -26.17
N GLY K 132 -3.77 3.30 -26.72
CA GLY K 132 -2.83 2.53 -27.56
C GLY K 132 -2.56 3.26 -28.86
N GLN K 133 -2.31 2.47 -29.92
CA GLN K 133 -1.83 2.99 -31.23
C GLN K 133 -2.92 3.87 -31.85
N ALA K 134 -2.52 4.90 -32.60
CA ALA K 134 -3.45 5.77 -33.37
C ALA K 134 -4.51 4.91 -34.09
N THR K 135 -4.12 3.83 -34.77
CA THR K 135 -5.07 2.96 -35.53
C THR K 135 -6.12 2.35 -34.57
N GLU K 136 -5.71 1.89 -33.39
CA GLU K 136 -6.62 1.34 -32.34
C GLU K 136 -7.59 2.44 -31.90
N ILE K 137 -7.11 3.68 -31.72
CA ILE K 137 -7.94 4.79 -31.20
C ILE K 137 -9.02 5.14 -32.25
N GLU K 138 -8.67 5.19 -33.55
CA GLU K 138 -9.69 5.45 -34.61
C GLU K 138 -10.76 4.33 -34.59
N ILE K 139 -10.36 3.06 -34.45
CA ILE K 139 -11.32 1.92 -34.41
C ILE K 139 -12.26 2.11 -33.20
N ALA K 140 -11.71 2.44 -32.03
CA ALA K 140 -12.49 2.64 -30.79
C ALA K 140 -13.44 3.84 -30.96
N ALA K 141 -12.97 4.94 -31.56
CA ALA K 141 -13.75 6.18 -31.81
C ALA K 141 -14.94 5.90 -32.75
N ASN K 142 -14.69 5.22 -33.87
CA ASN K 142 -15.75 4.81 -34.85
C ASN K 142 -16.78 3.93 -34.11
N HIS K 143 -16.36 3.00 -33.26
CA HIS K 143 -17.27 2.12 -32.48
C HIS K 143 -18.14 2.95 -31.52
N ILE K 144 -17.56 3.89 -30.80
CA ILE K 144 -18.26 4.77 -29.82
C ILE K 144 -19.31 5.62 -30.57
N LEU K 145 -18.93 6.18 -31.71
CA LEU K 145 -19.84 7.01 -32.56
C LEU K 145 -21.01 6.16 -33.04
N LYS K 146 -20.75 4.96 -33.57
CA LYS K 146 -21.81 4.05 -34.10
C LYS K 146 -22.74 3.64 -32.94
N THR K 147 -22.20 3.34 -31.75
CA THR K 147 -23.01 2.91 -30.57
C THR K 147 -23.87 4.09 -30.09
N ARG K 148 -23.34 5.31 -30.09
CA ARG K 148 -24.12 6.52 -29.72
C ARG K 148 -25.28 6.70 -30.71
N GLU K 149 -25.05 6.56 -32.01
CA GLU K 149 -26.10 6.64 -33.06
C GLU K 149 -27.18 5.59 -32.77
N LYS K 150 -26.79 4.36 -32.40
CA LYS K 150 -27.74 3.25 -32.14
C LYS K 150 -28.62 3.59 -30.93
N LEU K 151 -28.01 4.05 -29.85
CA LEU K 151 -28.73 4.46 -28.60
C LEU K 151 -29.74 5.58 -28.92
N ASN K 152 -29.31 6.61 -29.67
CA ASN K 152 -30.14 7.80 -30.01
C ASN K 152 -31.32 7.38 -30.91
N ARG K 153 -31.07 6.52 -31.90
CA ARG K 153 -32.11 6.01 -32.84
C ARG K 153 -33.20 5.29 -32.03
N ILE K 154 -32.82 4.40 -31.11
CA ILE K 154 -33.82 3.62 -30.32
C ILE K 154 -34.55 4.55 -29.34
N LEU K 155 -33.84 5.45 -28.65
CA LEU K 155 -34.50 6.44 -27.74
C LEU K 155 -35.50 7.29 -28.52
N SER K 156 -35.18 7.70 -29.75
CA SER K 156 -36.06 8.42 -30.70
C SER K 156 -37.34 7.59 -30.97
N GLU K 157 -37.18 6.31 -31.34
CA GLU K 157 -38.32 5.38 -31.62
C GLU K 157 -39.15 5.22 -30.36
N ARG K 158 -38.52 5.12 -29.19
CA ARG K 158 -39.23 4.82 -27.91
C ARG K 158 -39.95 6.06 -27.37
N THR K 159 -39.44 7.28 -27.60
CA THR K 159 -40.01 8.52 -27.01
C THR K 159 -40.91 9.27 -28.00
N GLY K 160 -40.74 9.02 -29.30
CA GLY K 160 -41.39 9.82 -30.36
C GLY K 160 -40.72 11.17 -30.55
N GLN K 161 -39.54 11.39 -29.96
CA GLN K 161 -38.70 12.60 -30.23
C GLN K 161 -37.81 12.32 -31.44
N SER K 162 -37.44 13.35 -32.19
CA SER K 162 -36.46 13.25 -33.31
C SER K 162 -35.09 12.83 -32.75
N ILE K 163 -34.28 12.14 -33.56
CA ILE K 163 -32.84 11.88 -33.27
C ILE K 163 -32.16 13.22 -32.98
N GLU K 164 -32.44 14.25 -33.80
CA GLU K 164 -31.86 15.62 -33.67
C GLU K 164 -32.09 16.11 -32.24
N LYS K 165 -33.32 16.03 -31.73
CA LYS K 165 -33.69 16.51 -30.38
C LYS K 165 -33.00 15.67 -29.30
N ILE K 166 -33.02 14.34 -29.43
CA ILE K 166 -32.35 13.40 -28.47
C ILE K 166 -30.86 13.80 -28.36
N GLN K 167 -30.18 13.98 -29.50
CA GLN K 167 -28.74 14.34 -29.57
C GLN K 167 -28.52 15.65 -28.80
N LYS K 168 -29.31 16.69 -29.10
CA LYS K 168 -29.17 18.04 -28.49
C LYS K 168 -29.38 17.95 -26.97
N ASP K 169 -30.38 17.18 -26.53
CA ASP K 169 -30.84 17.10 -25.11
C ASP K 169 -29.92 16.19 -24.30
N THR K 170 -29.04 15.41 -24.91
CA THR K 170 -28.19 14.42 -24.19
C THR K 170 -26.71 14.81 -24.23
N ASP K 171 -26.36 15.95 -24.82
CA ASP K 171 -24.96 16.48 -24.86
C ASP K 171 -24.42 16.54 -23.42
N ARG K 172 -25.19 17.15 -22.52
CA ARG K 172 -24.84 17.26 -21.08
C ARG K 172 -25.85 16.43 -20.27
N ASP K 173 -25.54 16.22 -18.98
CA ASP K 173 -26.48 15.61 -18.01
C ASP K 173 -27.79 16.41 -18.11
N ASN K 174 -28.91 15.71 -18.23
CA ASN K 174 -30.26 16.31 -18.37
C ASN K 174 -31.19 15.63 -17.36
N PHE K 175 -31.49 16.30 -16.25
CA PHE K 175 -32.33 15.80 -15.13
C PHE K 175 -33.80 16.13 -15.42
N LEU K 176 -34.66 15.12 -15.34
CA LEU K 176 -36.12 15.25 -15.59
C LEU K 176 -36.86 14.83 -14.31
N THR K 177 -37.88 15.58 -13.89
CA THR K 177 -38.90 15.12 -12.92
C THR K 177 -39.73 14.01 -13.61
N ALA K 178 -40.54 13.28 -12.85
CA ALA K 178 -41.44 12.25 -13.39
C ALA K 178 -42.36 12.87 -14.45
N GLU K 179 -42.91 14.05 -14.17
CA GLU K 179 -43.87 14.75 -15.07
C GLU K 179 -43.10 15.15 -16.35
N GLU K 180 -41.88 15.66 -16.22
CA GLU K 180 -41.03 16.01 -17.39
C GLU K 180 -40.72 14.76 -18.22
N ALA K 181 -40.46 13.61 -17.58
CA ALA K 181 -40.16 12.36 -18.29
C ALA K 181 -41.38 11.92 -19.09
N LYS K 182 -42.58 12.10 -18.53
CA LYS K 182 -43.86 11.80 -19.23
C LYS K 182 -43.97 12.71 -20.46
N GLU K 183 -43.82 14.02 -20.28
CA GLU K 183 -43.95 15.02 -21.39
C GLU K 183 -42.92 14.68 -22.48
N TYR K 184 -41.74 14.18 -22.12
CA TYR K 184 -40.65 13.84 -23.07
C TYR K 184 -40.97 12.55 -23.84
N GLY K 185 -41.80 11.66 -23.28
CA GLY K 185 -42.16 10.37 -23.89
C GLY K 185 -41.27 9.23 -23.41
N LEU K 186 -40.51 9.41 -22.33
CA LEU K 186 -39.70 8.33 -21.70
C LEU K 186 -40.61 7.41 -20.89
N ILE K 187 -41.69 7.95 -20.34
CA ILE K 187 -42.73 7.16 -19.62
C ILE K 187 -44.11 7.58 -20.14
N ASP K 188 -45.13 6.80 -19.78
CA ASP K 188 -46.53 7.03 -20.22
C ASP K 188 -47.29 7.77 -19.11
N GLU K 189 -47.02 7.47 -17.85
CA GLU K 189 -47.81 8.00 -16.72
C GLU K 189 -46.93 8.14 -15.48
N VAL K 190 -47.16 9.22 -14.74
CA VAL K 190 -46.72 9.34 -13.31
C VAL K 190 -47.67 8.47 -12.49
N MET K 191 -47.11 7.47 -11.79
CA MET K 191 -47.88 6.52 -10.94
C MET K 191 -48.09 7.20 -9.58
N VAL K 192 -49.21 7.89 -9.46
CA VAL K 192 -49.63 8.67 -8.26
C VAL K 192 -50.24 7.69 -7.28
N PRO K 193 -50.10 7.87 -5.95
CA PRO K 193 -50.76 6.98 -4.98
C PRO K 193 -52.25 6.85 -5.29
N GLU K 194 -52.76 5.62 -5.41
CA GLU K 194 -54.22 5.35 -5.56
C GLU K 194 -54.95 5.95 -4.37
N THR K 195 -54.43 5.72 -3.16
CA THR K 195 -54.87 6.33 -1.87
C THR K 195 -53.70 7.13 -1.29
N ILE L 5 -29.05 -13.10 -7.06
CA ILE L 5 -29.37 -14.34 -7.83
C ILE L 5 -30.51 -15.07 -7.12
N PRO L 6 -31.79 -14.86 -7.51
CA PRO L 6 -32.95 -15.34 -6.75
C PRO L 6 -33.08 -16.87 -6.62
N THR L 7 -33.57 -17.33 -5.47
CA THR L 7 -33.47 -18.73 -4.97
C THR L 7 -34.71 -19.08 -4.14
N TYR L 19 -33.80 -24.30 -6.28
CA TYR L 19 -33.07 -23.83 -7.47
C TYR L 19 -32.75 -22.33 -7.37
N ASP L 20 -31.52 -21.92 -7.69
CA ASP L 20 -31.20 -20.54 -8.13
C ASP L 20 -31.72 -20.38 -9.57
N ILE L 21 -31.82 -19.15 -10.07
CA ILE L 21 -32.47 -18.87 -11.40
C ILE L 21 -31.75 -19.66 -12.52
N TYR L 22 -30.43 -19.78 -12.48
CA TYR L 22 -29.61 -20.49 -13.51
C TYR L 22 -29.94 -21.98 -13.49
N SER L 23 -30.07 -22.54 -12.28
CA SER L 23 -30.39 -23.96 -12.02
C SER L 23 -31.77 -24.28 -12.60
N ARG L 24 -32.70 -23.34 -12.50
CA ARG L 24 -34.09 -23.51 -13.01
C ARG L 24 -34.08 -23.50 -14.55
N LEU L 25 -33.31 -22.60 -15.16
CA LEU L 25 -33.16 -22.52 -16.64
C LEU L 25 -32.44 -23.77 -17.16
N LEU L 26 -31.52 -24.33 -16.37
CA LEU L 26 -30.77 -25.56 -16.77
C LEU L 26 -31.75 -26.74 -16.90
N LYS L 27 -32.78 -26.78 -16.07
CA LYS L 27 -33.91 -27.74 -16.21
C LYS L 27 -34.51 -27.65 -17.62
N ASP L 28 -34.51 -26.47 -18.26
CA ASP L 28 -35.04 -26.27 -19.65
C ASP L 28 -33.90 -26.31 -20.68
N ARG L 29 -32.76 -26.90 -20.32
CA ARG L 29 -31.60 -27.13 -21.22
C ARG L 29 -31.05 -25.78 -21.72
N ILE L 30 -31.12 -24.76 -20.86
CA ILE L 30 -30.53 -23.41 -21.11
C ILE L 30 -29.27 -23.25 -20.27
N ILE L 31 -28.16 -22.91 -20.91
CA ILE L 31 -26.88 -22.55 -20.24
C ILE L 31 -26.65 -21.05 -20.47
N MET L 32 -26.33 -20.30 -19.42
CA MET L 32 -26.12 -18.83 -19.50
C MET L 32 -24.61 -18.56 -19.35
N LEU L 33 -23.98 -18.05 -20.40
CA LEU L 33 -22.60 -17.51 -20.29
C LEU L 33 -22.71 -15.98 -20.28
N GLY L 34 -22.45 -15.36 -19.12
CA GLY L 34 -22.56 -13.91 -18.91
C GLY L 34 -21.33 -13.35 -18.22
N SER L 35 -20.15 -13.87 -18.56
CA SER L 35 -18.88 -13.50 -17.89
C SER L 35 -17.70 -13.76 -18.83
N GLN L 36 -16.52 -13.35 -18.41
CA GLN L 36 -15.23 -13.74 -19.04
C GLN L 36 -15.12 -15.27 -18.97
N ILE L 37 -14.34 -15.84 -19.89
CA ILE L 37 -14.08 -17.30 -19.97
C ILE L 37 -12.73 -17.55 -19.33
N ASP L 38 -12.72 -18.16 -18.14
CA ASP L 38 -11.50 -18.70 -17.49
C ASP L 38 -11.72 -20.21 -17.31
N ASP L 39 -10.75 -20.89 -16.70
CA ASP L 39 -10.78 -22.37 -16.53
C ASP L 39 -11.98 -22.76 -15.64
N ASN L 40 -12.34 -21.95 -14.64
CA ASN L 40 -13.51 -22.22 -13.75
C ASN L 40 -14.81 -22.16 -14.56
N VAL L 41 -15.00 -21.11 -15.35
CA VAL L 41 -16.24 -20.90 -16.16
C VAL L 41 -16.33 -22.02 -17.20
N ALA L 42 -15.20 -22.39 -17.85
CA ALA L 42 -15.15 -23.50 -18.83
C ALA L 42 -15.52 -24.83 -18.16
N ASN L 43 -14.96 -25.08 -16.97
CA ASN L 43 -15.22 -26.32 -16.17
C ASN L 43 -16.73 -26.43 -15.88
N SER L 44 -17.38 -25.31 -15.51
CA SER L 44 -18.83 -25.26 -15.21
C SER L 44 -19.66 -25.53 -16.48
N ILE L 45 -19.35 -24.85 -17.58
CA ILE L 45 -20.12 -24.97 -18.85
C ILE L 45 -19.93 -26.38 -19.43
N VAL L 46 -18.71 -26.91 -19.40
CA VAL L 46 -18.44 -28.30 -19.87
C VAL L 46 -19.30 -29.25 -19.02
N SER L 47 -19.33 -29.07 -17.70
CA SER L 47 -20.07 -29.94 -16.76
C SER L 47 -21.58 -29.87 -17.07
N GLN L 48 -22.10 -28.68 -17.36
CA GLN L 48 -23.53 -28.48 -17.74
C GLN L 48 -23.82 -29.20 -19.07
N LEU L 49 -22.92 -29.11 -20.06
CA LEU L 49 -23.15 -29.76 -21.38
C LEU L 49 -23.20 -31.28 -21.18
N LEU L 50 -22.24 -31.83 -20.43
CA LEU L 50 -22.17 -33.30 -20.17
C LEU L 50 -23.41 -33.76 -19.41
N PHE L 51 -23.85 -32.99 -18.41
CA PHE L 51 -25.09 -33.27 -17.63
C PHE L 51 -26.30 -33.30 -18.56
N LEU L 52 -26.46 -32.28 -19.40
CA LEU L 52 -27.63 -32.18 -20.33
C LEU L 52 -27.61 -33.33 -21.35
N GLN L 53 -26.43 -33.68 -21.87
CA GLN L 53 -26.32 -34.84 -22.80
C GLN L 53 -26.77 -36.12 -22.08
N ALA L 54 -26.36 -36.32 -20.82
CA ALA L 54 -26.71 -37.50 -19.99
C ALA L 54 -28.22 -37.52 -19.71
N GLN L 55 -28.85 -36.36 -19.53
CA GLN L 55 -30.32 -36.24 -19.30
C GLN L 55 -31.09 -36.65 -20.56
N ASP L 56 -30.69 -36.13 -21.72
CA ASP L 56 -31.34 -36.43 -23.03
C ASP L 56 -30.33 -36.11 -24.13
N SER L 57 -29.89 -37.14 -24.87
CA SER L 57 -28.82 -37.05 -25.90
C SER L 57 -29.37 -36.51 -27.23
N GLU L 58 -30.69 -36.33 -27.37
CA GLU L 58 -31.33 -35.92 -28.65
C GLU L 58 -31.84 -34.47 -28.61
N LYS L 59 -32.16 -33.92 -27.44
CA LYS L 59 -32.83 -32.60 -27.35
C LYS L 59 -31.80 -31.48 -27.45
N ASP L 60 -32.15 -30.41 -28.16
CA ASP L 60 -31.29 -29.20 -28.31
C ASP L 60 -30.97 -28.64 -26.92
N ILE L 61 -29.77 -28.08 -26.82
CA ILE L 61 -29.28 -27.23 -25.70
C ILE L 61 -29.22 -25.79 -26.23
N TYR L 62 -29.47 -24.80 -25.38
CA TYR L 62 -29.43 -23.36 -25.74
C TYR L 62 -28.36 -22.67 -24.91
N LEU L 63 -27.29 -22.20 -25.56
CA LEU L 63 -26.16 -21.49 -24.91
C LEU L 63 -26.30 -20.01 -25.24
N TYR L 64 -26.70 -19.21 -24.25
CA TYR L 64 -26.74 -17.73 -24.36
C TYR L 64 -25.31 -17.23 -24.11
N ILE L 65 -24.82 -16.36 -24.98
CA ILE L 65 -23.44 -15.82 -24.90
C ILE L 65 -23.51 -14.31 -24.79
N ASN L 66 -23.13 -13.79 -23.63
CA ASN L 66 -22.75 -12.36 -23.40
C ASN L 66 -21.38 -12.39 -22.73
N SER L 67 -20.30 -12.27 -23.49
CA SER L 67 -18.94 -12.50 -22.97
C SER L 67 -17.90 -11.68 -23.73
N PRO L 68 -16.93 -11.07 -23.01
CA PRO L 68 -15.78 -10.44 -23.65
C PRO L 68 -14.67 -11.44 -24.04
N GLY L 69 -14.89 -12.74 -23.78
CA GLY L 69 -13.93 -13.80 -24.07
C GLY L 69 -13.05 -14.06 -22.86
N GLY L 70 -11.78 -14.42 -23.08
CA GLY L 70 -10.87 -14.76 -21.99
C GLY L 70 -9.83 -15.77 -22.42
N SER L 71 -9.55 -16.80 -21.62
CA SER L 71 -8.54 -17.82 -21.95
C SER L 71 -8.92 -18.54 -23.26
N VAL L 72 -8.00 -18.59 -24.21
CA VAL L 72 -8.17 -19.33 -25.50
C VAL L 72 -8.34 -20.83 -25.18
N THR L 73 -7.55 -21.40 -24.28
CA THR L 73 -7.58 -22.86 -24.02
C THR L 73 -8.90 -23.18 -23.29
N ALA L 74 -9.33 -22.31 -22.39
CA ALA L 74 -10.63 -22.43 -21.70
C ALA L 74 -11.76 -22.40 -22.75
N GLY L 75 -11.66 -21.49 -23.72
CA GLY L 75 -12.58 -21.43 -24.87
C GLY L 75 -12.60 -22.74 -25.65
N PHE L 76 -11.43 -23.35 -25.88
CA PHE L 76 -11.32 -24.61 -26.66
C PHE L 76 -11.90 -25.80 -25.87
N ALA L 77 -11.88 -25.75 -24.53
CA ALA L 77 -12.48 -26.79 -23.67
C ALA L 77 -13.99 -26.81 -23.93
N ILE L 78 -14.60 -25.63 -23.96
CA ILE L 78 -16.05 -25.47 -24.31
C ILE L 78 -16.27 -25.88 -25.77
N TYR L 79 -15.46 -25.36 -26.71
CA TYR L 79 -15.64 -25.58 -28.17
C TYR L 79 -15.67 -27.09 -28.45
N ASP L 80 -14.67 -27.82 -27.94
CA ASP L 80 -14.52 -29.27 -28.19
C ASP L 80 -15.67 -30.05 -27.55
N THR L 81 -16.14 -29.67 -26.36
CA THR L 81 -17.26 -30.35 -25.67
C THR L 81 -18.52 -30.16 -26.52
N ILE L 82 -18.74 -28.95 -27.05
CA ILE L 82 -19.90 -28.66 -27.95
C ILE L 82 -19.86 -29.64 -29.14
N GLN L 83 -18.73 -29.77 -29.83
CA GLN L 83 -18.67 -30.59 -31.08
C GLN L 83 -18.70 -32.08 -30.71
N HIS L 84 -18.25 -32.44 -29.51
CA HIS L 84 -18.17 -33.86 -29.07
C HIS L 84 -19.57 -34.42 -28.79
N ILE L 85 -20.42 -33.68 -28.07
CA ILE L 85 -21.70 -34.24 -27.54
C ILE L 85 -22.70 -34.42 -28.69
N LYS L 86 -23.68 -35.32 -28.49
CA LYS L 86 -24.67 -35.66 -29.53
C LYS L 86 -25.64 -34.51 -29.75
N PRO L 87 -26.22 -33.87 -28.70
CA PRO L 87 -27.20 -32.81 -28.90
C PRO L 87 -26.65 -31.61 -29.68
N ASP L 88 -27.48 -31.02 -30.56
CA ASP L 88 -27.21 -29.71 -31.19
C ASP L 88 -27.14 -28.67 -30.07
N VAL L 89 -26.13 -27.80 -30.11
CA VAL L 89 -26.02 -26.65 -29.16
C VAL L 89 -26.33 -25.38 -29.96
N GLN L 90 -27.49 -24.78 -29.72
CA GLN L 90 -27.85 -23.46 -30.30
C GLN L 90 -27.03 -22.40 -29.57
N THR L 91 -26.56 -21.37 -30.28
CA THR L 91 -25.87 -20.22 -29.69
C THR L 91 -26.71 -18.97 -29.94
N ILE L 92 -26.92 -18.19 -28.89
CA ILE L 92 -27.73 -16.95 -28.93
C ILE L 92 -26.91 -15.85 -28.26
N CYS L 93 -26.44 -14.92 -29.09
CA CYS L 93 -25.69 -13.73 -28.62
C CYS L 93 -26.68 -12.69 -28.12
N ILE L 94 -26.52 -12.26 -26.86
CA ILE L 94 -27.19 -11.05 -26.27
C ILE L 94 -26.09 -10.14 -25.75
N GLY L 95 -26.22 -8.83 -25.94
CA GLY L 95 -25.21 -7.84 -25.52
C GLY L 95 -24.00 -7.82 -26.43
N MET L 96 -22.99 -8.63 -26.11
CA MET L 96 -21.70 -8.66 -26.87
C MET L 96 -21.12 -10.07 -26.81
N ALA L 97 -20.72 -10.60 -27.97
CA ALA L 97 -19.84 -11.78 -28.11
C ALA L 97 -18.53 -11.28 -28.73
N ALA L 98 -17.53 -11.06 -27.90
CA ALA L 98 -16.20 -10.58 -28.37
C ALA L 98 -15.12 -11.65 -28.11
N SER L 99 -14.05 -11.58 -28.91
CA SER L 99 -12.89 -12.36 -28.76
C SER L 99 -13.25 -13.86 -28.77
N MET L 100 -12.96 -14.58 -27.70
CA MET L 100 -13.33 -16.02 -27.62
C MET L 100 -14.88 -16.19 -27.57
N GLY L 101 -15.64 -15.20 -27.10
CA GLY L 101 -17.10 -15.23 -27.16
C GLY L 101 -17.61 -15.34 -28.60
N SER L 102 -17.05 -14.55 -29.53
CA SER L 102 -17.48 -14.64 -30.95
C SER L 102 -17.11 -16.00 -31.51
N PHE L 103 -15.94 -16.52 -31.13
CA PHE L 103 -15.49 -17.86 -31.57
C PHE L 103 -16.52 -18.92 -31.13
N LEU L 104 -16.99 -18.85 -29.89
CA LEU L 104 -17.98 -19.83 -29.40
C LEU L 104 -19.34 -19.59 -30.07
N LEU L 105 -19.71 -18.33 -30.34
CA LEU L 105 -20.97 -18.02 -31.07
C LEU L 105 -20.95 -18.74 -32.43
N ALA L 106 -19.83 -18.66 -33.15
CA ALA L 106 -19.64 -19.26 -34.49
C ALA L 106 -19.65 -20.79 -34.41
N ALA L 107 -19.47 -21.36 -33.22
CA ALA L 107 -19.28 -22.82 -33.00
C ALA L 107 -20.62 -23.53 -32.76
N GLY L 108 -21.74 -22.79 -32.72
CA GLY L 108 -23.07 -23.39 -32.53
C GLY L 108 -23.47 -24.33 -33.67
N ALA L 109 -24.46 -25.19 -33.45
CA ALA L 109 -25.00 -26.10 -34.49
C ALA L 109 -25.33 -25.29 -35.75
N LYS L 110 -25.10 -25.88 -36.92
CA LYS L 110 -25.36 -25.22 -38.22
C LYS L 110 -26.86 -24.94 -38.33
N GLY L 111 -27.20 -23.71 -38.74
CA GLY L 111 -28.59 -23.23 -38.84
C GLY L 111 -29.15 -22.76 -37.50
N LYS L 112 -28.40 -22.86 -36.40
CA LYS L 112 -28.93 -22.56 -35.04
C LYS L 112 -27.98 -21.60 -34.30
N ARG L 113 -27.35 -20.69 -35.02
CA ARG L 113 -26.50 -19.63 -34.44
C ARG L 113 -27.22 -18.30 -34.64
N PHE L 114 -27.48 -17.60 -33.52
CA PHE L 114 -28.40 -16.43 -33.49
C PHE L 114 -27.76 -15.27 -32.73
N ALA L 115 -28.21 -14.07 -33.06
CA ALA L 115 -27.96 -12.84 -32.29
C ALA L 115 -29.27 -12.05 -32.22
N LEU L 116 -29.53 -11.41 -31.08
CA LEU L 116 -30.67 -10.49 -30.93
C LEU L 116 -30.30 -9.20 -31.66
N PRO L 117 -31.30 -8.39 -32.09
CA PRO L 117 -31.05 -7.32 -33.06
C PRO L 117 -29.97 -6.28 -32.67
N ASN L 118 -29.81 -5.99 -31.38
CA ASN L 118 -28.88 -4.94 -30.88
C ASN L 118 -27.62 -5.56 -30.25
N ALA L 119 -27.45 -6.88 -30.38
CA ALA L 119 -26.24 -7.57 -29.89
C ALA L 119 -25.08 -7.25 -30.85
N GLU L 120 -23.88 -7.13 -30.28
CA GLU L 120 -22.60 -6.81 -30.97
C GLU L 120 -21.74 -8.08 -31.00
N VAL L 121 -20.97 -8.24 -32.06
CA VAL L 121 -19.98 -9.33 -32.25
C VAL L 121 -18.65 -8.63 -32.55
N MET L 122 -17.56 -9.08 -31.93
CA MET L 122 -16.23 -8.50 -32.18
C MET L 122 -15.24 -9.64 -32.39
N ILE L 123 -14.51 -9.61 -33.50
CA ILE L 123 -13.43 -10.59 -33.77
C ILE L 123 -12.09 -9.87 -33.68
N HIS L 124 -11.07 -10.58 -33.17
CA HIS L 124 -9.70 -10.05 -32.99
C HIS L 124 -8.71 -11.21 -32.85
N GLN L 125 -7.47 -11.03 -33.31
CA GLN L 125 -6.34 -11.99 -33.09
C GLN L 125 -6.12 -12.15 -31.59
N PRO L 126 -5.59 -13.31 -31.16
CA PRO L 126 -5.29 -13.54 -29.76
C PRO L 126 -4.13 -12.66 -29.24
N LEU L 127 -4.06 -12.53 -27.91
CA LEU L 127 -3.01 -11.80 -27.17
C LEU L 127 -2.19 -12.84 -26.42
N GLY L 128 -0.96 -12.49 -26.08
CA GLY L 128 -0.12 -13.36 -25.25
C GLY L 128 0.96 -12.60 -24.54
N GLY L 129 1.84 -13.34 -23.88
CA GLY L 129 2.98 -12.82 -23.13
C GLY L 129 4.15 -13.76 -23.26
N ALA L 130 5.36 -13.22 -23.25
CA ALA L 130 6.62 -13.99 -23.27
C ALA L 130 7.66 -13.19 -22.47
N GLN L 131 8.29 -13.85 -21.52
CA GLN L 131 9.28 -13.25 -20.59
C GLN L 131 10.45 -14.22 -20.46
N GLY L 132 11.67 -13.69 -20.41
CA GLY L 132 12.88 -14.46 -20.07
C GLY L 132 13.88 -14.47 -21.21
N GLN L 133 14.57 -15.59 -21.34
CA GLN L 133 15.69 -15.80 -22.30
C GLN L 133 15.14 -15.77 -23.73
N ALA L 134 15.96 -15.30 -24.68
CA ALA L 134 15.65 -15.29 -26.12
C ALA L 134 15.05 -16.65 -26.53
N THR L 135 15.65 -17.76 -26.10
CA THR L 135 15.21 -19.13 -26.48
C THR L 135 13.78 -19.39 -25.96
N GLU L 136 13.43 -18.88 -24.78
CA GLU L 136 12.08 -19.05 -24.18
C GLU L 136 11.09 -18.18 -24.96
N ILE L 137 11.47 -16.94 -25.30
CA ILE L 137 10.60 -15.98 -26.04
C ILE L 137 10.27 -16.57 -27.43
N GLU L 138 11.25 -17.20 -28.08
CA GLU L 138 11.08 -17.85 -29.41
C GLU L 138 10.00 -18.93 -29.29
N ILE L 139 10.09 -19.78 -28.26
CA ILE L 139 9.14 -20.90 -28.04
C ILE L 139 7.73 -20.34 -27.80
N ALA L 140 7.61 -19.32 -26.96
CA ALA L 140 6.31 -18.68 -26.61
C ALA L 140 5.69 -18.06 -27.88
N ALA L 141 6.50 -17.38 -28.69
CA ALA L 141 6.05 -16.72 -29.95
C ALA L 141 5.55 -17.76 -30.94
N ASN L 142 6.29 -18.85 -31.15
CA ASN L 142 5.91 -19.95 -32.09
C ASN L 142 4.59 -20.59 -31.62
N HIS L 143 4.37 -20.72 -30.31
CA HIS L 143 3.13 -21.30 -29.73
C HIS L 143 1.95 -20.38 -30.05
N ILE L 144 2.13 -19.07 -29.86
CA ILE L 144 1.08 -18.05 -30.12
C ILE L 144 0.73 -18.05 -31.60
N LEU L 145 1.74 -18.05 -32.47
CA LEU L 145 1.58 -18.05 -33.95
C LEU L 145 0.79 -19.29 -34.36
N LYS L 146 1.17 -20.47 -33.85
CA LYS L 146 0.51 -21.75 -34.21
C LYS L 146 -0.94 -21.75 -33.69
N THR L 147 -1.18 -21.18 -32.50
CA THR L 147 -2.54 -21.09 -31.91
C THR L 147 -3.42 -20.16 -32.75
N ARG L 148 -2.88 -19.05 -33.24
CA ARG L 148 -3.64 -18.12 -34.13
C ARG L 148 -4.00 -18.86 -35.43
N GLU L 149 -3.09 -19.66 -35.97
CA GLU L 149 -3.38 -20.43 -37.22
C GLU L 149 -4.54 -21.38 -36.96
N LYS L 150 -4.56 -22.04 -35.80
CA LYS L 150 -5.63 -23.00 -35.42
C LYS L 150 -6.96 -22.24 -35.32
N LEU L 151 -6.99 -21.10 -34.61
CA LEU L 151 -8.21 -20.26 -34.47
C LEU L 151 -8.73 -19.85 -35.86
N ASN L 152 -7.84 -19.38 -36.75
CA ASN L 152 -8.22 -18.89 -38.10
C ASN L 152 -8.75 -20.02 -38.98
N ARG L 153 -8.13 -21.20 -38.91
CA ARG L 153 -8.58 -22.38 -39.68
C ARG L 153 -10.04 -22.69 -39.29
N ILE L 154 -10.34 -22.73 -37.98
CA ILE L 154 -11.69 -23.12 -37.48
C ILE L 154 -12.68 -22.01 -37.82
N LEU L 155 -12.31 -20.74 -37.61
CA LEU L 155 -13.20 -19.60 -37.96
C LEU L 155 -13.48 -19.65 -39.46
N SER L 156 -12.49 -19.94 -40.29
CA SER L 156 -12.64 -20.09 -41.75
C SER L 156 -13.70 -21.17 -42.06
N GLU L 157 -13.54 -22.35 -41.47
CA GLU L 157 -14.46 -23.52 -41.63
C GLU L 157 -15.87 -23.16 -41.18
N ARG L 158 -16.01 -22.40 -40.09
CA ARG L 158 -17.32 -22.13 -39.44
C ARG L 158 -18.06 -21.00 -40.18
N THR L 159 -17.34 -20.05 -40.79
CA THR L 159 -17.92 -18.85 -41.47
C THR L 159 -18.06 -19.03 -42.98
N GLY L 160 -17.25 -19.89 -43.59
CA GLY L 160 -17.15 -20.01 -45.07
C GLY L 160 -16.23 -18.94 -45.65
N GLN L 161 -15.59 -18.12 -44.82
CA GLN L 161 -14.60 -17.11 -45.29
C GLN L 161 -13.26 -17.83 -45.47
N SER L 162 -12.42 -17.36 -46.41
CA SER L 162 -11.03 -17.83 -46.59
C SER L 162 -10.19 -17.54 -45.33
N ILE L 163 -9.20 -18.39 -45.05
CA ILE L 163 -8.19 -18.17 -43.97
C ILE L 163 -7.55 -16.79 -44.17
N GLU L 164 -7.22 -16.42 -45.40
CA GLU L 164 -6.54 -15.13 -45.72
C GLU L 164 -7.43 -13.95 -45.27
N LYS L 165 -8.73 -14.01 -45.53
CA LYS L 165 -9.70 -12.95 -45.14
C LYS L 165 -9.82 -12.89 -43.61
N ILE L 166 -9.90 -14.04 -42.94
CA ILE L 166 -9.99 -14.13 -41.46
C ILE L 166 -8.76 -13.45 -40.84
N GLN L 167 -7.56 -13.78 -41.35
CA GLN L 167 -6.27 -13.20 -40.89
C GLN L 167 -6.34 -11.68 -40.98
N LYS L 168 -6.71 -11.15 -42.15
CA LYS L 168 -6.81 -9.69 -42.40
C LYS L 168 -7.84 -9.06 -41.44
N ASP L 169 -9.01 -9.68 -41.29
CA ASP L 169 -10.16 -9.07 -40.58
C ASP L 169 -10.02 -9.21 -39.06
N THR L 170 -9.00 -9.90 -38.55
CA THR L 170 -8.75 -10.08 -37.10
C THR L 170 -7.46 -9.37 -36.67
N ASP L 171 -6.75 -8.71 -37.59
CA ASP L 171 -5.49 -8.01 -37.27
C ASP L 171 -5.77 -6.95 -36.20
N ARG L 172 -6.84 -6.16 -36.41
CA ARG L 172 -7.32 -5.14 -35.43
C ARG L 172 -8.68 -5.59 -34.89
N ASP L 173 -9.13 -4.95 -33.81
CA ASP L 173 -10.53 -5.05 -33.31
C ASP L 173 -11.47 -4.79 -34.49
N ASN L 174 -12.38 -5.72 -34.72
CA ASN L 174 -13.38 -5.68 -35.81
C ASN L 174 -14.76 -5.83 -35.16
N PHE L 175 -15.55 -4.74 -35.09
CA PHE L 175 -16.92 -4.72 -34.51
C PHE L 175 -17.97 -4.94 -35.60
N LEU L 176 -18.89 -5.86 -35.37
CA LEU L 176 -19.97 -6.23 -36.32
C LEU L 176 -21.32 -6.06 -35.61
N THR L 177 -22.29 -5.49 -36.31
CA THR L 177 -23.72 -5.56 -35.93
C THR L 177 -24.17 -7.02 -36.08
N ALA L 178 -25.35 -7.34 -35.56
CA ALA L 178 -25.95 -8.69 -35.70
C ALA L 178 -26.07 -9.00 -37.20
N GLU L 179 -26.56 -8.04 -38.00
CA GLU L 179 -26.74 -8.23 -39.47
C GLU L 179 -25.38 -8.47 -40.13
N GLU L 180 -24.35 -7.70 -39.78
CA GLU L 180 -22.98 -7.86 -40.34
C GLU L 180 -22.42 -9.24 -39.96
N ALA L 181 -22.69 -9.72 -38.74
CA ALA L 181 -22.25 -11.03 -38.23
C ALA L 181 -22.91 -12.15 -39.08
N LYS L 182 -24.19 -11.98 -39.43
CA LYS L 182 -24.93 -12.93 -40.30
C LYS L 182 -24.29 -12.92 -41.69
N GLU L 183 -24.10 -11.75 -42.27
CA GLU L 183 -23.46 -11.59 -43.60
C GLU L 183 -22.05 -12.23 -43.57
N TYR L 184 -21.33 -12.10 -42.46
CA TYR L 184 -19.94 -12.64 -42.33
C TYR L 184 -19.94 -14.16 -42.18
N GLY L 185 -21.04 -14.75 -41.69
CA GLY L 185 -21.18 -16.20 -41.49
C GLY L 185 -20.85 -16.64 -40.06
N LEU L 186 -20.80 -15.72 -39.10
CA LEU L 186 -20.60 -16.02 -37.66
C LEU L 186 -21.92 -16.50 -37.05
N ILE L 187 -23.05 -16.00 -37.54
CA ILE L 187 -24.40 -16.50 -37.17
C ILE L 187 -25.19 -16.80 -38.45
N ASP L 188 -26.32 -17.49 -38.28
CA ASP L 188 -27.26 -17.91 -39.34
C ASP L 188 -28.42 -16.91 -39.45
N GLU L 189 -28.93 -16.37 -38.34
CA GLU L 189 -30.10 -15.45 -38.35
C GLU L 189 -30.03 -14.41 -37.23
N VAL L 190 -30.58 -13.24 -37.49
CA VAL L 190 -30.94 -12.26 -36.42
C VAL L 190 -32.33 -12.67 -35.92
N MET L 191 -32.48 -12.92 -34.61
CA MET L 191 -33.80 -13.21 -33.98
C MET L 191 -34.56 -11.90 -33.76
N VAL L 192 -35.49 -11.59 -34.66
CA VAL L 192 -36.32 -10.36 -34.67
C VAL L 192 -37.49 -10.60 -33.72
N PRO L 193 -37.94 -9.60 -32.92
CA PRO L 193 -39.01 -9.82 -31.97
C PRO L 193 -40.28 -10.30 -32.69
N GLU L 194 -40.95 -11.34 -32.18
CA GLU L 194 -42.27 -11.79 -32.67
C GLU L 194 -43.32 -10.70 -32.38
N THR L 195 -44.20 -10.40 -33.34
CA THR L 195 -45.41 -9.55 -33.17
C THR L 195 -46.19 -10.08 -31.96
N LYS L 196 -46.74 -9.20 -31.12
CA LYS L 196 -47.50 -9.62 -29.91
C LYS L 196 -48.82 -10.26 -30.35
N ILE M 5 -21.94 -21.87 -10.37
CA ILE M 5 -22.04 -23.34 -10.11
C ILE M 5 -23.50 -23.71 -9.87
N PRO M 6 -24.25 -24.16 -10.90
CA PRO M 6 -25.67 -24.48 -10.75
C PRO M 6 -25.97 -25.71 -9.89
N THR M 7 -27.23 -25.80 -9.44
CA THR M 7 -27.81 -26.92 -8.66
C THR M 7 -28.71 -27.78 -9.56
N VAL M 8 -28.75 -29.09 -9.30
CA VAL M 8 -29.68 -30.09 -9.90
C VAL M 8 -30.41 -30.77 -8.74
N ILE M 9 -31.71 -31.10 -8.89
CA ILE M 9 -32.58 -31.69 -7.83
C ILE M 9 -33.09 -33.06 -8.29
N TYR M 19 -27.76 -31.37 -5.41
CA TYR M 19 -26.40 -31.53 -5.98
C TYR M 19 -25.95 -30.25 -6.70
N ASP M 20 -24.74 -29.78 -6.45
CA ASP M 20 -24.04 -28.87 -7.41
C ASP M 20 -23.68 -29.72 -8.64
N ILE M 21 -23.42 -29.08 -9.79
CA ILE M 21 -23.21 -29.78 -11.09
C ILE M 21 -22.06 -30.80 -10.98
N TYR M 22 -20.98 -30.49 -10.25
CA TYR M 22 -19.83 -31.40 -10.03
C TYR M 22 -20.29 -32.64 -9.24
N SER M 23 -21.05 -32.44 -8.17
CA SER M 23 -21.58 -33.55 -7.32
C SER M 23 -22.48 -34.46 -8.16
N ARG M 24 -23.25 -33.87 -9.07
CA ARG M 24 -24.16 -34.64 -9.98
C ARG M 24 -23.31 -35.52 -10.91
N LEU M 25 -22.22 -34.98 -11.50
CA LEU M 25 -21.29 -35.73 -12.38
C LEU M 25 -20.55 -36.81 -11.56
N LEU M 26 -20.23 -36.54 -10.30
CA LEU M 26 -19.52 -37.50 -9.42
C LEU M 26 -20.41 -38.74 -9.24
N LYS M 27 -21.73 -38.56 -9.22
CA LYS M 27 -22.71 -39.68 -9.19
C LYS M 27 -22.45 -40.62 -10.37
N ASP M 28 -21.98 -40.10 -11.52
CA ASP M 28 -21.68 -40.87 -12.76
C ASP M 28 -20.18 -41.20 -12.85
N ARG M 29 -19.45 -41.07 -11.74
CA ARG M 29 -18.01 -41.44 -11.59
C ARG M 29 -17.14 -40.51 -12.44
N ILE M 30 -17.57 -39.26 -12.62
CA ILE M 30 -16.79 -38.21 -13.37
C ILE M 30 -16.17 -37.27 -12.33
N ILE M 31 -14.85 -37.06 -12.42
CA ILE M 31 -14.10 -36.06 -11.61
C ILE M 31 -13.60 -34.98 -12.56
N MET M 32 -13.87 -33.72 -12.23
CA MET M 32 -13.51 -32.56 -13.10
C MET M 32 -12.31 -31.87 -12.46
N LEU M 33 -11.15 -31.94 -13.09
CA LEU M 33 -9.99 -31.07 -12.73
C LEU M 33 -9.96 -29.91 -13.70
N GLY M 34 -10.28 -28.71 -13.22
CA GLY M 34 -10.34 -27.47 -14.02
C GLY M 34 -9.61 -26.34 -13.31
N SER M 35 -8.48 -26.63 -12.69
CA SER M 35 -7.72 -25.61 -11.91
C SER M 35 -6.25 -26.01 -11.79
N GLN M 36 -5.45 -25.10 -11.25
CA GLN M 36 -4.08 -25.37 -10.76
C GLN M 36 -4.17 -26.50 -9.72
N ILE M 37 -3.09 -27.27 -9.56
CA ILE M 37 -3.00 -28.38 -8.59
C ILE M 37 -2.19 -27.91 -7.38
N ASP M 38 -2.85 -27.74 -6.24
CA ASP M 38 -2.23 -27.45 -4.92
C ASP M 38 -2.67 -28.58 -3.98
N ASP M 39 -2.24 -28.53 -2.71
CA ASP M 39 -2.58 -29.56 -1.70
C ASP M 39 -4.11 -29.67 -1.54
N ASN M 40 -4.84 -28.54 -1.56
CA ASN M 40 -6.32 -28.52 -1.39
C ASN M 40 -6.99 -29.28 -2.55
N VAL M 41 -6.61 -28.97 -3.78
CA VAL M 41 -7.17 -29.64 -4.99
C VAL M 41 -6.82 -31.14 -4.95
N ALA M 42 -5.57 -31.50 -4.64
CA ALA M 42 -5.14 -32.93 -4.55
C ALA M 42 -5.96 -33.65 -3.47
N ASN M 43 -6.14 -33.03 -2.30
CA ASN M 43 -6.91 -33.61 -1.18
C ASN M 43 -8.32 -33.93 -1.68
N SER M 44 -8.92 -33.01 -2.43
CA SER M 44 -10.29 -33.19 -2.97
C SER M 44 -10.31 -34.34 -4.01
N ILE M 45 -9.36 -34.37 -4.94
CA ILE M 45 -9.38 -35.37 -6.04
C ILE M 45 -9.08 -36.76 -5.44
N VAL M 46 -8.12 -36.84 -4.52
CA VAL M 46 -7.77 -38.13 -3.85
C VAL M 46 -9.04 -38.64 -3.14
N SER M 47 -9.74 -37.76 -2.44
CA SER M 47 -10.96 -38.09 -1.65
C SER M 47 -12.06 -38.62 -2.58
N GLN M 48 -12.29 -37.96 -3.72
CA GLN M 48 -13.25 -38.41 -4.76
C GLN M 48 -12.83 -39.80 -5.29
N LEU M 49 -11.54 -40.03 -5.55
CA LEU M 49 -11.05 -41.35 -6.05
C LEU M 49 -11.33 -42.44 -5.01
N LEU M 50 -11.01 -42.19 -3.74
CA LEU M 50 -11.22 -43.17 -2.64
C LEU M 50 -12.73 -43.43 -2.49
N PHE M 51 -13.55 -42.39 -2.60
CA PHE M 51 -15.03 -42.45 -2.49
C PHE M 51 -15.59 -43.31 -3.63
N LEU M 52 -15.16 -43.05 -4.86
CA LEU M 52 -15.64 -43.80 -6.05
C LEU M 52 -15.21 -45.27 -5.95
N GLN M 53 -13.99 -45.55 -5.49
CA GLN M 53 -13.53 -46.97 -5.31
C GLN M 53 -14.41 -47.68 -4.28
N ALA M 54 -14.75 -47.01 -3.17
CA ALA M 54 -15.57 -47.57 -2.06
C ALA M 54 -17.00 -47.86 -2.55
N GLN M 55 -17.53 -47.03 -3.47
CA GLN M 55 -18.88 -47.21 -4.09
C GLN M 55 -18.86 -48.43 -5.02
N ASP M 56 -17.80 -48.59 -5.81
CA ASP M 56 -17.66 -49.69 -6.80
C ASP M 56 -16.17 -49.82 -7.18
N SER M 57 -15.53 -50.93 -6.81
CA SER M 57 -14.10 -51.19 -7.08
C SER M 57 -13.88 -51.66 -8.54
N GLU M 58 -14.95 -51.90 -9.30
CA GLU M 58 -14.87 -52.49 -10.67
C GLU M 58 -15.03 -51.41 -11.76
N LYS M 59 -15.97 -50.47 -11.62
CA LYS M 59 -16.39 -49.58 -12.73
C LYS M 59 -15.34 -48.49 -12.94
N ASP M 60 -15.10 -48.14 -14.21
CA ASP M 60 -14.15 -47.07 -14.59
C ASP M 60 -14.55 -45.75 -13.91
N ILE M 61 -13.55 -44.91 -13.66
CA ILE M 61 -13.64 -43.49 -13.25
C ILE M 61 -13.18 -42.65 -14.44
N TYR M 62 -13.73 -41.44 -14.61
CA TYR M 62 -13.43 -40.51 -15.71
C TYR M 62 -12.88 -39.21 -15.09
N LEU M 63 -11.61 -38.94 -15.34
CA LEU M 63 -10.90 -37.74 -14.83
C LEU M 63 -10.68 -36.79 -16.00
N TYR M 64 -11.48 -35.70 -16.06
CA TYR M 64 -11.29 -34.61 -17.04
C TYR M 64 -10.17 -33.71 -16.51
N ILE M 65 -9.24 -33.36 -17.38
CA ILE M 65 -8.06 -32.54 -17.02
C ILE M 65 -8.01 -31.30 -17.89
N ASN M 66 -8.20 -30.14 -17.26
CA ASN M 66 -7.86 -28.83 -17.84
C ASN M 66 -7.09 -28.09 -16.76
N SER M 67 -5.76 -28.15 -16.81
CA SER M 67 -4.89 -27.68 -15.71
C SER M 67 -3.56 -27.17 -16.22
N PRO M 68 -3.07 -26.02 -15.68
CA PRO M 68 -1.70 -25.56 -15.94
C PRO M 68 -0.66 -26.28 -15.08
N GLY M 69 -1.11 -27.20 -14.20
CA GLY M 69 -0.27 -27.92 -13.25
C GLY M 69 -0.22 -27.22 -11.90
N GLY M 70 0.90 -27.34 -11.19
CA GLY M 70 1.08 -26.73 -9.86
C GLY M 70 2.11 -27.48 -9.05
N SER M 71 1.80 -27.85 -7.81
CA SER M 71 2.76 -28.50 -6.88
C SER M 71 3.09 -29.90 -7.41
N VAL M 72 4.36 -30.25 -7.48
CA VAL M 72 4.82 -31.60 -7.94
C VAL M 72 4.32 -32.64 -6.92
N THR M 73 4.43 -32.37 -5.62
CA THR M 73 4.10 -33.37 -4.57
C THR M 73 2.58 -33.55 -4.53
N ALA M 74 1.80 -32.47 -4.72
CA ALA M 74 0.32 -32.55 -4.87
C ALA M 74 -0.04 -33.44 -6.06
N GLY M 75 0.64 -33.23 -7.19
CA GLY M 75 0.54 -34.06 -8.40
C GLY M 75 0.78 -35.53 -8.10
N PHE M 76 1.83 -35.83 -7.32
CA PHE M 76 2.21 -37.22 -6.95
C PHE M 76 1.17 -37.84 -6.01
N ALA M 77 0.56 -37.05 -5.13
CA ALA M 77 -0.54 -37.53 -4.26
C ALA M 77 -1.66 -38.10 -5.16
N ILE M 78 -2.03 -37.36 -6.21
CA ILE M 78 -3.06 -37.78 -7.20
C ILE M 78 -2.53 -38.98 -7.99
N TYR M 79 -1.30 -38.86 -8.53
CA TYR M 79 -0.65 -39.92 -9.35
C TYR M 79 -0.70 -41.25 -8.59
N ASP M 80 -0.22 -41.28 -7.34
CA ASP M 80 -0.12 -42.55 -6.56
C ASP M 80 -1.52 -43.06 -6.21
N THR M 81 -2.51 -42.19 -6.02
CA THR M 81 -3.90 -42.63 -5.68
C THR M 81 -4.48 -43.32 -6.92
N ILE M 82 -4.27 -42.76 -8.12
CA ILE M 82 -4.76 -43.37 -9.38
C ILE M 82 -4.19 -44.81 -9.50
N GLN M 83 -2.89 -44.98 -9.29
CA GLN M 83 -2.23 -46.31 -9.46
C GLN M 83 -2.66 -47.24 -8.33
N HIS M 84 -2.95 -46.72 -7.13
CA HIS M 84 -3.27 -47.52 -5.91
C HIS M 84 -4.67 -48.15 -6.00
N ILE M 85 -5.67 -47.42 -6.48
CA ILE M 85 -7.09 -47.90 -6.44
C ILE M 85 -7.29 -48.99 -7.51
N LYS M 86 -8.33 -49.82 -7.35
CA LYS M 86 -8.60 -50.93 -8.29
C LYS M 86 -9.21 -50.41 -9.59
N PRO M 87 -10.22 -49.50 -9.57
CA PRO M 87 -10.80 -49.01 -10.82
C PRO M 87 -9.76 -48.39 -11.76
N ASP M 88 -9.92 -48.62 -13.06
CA ASP M 88 -9.24 -47.82 -14.11
C ASP M 88 -9.71 -46.38 -14.03
N VAL M 89 -8.77 -45.45 -14.09
CA VAL M 89 -9.04 -44.00 -14.23
C VAL M 89 -8.74 -43.59 -15.68
N GLN M 90 -9.78 -43.37 -16.47
CA GLN M 90 -9.64 -42.76 -17.81
C GLN M 90 -9.23 -41.29 -17.61
N THR M 91 -8.36 -40.76 -18.45
CA THR M 91 -7.97 -39.33 -18.40
C THR M 91 -8.38 -38.70 -19.72
N ILE M 92 -9.06 -37.56 -19.62
CA ILE M 92 -9.61 -36.83 -20.80
C ILE M 92 -9.12 -35.39 -20.72
N CYS M 93 -8.24 -35.02 -21.64
CA CYS M 93 -7.69 -33.65 -21.73
C CYS M 93 -8.65 -32.78 -22.55
N ILE M 94 -9.13 -31.69 -21.96
CA ILE M 94 -9.91 -30.61 -22.63
C ILE M 94 -9.19 -29.29 -22.33
N GLY M 95 -9.09 -28.40 -23.32
CA GLY M 95 -8.41 -27.12 -23.16
C GLY M 95 -6.90 -27.31 -23.13
N MET M 96 -6.31 -27.51 -21.95
CA MET M 96 -4.84 -27.64 -21.78
C MET M 96 -4.50 -28.57 -20.60
N ALA M 97 -3.54 -29.45 -20.84
CA ALA M 97 -2.91 -30.29 -19.81
C ALA M 97 -1.42 -29.91 -19.86
N ALA M 98 -1.00 -28.99 -19.02
CA ALA M 98 0.41 -28.54 -19.01
C ALA M 98 1.10 -28.91 -17.69
N SER M 99 2.42 -29.04 -17.77
CA SER M 99 3.29 -29.28 -16.62
C SER M 99 2.81 -30.52 -15.87
N MET M 100 2.45 -30.38 -14.60
CA MET M 100 1.96 -31.57 -13.83
C MET M 100 0.62 -32.10 -14.41
N GLY M 101 -0.20 -31.26 -15.05
CA GLY M 101 -1.41 -31.70 -15.73
C GLY M 101 -1.10 -32.73 -16.81
N SER M 102 -0.06 -32.51 -17.61
CA SER M 102 0.31 -33.48 -18.66
C SER M 102 0.83 -34.77 -18.01
N PHE M 103 1.57 -34.64 -16.92
CA PHE M 103 2.05 -35.80 -16.14
C PHE M 103 0.85 -36.67 -15.73
N LEU M 104 -0.22 -36.06 -15.21
CA LEU M 104 -1.43 -36.80 -14.75
C LEU M 104 -2.20 -37.36 -15.95
N LEU M 105 -2.24 -36.64 -17.07
CA LEU M 105 -2.88 -37.14 -18.31
C LEU M 105 -2.23 -38.46 -18.73
N ALA M 106 -0.88 -38.52 -18.72
CA ALA M 106 -0.09 -39.71 -19.12
C ALA M 106 -0.26 -40.85 -18.11
N ALA M 107 -0.74 -40.56 -16.90
CA ALA M 107 -0.88 -41.51 -15.76
C ALA M 107 -2.21 -42.26 -15.79
N GLY M 108 -3.15 -41.88 -16.67
CA GLY M 108 -4.44 -42.59 -16.84
C GLY M 108 -4.23 -44.05 -17.22
N ALA M 109 -5.28 -44.87 -17.10
CA ALA M 109 -5.26 -46.30 -17.47
C ALA M 109 -4.78 -46.45 -18.93
N LYS M 110 -3.85 -47.36 -19.18
CA LYS M 110 -3.29 -47.61 -20.54
C LYS M 110 -4.45 -47.99 -21.48
N GLY M 111 -4.52 -47.32 -22.63
CA GLY M 111 -5.62 -47.47 -23.60
C GLY M 111 -6.79 -46.53 -23.34
N LYS M 112 -6.79 -45.79 -22.22
CA LYS M 112 -7.95 -44.95 -21.80
C LYS M 112 -7.47 -43.53 -21.45
N ARG M 113 -6.44 -43.05 -22.16
CA ARG M 113 -5.93 -41.67 -22.09
C ARG M 113 -6.31 -40.98 -23.40
N PHE M 114 -7.03 -39.86 -23.30
CA PHE M 114 -7.66 -39.17 -24.45
C PHE M 114 -7.37 -37.66 -24.39
N ALA M 115 -7.40 -37.02 -25.55
CA ALA M 115 -7.49 -35.55 -25.68
C ALA M 115 -8.56 -35.23 -26.73
N LEU M 116 -9.32 -34.17 -26.50
CA LEU M 116 -10.26 -33.66 -27.53
C LEU M 116 -9.40 -33.02 -28.63
N PRO M 117 -9.91 -32.88 -29.87
CA PRO M 117 -9.05 -32.57 -31.02
C PRO M 117 -8.26 -31.25 -30.92
N ASN M 118 -8.80 -30.23 -30.24
CA ASN M 118 -8.18 -28.89 -30.14
C ASN M 118 -7.54 -28.69 -28.75
N ALA M 119 -7.47 -29.73 -27.93
CA ALA M 119 -6.84 -29.68 -26.60
C ALA M 119 -5.32 -29.67 -26.80
N GLU M 120 -4.63 -28.96 -25.92
CA GLU M 120 -3.16 -28.75 -25.97
C GLU M 120 -2.52 -29.54 -24.82
N VAL M 121 -1.32 -30.06 -25.06
CA VAL M 121 -0.49 -30.73 -24.02
C VAL M 121 0.86 -30.01 -24.01
N MET M 122 1.38 -29.73 -22.81
CA MET M 122 2.72 -29.09 -22.68
C MET M 122 3.54 -29.84 -21.63
N ILE M 123 4.75 -30.25 -22.01
CA ILE M 123 5.70 -30.96 -21.10
C ILE M 123 6.91 -30.06 -20.86
N HIS M 124 7.40 -30.05 -19.63
CA HIS M 124 8.52 -29.19 -19.19
C HIS M 124 9.13 -29.77 -17.92
N GLN M 125 10.45 -29.60 -17.77
CA GLN M 125 11.21 -29.87 -16.53
C GLN M 125 10.54 -29.09 -15.39
N PRO M 126 10.66 -29.56 -14.14
CA PRO M 126 10.10 -28.85 -13.00
C PRO M 126 10.90 -27.59 -12.65
N LEU M 127 10.26 -26.70 -11.88
CA LEU M 127 10.83 -25.45 -11.34
C LEU M 127 11.01 -25.62 -9.84
N GLY M 128 11.87 -24.81 -9.24
CA GLY M 128 12.03 -24.77 -7.79
C GLY M 128 12.68 -23.48 -7.33
N GLY M 129 12.93 -23.42 -6.04
CA GLY M 129 13.53 -22.27 -5.35
C GLY M 129 14.45 -22.77 -4.26
N ALA M 130 15.45 -21.96 -3.94
CA ALA M 130 16.49 -22.26 -2.91
C ALA M 130 17.10 -20.93 -2.49
N GLN M 131 16.95 -20.60 -1.22
CA GLN M 131 17.46 -19.36 -0.60
C GLN M 131 18.28 -19.78 0.62
N GLY M 132 19.24 -18.96 1.02
CA GLY M 132 19.95 -19.11 2.29
C GLY M 132 21.38 -19.58 2.10
N GLN M 133 21.90 -20.29 3.11
CA GLN M 133 23.31 -20.69 3.24
C GLN M 133 23.66 -21.64 2.07
N ALA M 134 24.90 -21.58 1.59
CA ALA M 134 25.47 -22.47 0.55
C ALA M 134 25.05 -23.92 0.82
N THR M 135 25.14 -24.39 2.06
CA THR M 135 24.82 -25.80 2.43
C THR M 135 23.31 -26.06 2.24
N GLU M 136 22.44 -25.07 2.49
CA GLU M 136 20.97 -25.21 2.28
C GLU M 136 20.69 -25.28 0.77
N ILE M 137 21.34 -24.43 -0.02
CA ILE M 137 21.12 -24.36 -1.49
C ILE M 137 21.53 -25.68 -2.15
N GLU M 138 22.62 -26.30 -1.67
CA GLU M 138 23.10 -27.62 -2.17
C GLU M 138 22.04 -28.71 -1.93
N ILE M 139 21.47 -28.78 -0.73
CA ILE M 139 20.44 -29.79 -0.35
C ILE M 139 19.19 -29.59 -1.22
N ALA M 140 18.75 -28.35 -1.39
CA ALA M 140 17.55 -28.01 -2.21
C ALA M 140 17.82 -28.35 -3.68
N ALA M 141 19.01 -28.02 -4.19
CA ALA M 141 19.39 -28.23 -5.62
C ALA M 141 19.44 -29.74 -5.90
N ASN M 142 20.03 -30.52 -4.99
CA ASN M 142 20.09 -32.01 -5.10
C ASN M 142 18.67 -32.58 -5.10
N HIS M 143 17.78 -32.04 -4.27
CA HIS M 143 16.37 -32.52 -4.15
C HIS M 143 15.63 -32.27 -5.48
N ILE M 144 15.81 -31.09 -6.05
CA ILE M 144 15.17 -30.69 -7.34
C ILE M 144 15.65 -31.63 -8.45
N LEU M 145 16.96 -31.89 -8.52
CA LEU M 145 17.58 -32.75 -9.56
C LEU M 145 17.05 -34.19 -9.42
N LYS M 146 16.94 -34.69 -8.18
CA LYS M 146 16.47 -36.08 -7.93
C LYS M 146 14.98 -36.16 -8.29
N THR M 147 14.20 -35.12 -7.98
CA THR M 147 12.75 -35.07 -8.31
C THR M 147 12.60 -35.08 -9.84
N ARG M 148 13.45 -34.37 -10.57
CA ARG M 148 13.34 -34.32 -12.06
C ARG M 148 13.64 -35.72 -12.62
N GLU M 149 14.63 -36.42 -12.08
CA GLU M 149 14.98 -37.81 -12.50
C GLU M 149 13.76 -38.71 -12.30
N LYS M 150 13.06 -38.58 -11.16
CA LYS M 150 11.87 -39.40 -10.81
C LYS M 150 10.73 -39.13 -11.82
N LEU M 151 10.44 -37.85 -12.08
CA LEU M 151 9.41 -37.46 -13.08
C LEU M 151 9.75 -38.06 -14.44
N ASN M 152 11.02 -37.96 -14.87
CA ASN M 152 11.47 -38.41 -16.22
C ASN M 152 11.40 -39.93 -16.31
N ARG M 153 11.79 -40.62 -15.25
CA ARG M 153 11.70 -42.11 -15.19
C ARG M 153 10.23 -42.49 -15.40
N ILE M 154 9.29 -41.85 -14.71
CA ILE M 154 7.84 -42.21 -14.78
C ILE M 154 7.31 -41.84 -16.17
N LEU M 155 7.62 -40.64 -16.70
CA LEU M 155 7.17 -40.24 -18.05
C LEU M 155 7.68 -41.24 -19.09
N SER M 156 8.96 -41.64 -19.00
CA SER M 156 9.59 -42.66 -19.86
C SER M 156 8.75 -43.96 -19.84
N GLU M 157 8.42 -44.45 -18.64
CA GLU M 157 7.62 -45.70 -18.45
C GLU M 157 6.23 -45.53 -19.07
N ARG M 158 5.58 -44.37 -18.89
CA ARG M 158 4.17 -44.14 -19.33
C ARG M 158 4.08 -43.88 -20.83
N THR M 159 5.12 -43.30 -21.44
CA THR M 159 5.13 -42.91 -22.87
C THR M 159 5.84 -43.95 -23.74
N GLY M 160 6.75 -44.75 -23.19
CA GLY M 160 7.63 -45.63 -23.98
C GLY M 160 8.80 -44.87 -24.60
N GLN M 161 8.99 -43.58 -24.28
CA GLN M 161 10.19 -42.82 -24.73
C GLN M 161 11.34 -43.13 -23.77
N SER M 162 12.57 -43.01 -24.26
CA SER M 162 13.80 -43.14 -23.43
C SER M 162 13.86 -41.95 -22.46
N ILE M 163 14.45 -42.16 -21.29
CA ILE M 163 14.73 -41.10 -20.27
C ILE M 163 15.57 -39.98 -20.93
N GLU M 164 16.51 -40.34 -21.80
CA GLU M 164 17.38 -39.39 -22.56
C GLU M 164 16.50 -38.47 -23.41
N LYS M 165 15.53 -39.03 -24.14
CA LYS M 165 14.62 -38.24 -25.01
C LYS M 165 13.73 -37.34 -24.14
N ILE M 166 13.16 -37.85 -23.05
CA ILE M 166 12.30 -37.07 -22.11
C ILE M 166 13.12 -35.88 -21.58
N GLN M 167 14.36 -36.11 -21.16
CA GLN M 167 15.27 -35.07 -20.63
C GLN M 167 15.43 -33.98 -21.70
N LYS M 168 15.79 -34.36 -22.94
CA LYS M 168 16.03 -33.43 -24.07
C LYS M 168 14.75 -32.65 -24.38
N ASP M 169 13.59 -33.33 -24.47
CA ASP M 169 12.30 -32.76 -24.94
C ASP M 169 11.64 -31.91 -23.83
N THR M 170 12.14 -31.92 -22.59
CA THR M 170 11.53 -31.15 -21.47
C THR M 170 12.46 -30.05 -20.97
N ASP M 171 13.63 -29.85 -21.59
CA ASP M 171 14.55 -28.74 -21.23
C ASP M 171 13.82 -27.39 -21.34
N ARG M 172 13.11 -27.18 -22.46
CA ARG M 172 12.31 -25.95 -22.71
C ARG M 172 10.82 -26.34 -22.73
N ASP M 173 9.92 -25.36 -22.62
CA ASP M 173 8.46 -25.61 -22.83
C ASP M 173 8.30 -26.33 -24.17
N ASN M 174 7.62 -27.48 -24.17
CA ASN M 174 7.36 -28.27 -25.40
C ASN M 174 5.83 -28.43 -25.54
N PHE M 175 5.24 -27.66 -26.46
CA PHE M 175 3.79 -27.65 -26.78
C PHE M 175 3.50 -28.73 -27.83
N LEU M 176 2.52 -29.60 -27.54
CA LEU M 176 2.09 -30.71 -28.43
C LEU M 176 0.60 -30.51 -28.75
N THR M 177 0.21 -30.76 -29.99
CA THR M 177 -1.21 -30.94 -30.39
C THR M 177 -1.68 -32.29 -29.83
N ALA M 178 -2.98 -32.55 -29.87
CA ALA M 178 -3.57 -33.83 -29.44
C ALA M 178 -2.93 -34.96 -30.25
N GLU M 179 -2.79 -34.78 -31.56
CA GLU M 179 -2.20 -35.81 -32.46
C GLU M 179 -0.72 -36.02 -32.09
N GLU M 180 0.03 -34.95 -31.84
CA GLU M 180 1.46 -35.06 -31.43
C GLU M 180 1.55 -35.75 -30.06
N ALA M 181 0.62 -35.49 -29.14
CA ALA M 181 0.59 -36.10 -27.79
C ALA M 181 0.36 -37.61 -27.92
N LYS M 182 -0.49 -38.01 -28.86
CA LYS M 182 -0.73 -39.45 -29.17
C LYS M 182 0.56 -40.09 -29.71
N GLU M 183 1.17 -39.48 -30.73
CA GLU M 183 2.42 -39.96 -31.37
C GLU M 183 3.55 -40.06 -30.33
N TYR M 184 3.57 -39.17 -29.34
CA TYR M 184 4.58 -39.15 -28.25
C TYR M 184 4.35 -40.27 -27.23
N GLY M 185 3.10 -40.74 -27.07
CA GLY M 185 2.71 -41.78 -26.10
C GLY M 185 2.16 -41.22 -24.79
N LEU M 186 1.81 -39.94 -24.75
CA LEU M 186 1.22 -39.27 -23.56
C LEU M 186 -0.25 -39.64 -23.46
N ILE M 187 -0.91 -39.85 -24.61
CA ILE M 187 -2.33 -40.30 -24.70
C ILE M 187 -2.38 -41.47 -25.69
N ASP M 188 -3.51 -42.17 -25.71
CA ASP M 188 -3.76 -43.35 -26.57
C ASP M 188 -4.54 -42.92 -27.82
N GLU M 189 -5.52 -42.01 -27.67
CA GLU M 189 -6.46 -41.67 -28.77
C GLU M 189 -6.86 -40.19 -28.67
N VAL M 190 -7.06 -39.57 -29.83
CA VAL M 190 -7.78 -38.27 -29.98
C VAL M 190 -9.26 -38.61 -30.05
N MET M 191 -10.07 -38.11 -29.11
CA MET M 191 -11.52 -38.44 -29.07
C MET M 191 -12.23 -37.67 -30.19
N VAL M 192 -12.86 -38.41 -31.11
CA VAL M 192 -13.65 -37.91 -32.27
C VAL M 192 -15.07 -37.61 -31.77
N PRO M 193 -15.81 -36.65 -32.36
CA PRO M 193 -17.21 -36.42 -31.98
C PRO M 193 -18.11 -37.67 -32.04
N GLU M 194 -19.13 -37.74 -31.17
CA GLU M 194 -20.07 -38.91 -31.03
C GLU M 194 -20.92 -39.08 -32.32
N THR M 195 -21.10 -38.01 -33.09
CA THR M 195 -21.76 -38.04 -34.44
C THR M 195 -21.29 -36.83 -35.25
N ILE N 5 -15.52 -28.58 -3.44
CA ILE N 5 -15.70 -29.68 -2.42
C ILE N 5 -17.06 -30.32 -2.64
N PRO N 6 -17.15 -31.42 -3.42
CA PRO N 6 -18.43 -31.98 -3.83
C PRO N 6 -19.28 -32.54 -2.67
N THR N 7 -20.56 -32.81 -2.96
CA THR N 7 -21.58 -33.37 -2.04
C THR N 7 -21.92 -34.82 -2.45
N VAL N 8 -22.27 -35.65 -1.48
CA VAL N 8 -22.75 -37.05 -1.66
C VAL N 8 -24.03 -37.24 -0.83
N ILE N 9 -25.11 -37.77 -1.43
CA ILE N 9 -26.45 -37.94 -0.79
C ILE N 9 -26.68 -39.41 -0.45
N ALA N 18 -27.08 -35.83 3.07
CA ALA N 18 -26.10 -35.07 2.25
C ALA N 18 -24.79 -34.83 3.02
N TYR N 19 -23.66 -35.32 2.50
CA TYR N 19 -22.30 -35.13 3.05
C TYR N 19 -21.42 -34.38 2.04
N ASP N 20 -20.52 -33.51 2.51
CA ASP N 20 -19.33 -33.11 1.71
C ASP N 20 -18.41 -34.33 1.60
N ILE N 21 -17.50 -34.37 0.63
CA ILE N 21 -16.70 -35.58 0.31
C ILE N 21 -15.93 -36.05 1.58
N TYR N 22 -15.43 -35.14 2.41
CA TYR N 22 -14.59 -35.45 3.61
C TYR N 22 -15.47 -36.10 4.68
N SER N 23 -16.68 -35.58 4.87
CA SER N 23 -17.70 -36.12 5.81
C SER N 23 -18.10 -37.54 5.39
N ARG N 24 -18.19 -37.81 4.09
CA ARG N 24 -18.54 -39.15 3.55
C ARG N 24 -17.41 -40.14 3.88
N LEU N 25 -16.15 -39.74 3.68
CA LEU N 25 -14.97 -40.57 4.02
C LEU N 25 -14.89 -40.77 5.54
N LEU N 26 -15.25 -39.75 6.33
CA LEU N 26 -15.25 -39.83 7.81
C LEU N 26 -16.19 -40.96 8.26
N LYS N 27 -17.31 -41.14 7.57
CA LYS N 27 -18.27 -42.25 7.81
C LYS N 27 -17.52 -43.59 7.70
N ASP N 28 -16.47 -43.67 6.88
CA ASP N 28 -15.65 -44.89 6.67
C ASP N 28 -14.38 -44.83 7.53
N ARG N 29 -14.32 -43.92 8.51
CA ARG N 29 -13.23 -43.81 9.53
C ARG N 29 -11.94 -43.36 8.84
N ILE N 30 -12.05 -42.57 7.77
CA ILE N 30 -10.91 -41.94 7.06
C ILE N 30 -10.85 -40.45 7.45
N ILE N 31 -9.68 -40.00 7.88
CA ILE N 31 -9.40 -38.56 8.16
C ILE N 31 -8.36 -38.09 7.13
N MET N 32 -8.64 -36.98 6.46
CA MET N 32 -7.75 -36.47 5.38
C MET N 32 -7.03 -35.23 5.93
N LEU N 33 -5.72 -35.32 6.11
CA LEU N 33 -4.85 -34.14 6.37
C LEU N 33 -4.16 -33.78 5.06
N GLY N 34 -4.53 -32.66 4.44
CA GLY N 34 -3.97 -32.22 3.15
C GLY N 34 -3.63 -30.73 3.21
N SER N 35 -3.09 -30.29 4.33
CA SER N 35 -2.78 -28.85 4.60
C SER N 35 -1.66 -28.72 5.63
N GLN N 36 -1.20 -27.47 5.83
CA GLN N 36 -0.35 -27.03 6.96
C GLN N 36 -1.08 -27.39 8.26
N ILE N 37 -0.32 -27.68 9.32
CA ILE N 37 -0.88 -27.99 10.67
C ILE N 37 -0.83 -26.70 11.50
N ASP N 38 -2.00 -26.12 11.81
CA ASP N 38 -2.17 -25.01 12.78
C ASP N 38 -3.18 -25.44 13.85
N ASP N 39 -3.53 -24.56 14.79
CA ASP N 39 -4.42 -24.89 15.94
C ASP N 39 -5.81 -25.29 15.44
N ASN N 40 -6.33 -24.61 14.41
CA ASN N 40 -7.65 -24.89 13.77
C ASN N 40 -7.65 -26.30 13.16
N VAL N 41 -6.62 -26.66 12.39
CA VAL N 41 -6.48 -28.00 11.74
C VAL N 41 -6.36 -29.08 12.82
N ALA N 42 -5.52 -28.86 13.84
CA ALA N 42 -5.37 -29.79 14.99
C ALA N 42 -6.71 -29.99 15.70
N ASN N 43 -7.44 -28.89 15.96
CA ASN N 43 -8.76 -28.91 16.64
C ASN N 43 -9.71 -29.80 15.84
N SER N 44 -9.74 -29.68 14.50
CA SER N 44 -10.60 -30.50 13.60
C SER N 44 -10.20 -31.98 13.70
N ILE N 45 -8.92 -32.30 13.52
CA ILE N 45 -8.42 -33.71 13.49
C ILE N 45 -8.62 -34.36 14.86
N VAL N 46 -8.36 -33.65 15.95
CA VAL N 46 -8.56 -34.16 17.34
C VAL N 46 -10.05 -34.48 17.53
N SER N 47 -10.93 -33.57 17.09
CA SER N 47 -12.40 -33.74 17.17
C SER N 47 -12.83 -34.97 16.36
N GLN N 48 -12.26 -35.17 15.16
CA GLN N 48 -12.59 -36.33 14.29
C GLN N 48 -12.17 -37.64 14.99
N LEU N 49 -10.99 -37.65 15.61
CA LEU N 49 -10.44 -38.85 16.30
C LEU N 49 -11.33 -39.17 17.50
N LEU N 50 -11.73 -38.16 18.29
CA LEU N 50 -12.59 -38.36 19.48
C LEU N 50 -13.97 -38.85 19.04
N PHE N 51 -14.50 -38.31 17.95
CA PHE N 51 -15.78 -38.76 17.35
C PHE N 51 -15.65 -40.22 16.93
N LEU N 52 -14.60 -40.57 16.20
CA LEU N 52 -14.45 -41.93 15.61
C LEU N 52 -14.28 -42.95 16.75
N GLN N 53 -13.54 -42.60 17.82
CA GLN N 53 -13.43 -43.45 19.02
C GLN N 53 -14.83 -43.67 19.65
N ALA N 54 -15.64 -42.61 19.77
CA ALA N 54 -16.99 -42.69 20.41
C ALA N 54 -17.90 -43.57 19.55
N GLN N 55 -17.77 -43.52 18.22
CA GLN N 55 -18.54 -44.38 17.28
C GLN N 55 -18.16 -45.85 17.46
N ASP N 56 -16.85 -46.14 17.53
CA ASP N 56 -16.36 -47.53 17.69
C ASP N 56 -14.92 -47.48 18.22
N SER N 57 -14.70 -47.98 19.44
CA SER N 57 -13.40 -47.90 20.16
C SER N 57 -12.45 -49.02 19.69
N GLU N 58 -12.87 -49.88 18.75
CA GLU N 58 -12.09 -51.09 18.36
C GLU N 58 -11.57 -50.98 16.92
N LYS N 59 -12.35 -50.42 15.99
CA LYS N 59 -12.03 -50.45 14.53
C LYS N 59 -10.92 -49.42 14.25
N ASP N 60 -10.02 -49.76 13.32
CA ASP N 60 -8.91 -48.90 12.87
C ASP N 60 -9.47 -47.56 12.36
N ILE N 61 -8.66 -46.52 12.48
CA ILE N 61 -8.85 -45.20 11.83
C ILE N 61 -7.74 -45.07 10.79
N TYR N 62 -8.03 -44.41 9.67
CA TYR N 62 -7.08 -44.19 8.54
C TYR N 62 -6.81 -42.68 8.45
N LEU N 63 -5.57 -42.27 8.72
CA LEU N 63 -5.16 -40.85 8.64
C LEU N 63 -4.22 -40.70 7.45
N TYR N 64 -4.73 -40.17 6.34
CA TYR N 64 -3.93 -39.77 5.15
C TYR N 64 -3.19 -38.46 5.47
N ILE N 65 -1.88 -38.44 5.19
CA ILE N 65 -0.99 -37.28 5.48
C ILE N 65 -0.35 -36.79 4.18
N ASN N 66 -0.75 -35.60 3.75
CA ASN N 66 -0.02 -34.77 2.75
C ASN N 66 0.11 -33.38 3.38
N SER N 67 1.24 -33.10 4.03
CA SER N 67 1.39 -31.90 4.88
C SER N 67 2.84 -31.42 4.88
N PRO N 68 3.06 -30.09 4.76
CA PRO N 68 4.37 -29.49 4.96
C PRO N 68 4.71 -29.29 6.46
N GLY N 69 3.83 -29.74 7.35
CA GLY N 69 3.94 -29.52 8.80
C GLY N 69 3.32 -28.19 9.21
N GLY N 70 3.84 -27.57 10.26
CA GLY N 70 3.33 -26.30 10.80
C GLY N 70 3.71 -26.16 12.27
N SER N 71 2.74 -25.86 13.12
CA SER N 71 2.94 -25.60 14.57
C SER N 71 3.31 -26.92 15.27
N VAL N 72 4.39 -26.88 16.04
CA VAL N 72 4.90 -28.04 16.84
C VAL N 72 3.83 -28.41 17.87
N THR N 73 3.28 -27.43 18.57
CA THR N 73 2.30 -27.66 19.67
C THR N 73 1.00 -28.21 19.04
N ALA N 74 0.57 -27.68 17.90
CA ALA N 74 -0.60 -28.18 17.15
C ALA N 74 -0.37 -29.65 16.76
N GLY N 75 0.83 -29.97 16.26
CA GLY N 75 1.25 -31.34 15.92
C GLY N 75 1.18 -32.27 17.13
N PHE N 76 1.58 -31.79 18.31
CA PHE N 76 1.60 -32.59 19.56
C PHE N 76 0.17 -32.82 20.07
N ALA N 77 -0.74 -31.89 19.82
CA ALA N 77 -2.18 -32.07 20.14
C ALA N 77 -2.69 -33.29 19.38
N ILE N 78 -2.34 -33.41 18.09
CA ILE N 78 -2.76 -34.55 17.23
C ILE N 78 -2.03 -35.81 17.71
N TYR N 79 -0.72 -35.72 17.93
CA TYR N 79 0.13 -36.86 18.39
C TYR N 79 -0.46 -37.45 19.66
N ASP N 80 -0.63 -36.65 20.72
CA ASP N 80 -1.11 -37.15 22.04
C ASP N 80 -2.52 -37.75 21.89
N THR N 81 -3.38 -37.21 21.02
CA THR N 81 -4.76 -37.71 20.84
C THR N 81 -4.69 -39.08 20.18
N ILE N 82 -3.85 -39.23 19.15
CA ILE N 82 -3.60 -40.54 18.48
C ILE N 82 -3.21 -41.59 19.54
N GLN N 83 -2.26 -41.29 20.43
CA GLN N 83 -1.76 -42.28 21.42
C GLN N 83 -2.81 -42.48 22.53
N HIS N 84 -3.66 -41.50 22.79
CA HIS N 84 -4.65 -41.55 23.91
C HIS N 84 -5.79 -42.50 23.56
N ILE N 85 -6.31 -42.44 22.33
CA ILE N 85 -7.57 -43.16 21.97
C ILE N 85 -7.26 -44.65 21.85
N LYS N 86 -8.29 -45.50 21.99
CA LYS N 86 -8.14 -46.97 21.98
C LYS N 86 -7.85 -47.46 20.55
N PRO N 87 -8.63 -47.03 19.52
CA PRO N 87 -8.42 -47.54 18.16
C PRO N 87 -7.00 -47.30 17.63
N ASP N 88 -6.46 -48.25 16.85
CA ASP N 88 -5.21 -48.08 16.08
C ASP N 88 -5.44 -47.01 15.03
N VAL N 89 -4.49 -46.08 14.87
CA VAL N 89 -4.53 -45.05 13.80
C VAL N 89 -3.48 -45.41 12.75
N GLN N 90 -3.92 -45.89 11.60
CA GLN N 90 -3.03 -46.11 10.43
C GLN N 90 -2.63 -44.74 9.88
N THR N 91 -1.39 -44.58 9.45
CA THR N 91 -0.91 -43.36 8.75
C THR N 91 -0.49 -43.76 7.34
N ILE N 92 -0.93 -42.99 6.35
CA ILE N 92 -0.67 -43.23 4.91
C ILE N 92 -0.19 -41.92 4.31
N CYS N 93 1.10 -41.85 3.98
CA CYS N 93 1.72 -40.66 3.35
C CYS N 93 1.43 -40.68 1.85
N ILE N 94 0.83 -39.60 1.33
CA ILE N 94 0.66 -39.33 -0.12
C ILE N 94 1.23 -37.93 -0.39
N GLY N 95 1.95 -37.76 -1.49
CA GLY N 95 2.59 -36.48 -1.85
C GLY N 95 3.83 -36.22 -1.02
N MET N 96 3.68 -35.60 0.15
CA MET N 96 4.79 -35.22 1.05
C MET N 96 4.32 -35.20 2.52
N ALA N 97 5.15 -35.77 3.38
CA ALA N 97 5.04 -35.67 4.85
C ALA N 97 6.34 -35.02 5.31
N ALA N 98 6.32 -33.69 5.45
CA ALA N 98 7.52 -32.95 5.85
C ALA N 98 7.32 -32.32 7.22
N SER N 99 8.43 -32.09 7.91
CA SER N 99 8.50 -31.42 9.17
C SER N 99 7.60 -32.12 10.21
N MET N 100 6.59 -31.43 10.71
CA MET N 100 5.65 -32.06 11.68
C MET N 100 4.80 -33.14 10.98
N GLY N 101 4.61 -33.08 9.65
CA GLY N 101 3.92 -34.13 8.90
C GLY N 101 4.66 -35.47 9.02
N SER N 102 5.99 -35.46 8.90
CA SER N 102 6.77 -36.71 9.02
C SER N 102 6.71 -37.25 10.45
N PHE N 103 6.66 -36.34 11.42
CA PHE N 103 6.52 -36.71 12.85
C PHE N 103 5.20 -37.45 13.05
N LEU N 104 4.11 -36.95 12.48
CA LEU N 104 2.77 -37.57 12.65
C LEU N 104 2.70 -38.88 11.86
N LEU N 105 3.37 -38.96 10.72
CA LEU N 105 3.43 -40.22 9.93
C LEU N 105 4.07 -41.32 10.80
N ALA N 106 5.16 -40.99 11.49
CA ALA N 106 5.92 -41.93 12.34
C ALA N 106 5.12 -42.30 13.59
N ALA N 107 4.08 -41.54 13.94
CA ALA N 107 3.28 -41.68 15.19
C ALA N 107 2.12 -42.66 14.99
N GLY N 108 1.88 -43.13 13.77
CA GLY N 108 0.83 -44.14 13.47
C GLY N 108 1.09 -45.45 14.21
N ALA N 109 0.08 -46.31 14.33
CA ALA N 109 0.20 -47.60 15.03
C ALA N 109 1.34 -48.40 14.39
N LYS N 110 2.25 -48.94 15.22
CA LYS N 110 3.40 -49.76 14.74
C LYS N 110 2.86 -50.90 13.88
N GLY N 111 3.42 -51.06 12.67
CA GLY N 111 2.98 -52.04 11.65
C GLY N 111 1.93 -51.48 10.71
N LYS N 112 1.44 -50.26 10.97
CA LYS N 112 0.33 -49.66 10.17
C LYS N 112 0.71 -48.25 9.71
N ARG N 113 2.01 -47.99 9.52
CA ARG N 113 2.52 -46.71 8.94
C ARG N 113 2.97 -47.01 7.51
N PHE N 114 2.46 -46.25 6.55
CA PHE N 114 2.58 -46.53 5.09
C PHE N 114 2.93 -45.25 4.31
N ALA N 115 3.59 -45.43 3.17
CA ALA N 115 3.72 -44.39 2.13
C ALA N 115 3.46 -45.03 0.77
N LEU N 116 2.86 -44.26 -0.14
CA LEU N 116 2.70 -44.68 -1.55
C LEU N 116 4.06 -44.46 -2.22
N PRO N 117 4.36 -45.13 -3.36
CA PRO N 117 5.74 -45.25 -3.84
C PRO N 117 6.46 -43.93 -4.16
N ASN N 118 5.73 -42.91 -4.59
CA ASN N 118 6.30 -41.62 -5.06
C ASN N 118 6.10 -40.54 -4.01
N ALA N 119 5.56 -40.91 -2.85
CA ALA N 119 5.43 -40.00 -1.68
C ALA N 119 6.84 -39.71 -1.15
N GLU N 120 7.04 -38.47 -0.71
CA GLU N 120 8.31 -37.95 -0.15
C GLU N 120 8.11 -37.80 1.36
N VAL N 121 9.17 -38.02 2.14
CA VAL N 121 9.21 -37.77 3.60
C VAL N 121 10.42 -36.86 3.85
N MET N 122 10.25 -35.82 4.67
CA MET N 122 11.36 -34.88 5.00
C MET N 122 11.39 -34.68 6.50
N ILE N 123 12.53 -34.91 7.12
CA ILE N 123 12.75 -34.66 8.58
C ILE N 123 13.75 -33.51 8.74
N HIS N 124 13.57 -32.73 9.80
CA HIS N 124 14.31 -31.48 10.06
C HIS N 124 14.04 -31.00 11.49
N GLN N 125 15.06 -30.40 12.10
CA GLN N 125 14.97 -29.76 13.44
C GLN N 125 13.91 -28.67 13.39
N PRO N 126 13.28 -28.33 14.54
CA PRO N 126 12.29 -27.26 14.57
C PRO N 126 12.90 -25.86 14.31
N LEU N 127 12.05 -24.90 13.92
CA LEU N 127 12.39 -23.46 13.80
C LEU N 127 11.71 -22.72 14.94
N GLY N 128 12.20 -21.53 15.27
CA GLY N 128 11.59 -20.65 16.27
C GLY N 128 11.98 -19.21 16.03
N GLY N 129 11.54 -18.33 16.92
CA GLY N 129 11.84 -16.89 16.90
C GLY N 129 11.88 -16.36 18.31
N ALA N 130 12.74 -15.38 18.55
CA ALA N 130 12.93 -14.70 19.85
C ALA N 130 13.33 -13.26 19.58
N GLN N 131 12.58 -12.31 20.12
CA GLN N 131 12.85 -10.85 20.00
C GLN N 131 12.72 -10.26 21.40
N GLY N 132 13.39 -9.15 21.64
CA GLY N 132 13.33 -8.39 22.89
C GLY N 132 14.59 -8.54 23.73
N GLN N 133 14.43 -8.37 25.04
CA GLN N 133 15.52 -8.27 26.04
C GLN N 133 16.30 -9.57 26.09
N ALA N 134 17.61 -9.49 26.32
CA ALA N 134 18.52 -10.66 26.45
C ALA N 134 17.88 -11.76 27.30
N THR N 135 17.28 -11.41 28.44
CA THR N 135 16.65 -12.36 29.39
C THR N 135 15.49 -13.12 28.72
N GLU N 136 14.67 -12.42 27.92
CA GLU N 136 13.56 -13.02 27.13
C GLU N 136 14.13 -13.99 26.08
N ILE N 137 15.26 -13.61 25.46
CA ILE N 137 15.87 -14.40 24.34
C ILE N 137 16.43 -15.72 24.90
N GLU N 138 17.04 -15.66 26.09
CA GLU N 138 17.55 -16.85 26.85
C GLU N 138 16.39 -17.84 27.08
N ILE N 139 15.24 -17.35 27.55
CA ILE N 139 14.05 -18.20 27.88
C ILE N 139 13.54 -18.84 26.59
N ALA N 140 13.43 -18.08 25.49
CA ALA N 140 12.93 -18.59 24.20
C ALA N 140 13.86 -19.68 23.69
N ALA N 141 15.17 -19.45 23.76
CA ALA N 141 16.25 -20.35 23.30
C ALA N 141 16.18 -21.67 24.07
N ASN N 142 16.07 -21.61 25.39
CA ASN N 142 16.00 -22.79 26.29
C ASN N 142 14.76 -23.62 25.95
N HIS N 143 13.62 -22.98 25.69
CA HIS N 143 12.35 -23.66 25.33
C HIS N 143 12.50 -24.39 23.99
N ILE N 144 13.12 -23.74 23.00
CA ILE N 144 13.33 -24.31 21.63
C ILE N 144 14.24 -25.54 21.73
N LEU N 145 15.33 -25.45 22.49
CA LEU N 145 16.31 -26.57 22.66
C LEU N 145 15.61 -27.74 23.37
N LYS N 146 14.85 -27.46 24.43
CA LYS N 146 14.15 -28.51 25.20
C LYS N 146 13.08 -29.18 24.32
N THR N 147 12.36 -28.41 23.50
CA THR N 147 11.35 -28.93 22.55
C THR N 147 12.04 -29.84 21.52
N ARG N 148 13.21 -29.44 21.02
CA ARG N 148 13.97 -30.27 20.05
C ARG N 148 14.33 -31.62 20.71
N GLU N 149 14.75 -31.61 21.97
CA GLU N 149 15.11 -32.85 22.70
C GLU N 149 13.86 -33.75 22.82
N LYS N 150 12.69 -33.16 23.09
CA LYS N 150 11.41 -33.90 23.17
C LYS N 150 11.11 -34.55 21.81
N LEU N 151 11.15 -33.77 20.73
CA LEU N 151 10.90 -34.28 19.34
C LEU N 151 11.86 -35.42 19.05
N ASN N 152 13.15 -35.25 19.36
CA ASN N 152 14.22 -36.21 19.07
C ASN N 152 13.98 -37.51 19.86
N ARG N 153 13.62 -37.40 21.13
CA ARG N 153 13.39 -38.57 22.02
C ARG N 153 12.25 -39.40 21.41
N ILE N 154 11.13 -38.76 21.05
CA ILE N 154 9.94 -39.48 20.50
C ILE N 154 10.28 -40.08 19.12
N LEU N 155 10.92 -39.32 18.23
CA LEU N 155 11.35 -39.89 16.90
C LEU N 155 12.28 -41.09 17.10
N SER N 156 13.20 -41.02 18.04
CA SER N 156 14.09 -42.15 18.42
C SER N 156 13.22 -43.37 18.80
N GLU N 157 12.24 -43.17 19.68
CA GLU N 157 11.36 -44.25 20.21
C GLU N 157 10.52 -44.83 19.06
N ARG N 158 10.08 -43.99 18.13
CA ARG N 158 9.15 -44.37 17.02
C ARG N 158 9.93 -45.06 15.89
N THR N 159 11.20 -44.71 15.67
CA THR N 159 11.97 -45.22 14.51
C THR N 159 12.90 -46.37 14.92
N GLY N 160 13.31 -46.45 16.20
CA GLY N 160 14.38 -47.36 16.65
C GLY N 160 15.77 -46.83 16.34
N GLN N 161 15.91 -45.58 15.86
CA GLN N 161 17.24 -44.93 15.69
C GLN N 161 17.62 -44.30 17.04
N SER N 162 18.92 -44.12 17.29
CA SER N 162 19.45 -43.44 18.50
C SER N 162 19.13 -41.93 18.42
N ILE N 163 19.03 -41.28 19.57
CA ILE N 163 18.85 -39.80 19.69
C ILE N 163 20.00 -39.10 18.94
N GLU N 164 21.23 -39.61 19.07
CA GLU N 164 22.47 -39.05 18.45
C GLU N 164 22.30 -39.02 16.92
N LYS N 165 21.81 -40.11 16.33
CA LYS N 165 21.60 -40.23 14.86
C LYS N 165 20.44 -39.30 14.43
N ILE N 166 19.32 -39.27 15.15
CA ILE N 166 18.20 -38.33 14.85
C ILE N 166 18.73 -36.89 14.83
N GLN N 167 19.48 -36.50 15.87
CA GLN N 167 20.07 -35.14 16.03
C GLN N 167 20.89 -34.78 14.78
N LYS N 168 21.77 -35.68 14.35
CA LYS N 168 22.70 -35.47 13.21
C LYS N 168 21.90 -35.39 11.89
N ASP N 169 20.93 -36.29 11.71
CA ASP N 169 20.20 -36.49 10.42
C ASP N 169 19.17 -35.37 10.20
N THR N 170 18.87 -34.55 11.22
CA THR N 170 17.82 -33.49 11.16
C THR N 170 18.45 -32.10 11.29
N ASP N 171 19.78 -32.01 11.36
CA ASP N 171 20.50 -30.71 11.41
C ASP N 171 20.07 -29.86 10.21
N ARG N 172 20.09 -30.47 9.01
CA ARG N 172 19.67 -29.85 7.73
C ARG N 172 18.46 -30.60 7.19
N ASP N 173 17.76 -30.04 6.19
CA ASP N 173 16.62 -30.71 5.53
C ASP N 173 17.10 -32.05 4.99
N ASN N 174 16.38 -33.11 5.31
CA ASN N 174 16.74 -34.50 4.97
C ASN N 174 15.57 -35.11 4.19
N PHE N 175 15.70 -35.21 2.87
CA PHE N 175 14.67 -35.76 1.96
C PHE N 175 14.86 -37.26 1.85
N LEU N 176 13.80 -38.02 2.09
CA LEU N 176 13.76 -39.51 2.01
C LEU N 176 12.71 -39.93 0.99
N THR N 177 13.05 -40.89 0.13
CA THR N 177 12.05 -41.66 -0.68
C THR N 177 11.20 -42.48 0.29
N ALA N 178 10.08 -43.01 -0.19
CA ALA N 178 9.20 -43.93 0.59
C ALA N 178 10.05 -45.10 1.10
N GLU N 179 10.88 -45.68 0.23
CA GLU N 179 11.77 -46.83 0.54
C GLU N 179 12.80 -46.41 1.62
N GLU N 180 13.41 -45.24 1.48
CA GLU N 180 14.38 -44.73 2.49
C GLU N 180 13.67 -44.51 3.85
N ALA N 181 12.42 -44.05 3.84
CA ALA N 181 11.62 -43.81 5.05
C ALA N 181 11.36 -45.15 5.75
N LYS N 182 11.09 -46.21 4.99
CA LYS N 182 10.88 -47.57 5.53
C LYS N 182 12.18 -48.04 6.21
N GLU N 183 13.30 -47.95 5.50
CA GLU N 183 14.63 -48.36 6.02
C GLU N 183 14.96 -47.56 7.29
N TYR N 184 14.52 -46.30 7.38
CA TYR N 184 14.82 -45.40 8.52
C TYR N 184 13.97 -45.76 9.74
N GLY N 185 12.81 -46.38 9.55
CA GLY N 185 11.88 -46.75 10.63
C GLY N 185 10.74 -45.77 10.81
N LEU N 186 10.58 -44.81 9.89
CA LEU N 186 9.50 -43.78 9.93
C LEU N 186 8.18 -44.40 9.46
N ILE N 187 8.25 -45.38 8.56
CA ILE N 187 7.07 -46.19 8.11
C ILE N 187 7.44 -47.67 8.20
N ASP N 188 6.43 -48.53 8.04
CA ASP N 188 6.57 -50.01 8.11
C ASP N 188 6.62 -50.59 6.70
N GLU N 189 5.84 -50.06 5.75
CA GLU N 189 5.75 -50.61 4.37
C GLU N 189 5.48 -49.50 3.35
N VAL N 190 6.00 -49.71 2.14
CA VAL N 190 5.59 -48.97 0.92
C VAL N 190 4.42 -49.73 0.32
N MET N 191 3.26 -49.09 0.17
CA MET N 191 2.09 -49.72 -0.49
C MET N 191 2.30 -49.64 -2.01
N VAL N 192 2.57 -50.78 -2.63
CA VAL N 192 2.92 -50.89 -4.07
C VAL N 192 1.61 -51.15 -4.83
N PRO N 193 1.42 -50.57 -6.03
CA PRO N 193 0.17 -50.75 -6.77
C PRO N 193 0.04 -52.22 -7.18
N GLU N 194 -1.19 -52.75 -7.14
CA GLU N 194 -1.52 -54.11 -7.62
C GLU N 194 -1.87 -54.03 -9.11
N THR N 195 -0.95 -54.47 -9.97
CA THR N 195 -1.14 -54.65 -11.45
C THR N 195 -2.47 -54.03 -11.90
#